data_7QND
#
_entry.id   7QND
#
_cell.length_a   1.00
_cell.length_b   1.00
_cell.length_c   1.00
_cell.angle_alpha   90.00
_cell.angle_beta   90.00
_cell.angle_gamma   90.00
#
_symmetry.space_group_name_H-M   'P 1'
#
loop_
_entity.id
_entity.type
_entity.pdbx_description
1 polymer 'Gamma-aminobutyric acid receptor subunit beta-3'
2 polymer 'Gamma-aminobutyric acid receptor subunit delta'
3 polymer 'Nanobody Nb25'
4 branched 2-acetamido-2-deoxy-beta-D-glucopyranose-(1-4)-2-acetamido-2-deoxy-beta-D-glucopyranose
5 branched alpha-D-mannopyranose-(1-3)-[alpha-D-mannopyranose-(1-6)]beta-D-mannopyranose-(1-4)-2-acetamido-2-deoxy-beta-D-glucopyranose-(1-4)-2-acetamido-2-deoxy-beta-D-glucopyranose
6 non-polymer HISTAMINE
7 non-polymer 4,5,6,7-tetrahydro-[1,2]oxazolo[5,4-c]pyridin-3-one
8 non-polymer 2-acetamido-2-deoxy-beta-D-glucopyranose
#
loop_
_entity_poly.entity_id
_entity_poly.type
_entity_poly.pdbx_seq_one_letter_code
_entity_poly.pdbx_strand_id
1 'polypeptide(L)'
;MWGLAGGRLFGIFSAPVLVAVVCCAQSVNDPGNMSFVKETVDKLLKGYDIRLRPDFGGPPVCVGMNIDIASIDMVSEVNM
DYTLTMYFQQYWRDKRLAYSGIPLNLTLDNRVADQLWVPDTYFLNDKKSFVHGVTVKNRMIRLHPDGTVLYGLRITTTAA
CMMDLRRYPLDEQNCTLEIESYGYTTDDIEFYWRGGDKAVTGVERIELPQFSIVEHRLVSRNVVFATGAYPRLSLSFRLK
RNIGYFILQTYMPSILITILSWVSFWINYDASAARVALGITTVLTMTTINTHLRETLPKIPYVKAIDMYLMGCFVFVFLA
LLEYAFVNYIFFGRGPQRQKKLAEKTAKAKNDRSKSESNRVDAHGNILLTSLEVHNEMNEVSGGIGDTRNSAISFDNSGI
QYRKQSMPREGHGRFLGDRSLPHKKTHLRRRSSQLKIKIPDLTDVNAIDRWSRIVFPFTFSLFNLVYWLYYVN
;
A,B,C,D
2 'polypeptide(L)'
;MDAPARLLAPLLLLCAQQLRGTRAMNDIGDYVGSNLEISWLPNLDGLIAGYARNFRPGIGGPPVNVALALEVASIDHISE
ANMEYTMTVFLHQSWRDSRLSYNHTNETLGLDSRFVDKLWLPDTFIVNAKSAWFHDVTVENKLIRLQPDGVILYSIRITS
TVACDMDLAKYPMDEQECMLDLESYGYSSEDIVYYWSESQEHIHGLDKLQLAQFTITSYRFTTELMNFKSAGQFPRLSLH
FHLRRNRGVYIIQSYMPSVLLVAMSWVSFWISQAAVPARVSLGITTVLTMTTLMVSARSSLPRASAIKALDVYFWICYVF
VFAALVEYAFAHFNADYRKKQKAKVKVSRPRAEMDVRNAIVLFSLSAAGVTQELAISRRQRRVPGNLMGSYRSVGVETGE
TKKEGAARSGGQGGIRARLRPIDADTIDIYARAVFPAAFAAVNVIYWAAYAMGGSGGSGGSGKTETSQVAPA
;
E
3 'polypeptide(L)'
;QVQLVESGGGLVQGSLRLSCAASGHTFNYPIMGWFRQAPGKEREFVGAISWSGGSTSYADSVKDRFTISRDNAKNTVYLE
MNNLKPEDTAVYYCAAKGRYSGGLYYPTNYDYWGQGTQVTV
;
K,L,M
#
# COMPACT_ATOMS: atom_id res chain seq x y z
N GLY A 32 -4.35 -27.88 -45.32
CA GLY A 32 -5.27 -28.53 -44.39
C GLY A 32 -4.58 -29.39 -43.36
N ASN A 33 -3.34 -29.03 -43.03
CA ASN A 33 -2.58 -29.79 -42.04
C ASN A 33 -3.08 -29.57 -40.62
N MET A 34 -3.87 -28.50 -40.39
CA MET A 34 -4.36 -28.24 -39.04
C MET A 34 -5.24 -29.37 -38.54
N SER A 35 -6.10 -29.91 -39.40
CA SER A 35 -6.89 -31.08 -39.03
C SER A 35 -5.99 -32.28 -38.73
N PHE A 36 -4.97 -32.49 -39.56
CA PHE A 36 -4.04 -33.59 -39.32
C PHE A 36 -3.29 -33.39 -38.01
N VAL A 37 -2.86 -32.14 -37.73
CA VAL A 37 -2.20 -31.86 -36.46
C VAL A 37 -3.15 -32.08 -35.30
N LYS A 38 -4.41 -31.64 -35.46
CA LYS A 38 -5.40 -31.83 -34.40
C LYS A 38 -5.63 -33.31 -34.11
N GLU A 39 -5.69 -34.13 -35.17
CA GLU A 39 -5.83 -35.57 -34.97
C GLU A 39 -4.61 -36.14 -34.25
N THR A 40 -3.42 -35.68 -34.60
CA THR A 40 -2.20 -36.16 -33.94
C THR A 40 -2.20 -35.79 -32.46
N VAL A 41 -2.56 -34.55 -32.14
CA VAL A 41 -2.56 -34.10 -30.75
C VAL A 41 -3.61 -34.84 -29.94
N ASP A 42 -4.81 -35.01 -30.50
CA ASP A 42 -5.86 -35.75 -29.81
C ASP A 42 -5.45 -37.19 -29.57
N LYS A 43 -4.73 -37.78 -30.52
CA LYS A 43 -4.22 -39.14 -30.34
C LYS A 43 -3.25 -39.21 -29.17
N LEU A 44 -2.38 -38.21 -29.04
CA LEU A 44 -1.40 -38.20 -27.95
C LEU A 44 -2.10 -38.13 -26.60
N LEU A 45 -3.12 -37.28 -26.48
CA LEU A 45 -3.80 -37.08 -25.20
C LEU A 45 -4.86 -38.14 -24.93
N LYS A 46 -5.16 -39.01 -25.88
CA LYS A 46 -6.14 -40.07 -25.66
C LYS A 46 -5.49 -41.18 -24.83
N GLY A 47 -6.03 -41.40 -23.63
CA GLY A 47 -5.47 -42.36 -22.72
C GLY A 47 -4.30 -41.86 -21.90
N TYR A 48 -3.91 -40.62 -22.06
CA TYR A 48 -2.81 -40.05 -21.29
C TYR A 48 -3.23 -39.90 -19.83
N ASP A 49 -2.39 -40.37 -18.91
CA ASP A 49 -2.67 -40.30 -17.48
C ASP A 49 -1.69 -39.32 -16.85
N ILE A 50 -2.20 -38.15 -16.44
CA ILE A 50 -1.37 -37.14 -15.81
C ILE A 50 -0.90 -37.58 -14.43
N ARG A 51 -1.59 -38.53 -13.81
CA ARG A 51 -1.22 -38.98 -12.46
C ARG A 51 0.06 -39.79 -12.45
N LEU A 52 0.49 -40.31 -13.60
CA LEU A 52 1.67 -41.16 -13.69
C LEU A 52 2.79 -40.41 -14.39
N ARG A 53 3.98 -40.43 -13.79
CA ARG A 53 5.14 -39.81 -14.40
C ARG A 53 5.60 -40.64 -15.60
N PRO A 54 6.35 -40.03 -16.52
CA PRO A 54 6.91 -40.81 -17.63
C PRO A 54 7.81 -41.91 -17.12
N ASP A 55 7.74 -43.06 -17.78
CA ASP A 55 8.49 -44.25 -17.39
C ASP A 55 8.20 -44.62 -15.93
N PHE A 56 6.92 -44.61 -15.57
CA PHE A 56 6.52 -44.92 -14.20
C PHE A 56 6.90 -46.34 -13.86
N GLY A 57 7.51 -46.52 -12.69
CA GLY A 57 7.97 -47.83 -12.27
C GLY A 57 9.28 -48.26 -12.87
N GLY A 58 9.92 -47.41 -13.67
CA GLY A 58 11.17 -47.75 -14.30
C GLY A 58 12.29 -46.80 -13.92
N PRO A 59 13.18 -46.51 -14.88
CA PRO A 59 14.28 -45.60 -14.60
C PRO A 59 13.75 -44.20 -14.31
N PRO A 60 14.44 -43.44 -13.47
CA PRO A 60 14.01 -42.06 -13.20
C PRO A 60 14.12 -41.20 -14.45
N VAL A 61 13.23 -40.21 -14.54
CA VAL A 61 13.21 -39.29 -15.66
C VAL A 61 14.12 -38.10 -15.35
N CYS A 62 15.05 -37.83 -16.25
CA CYS A 62 15.97 -36.72 -16.07
C CYS A 62 15.32 -35.42 -16.53
N VAL A 63 15.40 -34.40 -15.69
CA VAL A 63 14.81 -33.09 -15.98
C VAL A 63 15.95 -32.07 -16.05
N GLY A 64 16.07 -31.41 -17.19
CA GLY A 64 17.06 -30.35 -17.37
C GLY A 64 16.42 -29.00 -17.11
N MET A 65 17.13 -28.17 -16.35
CA MET A 65 16.61 -26.89 -15.91
C MET A 65 17.57 -25.77 -16.27
N ASN A 66 17.03 -24.72 -16.87
N ASN A 66 17.04 -24.70 -16.84
CA ASN A 66 17.76 -23.48 -17.16
CA ASN A 66 17.80 -23.50 -17.13
C ASN A 66 16.97 -22.32 -16.58
C ASN A 66 16.99 -22.28 -16.68
N ILE A 67 17.69 -21.31 -16.11
CA ILE A 67 17.07 -20.12 -15.54
C ILE A 67 17.55 -18.90 -16.29
N ASP A 68 16.61 -18.08 -16.73
CA ASP A 68 16.89 -16.81 -17.40
C ASP A 68 16.47 -15.70 -16.45
N ILE A 69 17.42 -15.14 -15.72
CA ILE A 69 17.12 -14.14 -14.71
CA ILE A 69 17.11 -14.14 -14.71
C ILE A 69 16.67 -12.85 -15.38
N ALA A 70 15.54 -12.31 -14.94
CA ALA A 70 15.05 -11.04 -15.45
C ALA A 70 15.59 -9.87 -14.64
N SER A 71 15.38 -9.89 -13.32
CA SER A 71 15.89 -8.85 -12.45
C SER A 71 15.77 -9.32 -11.00
N ILE A 72 16.50 -8.64 -10.13
CA ILE A 72 16.37 -8.81 -8.68
C ILE A 72 15.81 -7.50 -8.15
N ASP A 73 14.51 -7.50 -7.84
CA ASP A 73 13.82 -6.24 -7.52
C ASP A 73 14.33 -5.66 -6.21
N MET A 74 14.37 -6.46 -5.15
CA MET A 74 14.70 -5.95 -3.82
C MET A 74 15.60 -6.94 -3.10
N VAL A 75 16.41 -6.41 -2.18
CA VAL A 75 17.22 -7.19 -1.26
C VAL A 75 16.99 -6.58 0.12
N SER A 76 16.19 -7.24 0.94
CA SER A 76 15.76 -6.68 2.22
C SER A 76 16.59 -7.30 3.34
N GLU A 77 17.32 -6.45 4.08
CA GLU A 77 18.08 -6.95 5.23
C GLU A 77 17.18 -7.20 6.42
N VAL A 78 16.14 -6.39 6.61
CA VAL A 78 15.24 -6.56 7.75
CA VAL A 78 15.26 -6.56 7.76
C VAL A 78 14.51 -7.89 7.66
N ASN A 79 14.02 -8.23 6.47
CA ASN A 79 13.32 -9.49 6.28
C ASN A 79 14.24 -10.62 5.86
N MET A 80 15.51 -10.33 5.57
CA MET A 80 16.49 -11.32 5.15
C MET A 80 15.99 -12.15 3.97
N ASP A 81 15.58 -11.46 2.91
CA ASP A 81 15.09 -12.12 1.72
C ASP A 81 15.30 -11.21 0.52
N TYR A 82 15.19 -11.78 -0.67
CA TYR A 82 15.32 -11.05 -1.92
C TYR A 82 14.22 -11.46 -2.87
N THR A 83 13.85 -10.54 -3.76
CA THR A 83 12.81 -10.79 -4.75
C THR A 83 13.46 -11.04 -6.10
N LEU A 84 13.11 -12.17 -6.72
CA LEU A 84 13.73 -12.61 -7.96
C LEU A 84 12.67 -12.88 -9.01
N THR A 85 12.87 -12.33 -10.21
CA THR A 85 12.01 -12.60 -11.35
C THR A 85 12.85 -13.31 -12.41
N MET A 86 12.33 -14.41 -12.95
CA MET A 86 13.14 -15.25 -13.82
C MET A 86 12.23 -16.05 -14.75
N TYR A 87 12.84 -16.58 -15.80
CA TYR A 87 12.17 -17.48 -16.73
C TYR A 87 12.64 -18.90 -16.41
N PHE A 88 11.82 -19.66 -15.70
CA PHE A 88 12.17 -21.01 -15.29
C PHE A 88 11.71 -21.99 -16.35
N GLN A 89 12.67 -22.71 -16.93
CA GLN A 89 12.40 -23.64 -18.02
C GLN A 89 12.84 -25.04 -17.63
N GLN A 90 12.00 -26.02 -17.95
CA GLN A 90 12.24 -27.42 -17.61
C GLN A 90 12.25 -28.25 -18.88
N TYR A 91 13.25 -29.13 -18.99
CA TYR A 91 13.41 -29.99 -20.15
C TYR A 91 13.34 -31.44 -19.72
N TRP A 92 12.45 -32.21 -20.36
CA TRP A 92 12.35 -33.64 -20.10
C TRP A 92 11.71 -34.31 -21.28
N ARG A 93 11.88 -35.63 -21.36
CA ARG A 93 11.37 -36.43 -22.46
C ARG A 93 10.27 -37.35 -21.97
N ASP A 94 9.12 -37.30 -22.64
CA ASP A 94 7.99 -38.18 -22.35
C ASP A 94 7.64 -38.93 -23.63
N LYS A 95 7.92 -40.23 -23.66
CA LYS A 95 7.66 -41.02 -24.86
C LYS A 95 6.18 -41.13 -25.19
N ARG A 96 5.30 -40.91 -24.20
CA ARG A 96 3.87 -40.92 -24.47
C ARG A 96 3.43 -39.78 -25.37
N LEU A 97 4.21 -38.70 -25.45
CA LEU A 97 3.89 -37.55 -26.26
C LEU A 97 4.65 -37.53 -27.59
N ALA A 98 5.39 -38.58 -27.90
CA ALA A 98 6.13 -38.64 -29.15
C ALA A 98 5.17 -38.75 -30.33
N TYR A 99 5.45 -37.99 -31.38
CA TYR A 99 4.62 -37.98 -32.59
C TYR A 99 5.51 -38.10 -33.81
N SER A 100 4.94 -38.65 -34.89
CA SER A 100 5.66 -38.86 -36.13
C SER A 100 4.87 -38.29 -37.29
N GLY A 101 5.58 -37.96 -38.37
CA GLY A 101 4.98 -37.40 -39.56
C GLY A 101 4.91 -35.90 -39.59
N ILE A 102 5.25 -35.22 -38.50
CA ILE A 102 5.26 -33.76 -38.44
C ILE A 102 6.67 -33.31 -38.09
N PRO A 103 7.46 -32.90 -39.08
CA PRO A 103 8.84 -32.45 -38.85
C PRO A 103 8.92 -31.02 -38.29
N LEU A 104 8.12 -30.75 -37.26
CA LEU A 104 8.07 -29.43 -36.65
C LEU A 104 7.95 -29.57 -35.14
N ASN A 105 8.34 -28.51 -34.44
CA ASN A 105 8.19 -28.43 -32.99
C ASN A 105 6.85 -27.76 -32.70
N LEU A 106 5.92 -28.51 -32.11
CA LEU A 106 4.57 -28.03 -31.87
C LEU A 106 4.59 -27.09 -30.67
N THR A 107 4.36 -25.80 -30.91
CA THR A 107 4.24 -24.81 -29.85
C THR A 107 2.75 -24.67 -29.53
N LEU A 108 2.30 -25.36 -28.50
CA LEU A 108 0.90 -25.39 -28.14
C LEU A 108 0.55 -24.25 -27.19
N ASP A 109 -0.74 -24.05 -26.98
CA ASP A 109 -1.21 -23.04 -26.04
C ASP A 109 -0.83 -23.43 -24.62
N ASN A 110 -0.64 -22.42 -23.77
CA ASN A 110 -0.26 -22.66 -22.38
C ASN A 110 -1.31 -23.44 -21.61
N ARG A 111 -2.56 -23.43 -22.07
CA ARG A 111 -3.62 -24.16 -21.37
C ARG A 111 -3.53 -25.67 -21.58
N VAL A 112 -2.71 -26.14 -22.52
CA VAL A 112 -2.54 -27.58 -22.70
C VAL A 112 -1.72 -28.22 -21.60
N ALA A 113 -1.01 -27.41 -20.80
CA ALA A 113 -0.20 -27.96 -19.72
C ALA A 113 -1.03 -28.63 -18.64
N ASP A 114 -2.32 -28.29 -18.54
CA ASP A 114 -3.17 -28.92 -17.54
C ASP A 114 -3.47 -30.38 -17.86
N GLN A 115 -3.32 -30.78 -19.13
CA GLN A 115 -3.54 -32.16 -19.54
C GLN A 115 -2.24 -32.94 -19.68
N LEU A 116 -1.13 -32.39 -19.20
CA LEU A 116 0.17 -33.03 -19.32
C LEU A 116 0.82 -33.14 -17.95
N TRP A 117 1.61 -34.20 -17.79
CA TRP A 117 2.39 -34.36 -16.56
C TRP A 117 3.53 -33.36 -16.55
N VAL A 118 3.72 -32.68 -15.42
CA VAL A 118 4.83 -31.75 -15.25
C VAL A 118 5.54 -32.08 -13.94
N PRO A 119 6.85 -31.85 -13.84
CA PRO A 119 7.54 -32.11 -12.58
C PRO A 119 7.01 -31.24 -11.45
N ASP A 120 7.02 -31.79 -10.25
CA ASP A 120 6.57 -31.06 -9.08
C ASP A 120 7.70 -30.21 -8.52
N THR A 121 8.27 -29.36 -9.35
CA THR A 121 9.40 -28.54 -8.93
C THR A 121 8.93 -27.40 -8.03
N TYR A 122 9.59 -27.24 -6.89
CA TYR A 122 9.30 -26.16 -5.97
C TYR A 122 10.60 -25.61 -5.43
N PHE A 123 10.53 -24.39 -4.90
CA PHE A 123 11.68 -23.73 -4.32
C PHE A 123 11.63 -23.88 -2.79
N LEU A 124 12.69 -24.42 -2.22
CA LEU A 124 12.66 -24.76 -0.80
C LEU A 124 12.74 -23.52 0.08
N ASN A 125 13.53 -22.52 -0.32
CA ASN A 125 13.79 -21.35 0.52
C ASN A 125 12.93 -20.15 0.15
N ASP A 126 11.93 -20.33 -0.71
CA ASP A 126 11.07 -19.21 -1.08
C ASP A 126 10.10 -18.89 0.04
N LYS A 127 9.65 -17.64 0.08
CA LYS A 127 8.67 -17.20 1.05
C LYS A 127 7.32 -16.86 0.45
N LYS A 128 7.29 -16.33 -0.77
CA LYS A 128 6.04 -16.02 -1.46
C LYS A 128 6.36 -15.93 -2.94
N SER A 129 5.71 -16.78 -3.75
CA SER A 129 5.97 -16.85 -5.18
CA SER A 129 5.97 -16.82 -5.18
C SER A 129 4.65 -16.95 -5.93
N PHE A 130 4.67 -16.50 -7.18
CA PHE A 130 3.49 -16.55 -8.03
C PHE A 130 3.93 -16.56 -9.49
N VAL A 131 3.01 -16.94 -10.36
CA VAL A 131 3.23 -16.98 -11.80
C VAL A 131 2.37 -15.90 -12.43
N HIS A 132 2.99 -15.05 -13.25
CA HIS A 132 2.26 -13.96 -13.88
C HIS A 132 1.19 -14.49 -14.82
N GLY A 133 0.06 -13.80 -14.86
CA GLY A 133 -1.06 -14.26 -15.65
C GLY A 133 -1.71 -13.20 -16.52
N VAL A 134 -0.91 -12.25 -17.01
CA VAL A 134 -1.38 -11.17 -17.87
C VAL A 134 -0.53 -11.16 -19.13
N THR A 135 -1.18 -11.19 -20.30
CA THR A 135 -2.63 -11.24 -20.41
C THR A 135 -3.16 -12.66 -20.25
N VAL A 136 -2.25 -13.63 -20.37
CA VAL A 136 -2.52 -15.02 -20.05
C VAL A 136 -1.42 -15.49 -19.11
N LYS A 137 -1.56 -16.73 -18.63
CA LYS A 137 -0.55 -17.29 -17.74
C LYS A 137 0.78 -17.39 -18.47
N ASN A 138 1.84 -16.88 -17.82
CA ASN A 138 3.17 -16.86 -18.41
C ASN A 138 3.72 -18.28 -18.40
N ARG A 139 3.26 -19.06 -19.37
CA ARG A 139 3.57 -20.48 -19.45
C ARG A 139 3.77 -20.87 -20.90
N MET A 140 4.72 -21.76 -21.16
CA MET A 140 5.05 -22.18 -22.52
C MET A 140 5.15 -23.69 -22.58
N ILE A 141 4.53 -24.28 -23.59
CA ILE A 141 4.63 -25.71 -23.86
C ILE A 141 5.09 -25.87 -25.30
N ARG A 142 6.16 -26.64 -25.51
CA ARG A 142 6.73 -26.84 -26.85
C ARG A 142 7.15 -28.29 -26.96
N LEU A 143 6.33 -29.10 -27.62
CA LEU A 143 6.63 -30.51 -27.80
C LEU A 143 7.65 -30.69 -28.92
N HIS A 144 8.23 -31.89 -28.97
CA HIS A 144 9.20 -32.25 -29.97
C HIS A 144 8.87 -33.62 -30.54
N PRO A 145 9.27 -33.91 -31.78
CA PRO A 145 8.92 -35.22 -32.38
C PRO A 145 9.42 -36.41 -31.61
N ASP A 146 10.56 -36.30 -30.92
CA ASP A 146 11.11 -37.41 -30.17
C ASP A 146 10.50 -37.57 -28.79
N GLY A 147 9.56 -36.71 -28.41
CA GLY A 147 8.94 -36.76 -27.10
C GLY A 147 9.48 -35.75 -26.11
N THR A 148 10.48 -34.96 -26.50
CA THR A 148 11.00 -33.94 -25.61
C THR A 148 9.97 -32.85 -25.37
N VAL A 149 9.82 -32.44 -24.11
CA VAL A 149 8.84 -31.44 -23.71
C VAL A 149 9.57 -30.27 -23.08
N LEU A 150 9.26 -29.06 -23.53
N LEU A 150 9.26 -29.06 -23.53
CA LEU A 150 9.81 -27.83 -22.98
CA LEU A 150 9.82 -27.83 -22.98
C LEU A 150 8.71 -27.10 -22.22
C LEU A 150 8.72 -27.09 -22.23
N TYR A 151 8.98 -26.79 -20.95
CA TYR A 151 8.01 -26.16 -20.07
C TYR A 151 8.65 -24.94 -19.43
N GLY A 152 8.18 -23.76 -19.79
CA GLY A 152 8.74 -22.51 -19.31
C GLY A 152 7.73 -21.73 -18.49
N LEU A 153 8.21 -21.08 -17.44
CA LEU A 153 7.38 -20.27 -16.56
C LEU A 153 8.12 -18.99 -16.19
N ARG A 154 7.40 -17.88 -16.18
CA ARG A 154 7.93 -16.61 -15.69
C ARG A 154 7.45 -16.46 -14.25
N ILE A 155 8.37 -16.58 -13.30
CA ILE A 155 8.04 -16.68 -11.88
C ILE A 155 8.71 -15.52 -11.15
N THR A 156 7.94 -14.82 -10.33
CA THR A 156 8.47 -13.84 -9.40
C THR A 156 8.43 -14.45 -8.00
N THR A 157 9.60 -14.63 -7.40
CA THR A 157 9.72 -15.34 -6.14
C THR A 157 10.46 -14.50 -5.12
N THR A 158 10.08 -14.67 -3.86
CA THR A 158 10.76 -14.04 -2.73
C THR A 158 11.40 -15.16 -1.91
N ALA A 159 12.72 -15.27 -2.00
CA ALA A 159 13.47 -16.35 -1.35
C ALA A 159 14.20 -15.80 -0.14
N ALA A 160 14.09 -16.51 0.98
CA ALA A 160 14.78 -16.09 2.20
C ALA A 160 16.29 -16.23 2.03
N CYS A 161 17.03 -15.30 2.64
CA CYS A 161 18.49 -15.32 2.56
C CYS A 161 19.02 -14.78 3.89
N MET A 162 19.49 -15.68 4.75
CA MET A 162 20.10 -15.27 6.01
C MET A 162 21.37 -14.48 5.73
N MET A 163 21.54 -13.37 6.43
CA MET A 163 22.64 -12.45 6.19
C MET A 163 23.47 -12.29 7.45
N ASP A 164 24.79 -12.27 7.28
CA ASP A 164 25.73 -12.03 8.38
C ASP A 164 26.08 -10.54 8.36
N LEU A 165 25.55 -9.80 9.32
CA LEU A 165 25.73 -8.35 9.38
C LEU A 165 26.82 -7.92 10.35
N ARG A 166 27.74 -8.83 10.69
CA ARG A 166 28.84 -8.47 11.58
C ARG A 166 29.74 -7.43 10.93
N ARG A 167 30.00 -7.57 9.63
CA ARG A 167 30.84 -6.63 8.89
C ARG A 167 30.02 -5.57 8.16
N TYR A 168 28.73 -5.47 8.44
CA TYR A 168 27.88 -4.48 7.81
C TYR A 168 28.37 -3.08 8.15
N PRO A 169 28.37 -2.15 7.17
CA PRO A 169 27.89 -2.32 5.80
C PRO A 169 28.97 -2.79 4.82
N LEU A 170 30.13 -3.16 5.32
CA LEU A 170 31.22 -3.66 4.49
C LEU A 170 31.18 -5.17 4.32
N ASP A 171 29.99 -5.77 4.44
CA ASP A 171 29.83 -7.21 4.43
C ASP A 171 29.66 -7.73 3.01
N GLU A 172 29.81 -9.05 2.87
CA GLU A 172 29.58 -9.75 1.62
C GLU A 172 28.59 -10.87 1.89
N GLN A 173 27.55 -10.96 1.06
CA GLN A 173 26.44 -11.88 1.30
C GLN A 173 26.39 -12.95 0.23
N ASN A 174 25.92 -14.14 0.61
CA ASN A 174 25.78 -15.28 -0.28
C ASN A 174 24.32 -15.75 -0.18
N CYS A 175 23.51 -15.35 -1.16
CA CYS A 175 22.10 -15.73 -1.21
C CYS A 175 21.92 -16.86 -2.22
N THR A 176 21.17 -17.89 -1.81
CA THR A 176 20.99 -19.08 -2.61
C THR A 176 19.53 -19.24 -3.02
N LEU A 177 19.31 -20.04 -4.06
CA LEU A 177 17.98 -20.40 -4.53
C LEU A 177 17.93 -21.91 -4.65
N GLU A 178 17.19 -22.56 -3.76
CA GLU A 178 17.14 -24.02 -3.71
C GLU A 178 16.00 -24.52 -4.59
N ILE A 179 16.32 -25.45 -5.48
CA ILE A 179 15.36 -26.07 -6.38
C ILE A 179 15.31 -27.55 -6.07
N GLU A 180 14.11 -28.08 -5.85
CA GLU A 180 13.96 -29.46 -5.42
C GLU A 180 12.59 -29.98 -5.84
N SER A 181 12.52 -31.28 -6.08
CA SER A 181 11.25 -31.95 -6.31
C SER A 181 10.56 -32.21 -4.97
N TYR A 182 9.23 -32.12 -4.97
CA TYR A 182 8.50 -32.25 -3.72
C TYR A 182 8.10 -33.68 -3.42
N GLY A 183 7.52 -34.37 -4.40
CA GLY A 183 7.00 -35.71 -4.15
C GLY A 183 7.87 -36.83 -4.65
N TYR A 184 8.47 -36.65 -5.82
CA TYR A 184 9.26 -37.72 -6.43
C TYR A 184 10.68 -37.72 -5.87
N THR A 185 11.14 -38.89 -5.46
CA THR A 185 12.48 -39.05 -4.92
C THR A 185 13.48 -39.23 -6.06
N THR A 186 14.75 -39.44 -5.70
CA THR A 186 15.79 -39.65 -6.70
C THR A 186 15.56 -40.92 -7.51
N ASP A 187 14.80 -41.88 -6.97
CA ASP A 187 14.48 -43.09 -7.72
C ASP A 187 13.47 -42.85 -8.82
N ASP A 188 12.77 -41.70 -8.80
CA ASP A 188 11.75 -41.41 -9.79
C ASP A 188 12.06 -40.21 -10.68
N ILE A 189 12.95 -39.31 -10.25
CA ILE A 189 13.24 -38.10 -11.02
C ILE A 189 14.66 -37.65 -10.68
N GLU A 190 15.31 -37.02 -11.65
CA GLU A 190 16.65 -36.49 -11.47
C GLU A 190 16.72 -35.10 -12.08
N PHE A 191 17.46 -34.21 -11.42
CA PHE A 191 17.63 -32.83 -11.86
C PHE A 191 19.06 -32.59 -12.27
N TYR A 192 19.25 -31.83 -13.35
CA TYR A 192 20.57 -31.42 -13.79
C TYR A 192 20.47 -30.07 -14.47
N TRP A 193 21.57 -29.32 -14.43
CA TRP A 193 21.63 -28.03 -15.11
C TRP A 193 21.88 -28.26 -16.58
N ARG A 194 20.90 -27.95 -17.42
CA ARG A 194 21.03 -28.14 -18.85
C ARG A 194 21.97 -27.09 -19.43
N GLY A 195 23.09 -27.54 -19.99
CA GLY A 195 24.10 -26.64 -20.51
C GLY A 195 25.27 -26.41 -19.59
N GLY A 196 25.38 -27.14 -18.49
CA GLY A 196 26.51 -26.95 -17.59
C GLY A 196 26.44 -25.62 -16.89
N ASP A 197 27.58 -24.92 -16.85
CA ASP A 197 27.66 -23.63 -16.18
C ASP A 197 26.92 -22.54 -16.92
N LYS A 198 26.46 -22.78 -18.15
CA LYS A 198 25.71 -21.82 -18.92
C LYS A 198 24.21 -21.97 -18.75
N ALA A 199 23.76 -22.81 -17.82
CA ALA A 199 22.33 -23.01 -17.61
C ALA A 199 21.65 -21.73 -17.16
N VAL A 200 22.28 -20.98 -16.27
CA VAL A 200 21.72 -19.75 -15.74
C VAL A 200 22.31 -18.58 -16.49
N THR A 201 21.44 -17.79 -17.13
CA THR A 201 21.85 -16.62 -17.89
C THR A 201 21.16 -15.37 -17.32
N GLY A 202 21.47 -14.23 -17.91
CA GLY A 202 20.88 -12.98 -17.47
C GLY A 202 21.42 -12.42 -16.17
N VAL A 203 22.55 -12.93 -15.69
CA VAL A 203 23.12 -12.41 -14.45
C VAL A 203 23.54 -10.96 -14.62
N GLU A 204 24.03 -10.60 -15.81
CA GLU A 204 24.42 -9.23 -16.08
C GLU A 204 23.24 -8.28 -16.06
N ARG A 205 22.02 -8.78 -16.26
CA ARG A 205 20.85 -7.91 -16.21
C ARG A 205 20.55 -7.42 -14.81
N ILE A 206 21.11 -8.05 -13.79
CA ILE A 206 20.84 -7.67 -12.41
C ILE A 206 21.47 -6.31 -12.14
N GLU A 207 20.65 -5.34 -11.75
CA GLU A 207 21.11 -3.98 -11.45
C GLU A 207 20.65 -3.64 -10.04
N LEU A 208 21.46 -4.00 -9.05
CA LEU A 208 21.16 -3.69 -7.66
C LEU A 208 21.86 -2.40 -7.27
N PRO A 209 21.12 -1.36 -6.85
CA PRO A 209 21.79 -0.12 -6.43
C PRO A 209 22.73 -0.30 -5.26
N GLN A 210 22.46 -1.26 -4.37
CA GLN A 210 23.23 -1.43 -3.16
C GLN A 210 24.22 -2.60 -3.23
N PHE A 211 24.07 -3.50 -4.20
CA PHE A 211 24.90 -4.69 -4.28
C PHE A 211 25.43 -4.88 -5.69
N SER A 212 26.49 -5.67 -5.79
CA SER A 212 27.06 -6.06 -7.07
C SER A 212 27.25 -7.58 -7.09
N ILE A 213 26.92 -8.19 -8.22
CA ILE A 213 26.98 -9.65 -8.35
C ILE A 213 28.44 -10.02 -8.60
N VAL A 214 29.13 -10.44 -7.53
CA VAL A 214 30.54 -10.83 -7.67
C VAL A 214 30.65 -12.13 -8.46
N GLU A 215 29.84 -13.12 -8.12
CA GLU A 215 29.95 -14.43 -8.74
C GLU A 215 28.66 -15.20 -8.51
N HIS A 216 28.37 -16.13 -9.42
CA HIS A 216 27.26 -17.06 -9.26
C HIS A 216 27.74 -18.48 -9.51
N ARG A 217 27.16 -19.43 -8.80
CA ARG A 217 27.57 -20.83 -8.88
C ARG A 217 26.35 -21.72 -9.05
N LEU A 218 26.58 -22.86 -9.71
CA LEU A 218 25.55 -23.88 -9.89
C LEU A 218 25.98 -25.14 -9.15
N VAL A 219 25.11 -25.63 -8.27
CA VAL A 219 25.41 -26.78 -7.43
C VAL A 219 24.31 -27.81 -7.61
N SER A 220 24.70 -29.06 -7.84
CA SER A 220 23.78 -30.18 -7.92
C SER A 220 24.12 -31.19 -6.83
N ARG A 221 23.12 -31.58 -6.06
CA ARG A 221 23.33 -32.47 -4.93
C ARG A 221 22.03 -33.23 -4.65
N ASN A 222 22.14 -34.26 -3.83
CA ASN A 222 21.00 -35.04 -3.37
C ASN A 222 20.81 -34.82 -1.87
N VAL A 223 19.60 -34.45 -1.47
CA VAL A 223 19.28 -34.17 -0.08
C VAL A 223 18.37 -35.30 0.42
N VAL A 224 18.71 -35.86 1.58
CA VAL A 224 18.00 -37.00 2.13
C VAL A 224 17.13 -36.53 3.29
N PHE A 225 15.85 -36.89 3.22
CA PHE A 225 14.89 -36.62 4.29
C PHE A 225 14.35 -37.95 4.82
N ALA A 226 13.39 -37.85 5.74
CA ALA A 226 12.77 -39.05 6.28
C ALA A 226 12.00 -39.81 5.21
N THR A 227 11.28 -39.09 4.35
CA THR A 227 10.53 -39.73 3.29
C THR A 227 11.46 -40.38 2.26
N GLY A 228 12.58 -39.73 1.97
CA GLY A 228 13.52 -40.29 1.02
C GLY A 228 14.55 -39.26 0.61
N ALA A 229 15.32 -39.62 -0.40
CA ALA A 229 16.35 -38.75 -0.96
C ALA A 229 15.79 -38.03 -2.19
N TYR A 230 15.97 -36.72 -2.24
CA TYR A 230 15.39 -35.92 -3.32
C TYR A 230 16.48 -35.15 -4.05
N PRO A 231 16.39 -35.04 -5.37
CA PRO A 231 17.37 -34.25 -6.11
C PRO A 231 17.27 -32.78 -5.76
N ARG A 232 18.41 -32.10 -5.77
CA ARG A 232 18.48 -30.70 -5.39
C ARG A 232 19.35 -29.94 -6.38
N LEU A 233 18.86 -28.79 -6.83
CA LEU A 233 19.64 -27.84 -7.62
C LEU A 233 19.71 -26.53 -6.84
N SER A 234 20.91 -25.99 -6.71
N SER A 234 20.91 -25.99 -6.71
CA SER A 234 21.14 -24.77 -5.94
CA SER A 234 21.14 -24.77 -5.93
C SER A 234 21.78 -23.71 -6.82
C SER A 234 21.79 -23.71 -6.81
N LEU A 235 21.23 -22.49 -6.77
CA LEU A 235 21.77 -21.35 -7.49
C LEU A 235 22.09 -20.28 -6.46
N SER A 236 23.35 -19.89 -6.38
CA SER A 236 23.83 -18.99 -5.35
C SER A 236 24.54 -17.78 -5.97
N PHE A 237 24.28 -16.62 -5.40
CA PHE A 237 24.94 -15.38 -5.80
C PHE A 237 25.71 -14.82 -4.61
N ARG A 238 26.91 -14.34 -4.87
CA ARG A 238 27.70 -13.65 -3.86
C ARG A 238 27.59 -12.16 -4.09
N LEU A 239 27.02 -11.44 -3.13
N LEU A 239 27.02 -11.44 -3.13
CA LEU A 239 26.71 -10.02 -3.26
CA LEU A 239 26.70 -10.03 -3.25
C LEU A 239 27.66 -9.21 -2.40
C LEU A 239 27.67 -9.22 -2.40
N LYS A 240 28.24 -8.17 -3.00
CA LYS A 240 29.12 -7.25 -2.30
C LYS A 240 28.39 -5.90 -2.17
N ARG A 241 28.26 -5.42 -0.94
CA ARG A 241 27.53 -4.19 -0.71
C ARG A 241 28.36 -2.98 -1.14
N ASN A 242 27.69 -1.96 -1.67
CA ASN A 242 28.34 -0.73 -2.09
C ASN A 242 28.43 0.22 -0.92
N ILE A 243 29.65 0.70 -0.64
CA ILE A 243 29.89 1.56 0.52
C ILE A 243 29.62 3.03 0.23
N GLY A 244 29.36 3.39 -1.03
CA GLY A 244 29.22 4.80 -1.37
C GLY A 244 28.07 5.49 -0.64
N TYR A 245 26.92 4.82 -0.56
CA TYR A 245 25.76 5.41 0.10
C TYR A 245 26.01 5.61 1.59
N PHE A 246 26.63 4.63 2.24
CA PHE A 246 26.76 4.67 3.70
C PHE A 246 27.80 5.70 4.15
N ILE A 247 28.80 5.96 3.32
CA ILE A 247 29.79 6.98 3.67
C ILE A 247 29.12 8.34 3.81
N LEU A 248 28.26 8.68 2.83
CA LEU A 248 27.56 9.96 2.88
C LEU A 248 26.47 9.96 3.93
N GLN A 249 25.72 8.86 4.04
CA GLN A 249 24.56 8.83 4.91
C GLN A 249 24.95 8.81 6.38
N THR A 250 25.92 7.96 6.74
CA THR A 250 26.22 7.70 8.16
C THR A 250 27.62 8.14 8.56
N TYR A 251 28.65 7.70 7.83
CA TYR A 251 30.02 7.94 8.29
C TYR A 251 30.36 9.43 8.28
N MET A 252 30.06 10.12 7.17
CA MET A 252 30.40 11.55 7.09
C MET A 252 29.71 12.39 8.14
N PRO A 253 28.39 12.28 8.38
CA PRO A 253 27.79 13.09 9.45
C PRO A 253 28.40 12.83 10.82
N SER A 254 28.76 11.58 11.12
CA SER A 254 29.38 11.27 12.40
C SER A 254 30.74 11.94 12.54
N ILE A 255 31.54 11.94 11.48
CA ILE A 255 32.86 12.57 11.53
C ILE A 255 32.72 14.07 11.74
N LEU A 256 31.77 14.70 11.04
CA LEU A 256 31.59 16.15 11.14
C LEU A 256 31.17 16.54 12.55
N ILE A 257 30.31 15.76 13.19
CA ILE A 257 29.92 16.03 14.56
C ILE A 257 31.12 15.92 15.50
N THR A 258 31.95 14.89 15.29
CA THR A 258 33.14 14.72 16.11
C THR A 258 34.10 15.90 15.93
N ILE A 259 34.29 16.35 14.69
CA ILE A 259 35.10 17.53 14.45
C ILE A 259 34.45 18.77 15.08
N LEU A 260 33.12 18.82 15.06
CA LEU A 260 32.42 19.95 15.64
C LEU A 260 32.68 20.07 17.14
N SER A 261 32.78 18.93 17.83
CA SER A 261 33.05 18.97 19.26
C SER A 261 34.44 19.53 19.54
N TRP A 262 35.39 19.32 18.64
CA TRP A 262 36.74 19.83 18.84
C TRP A 262 36.80 21.36 18.83
N VAL A 263 35.78 22.01 18.28
CA VAL A 263 35.76 23.47 18.25
C VAL A 263 35.73 24.04 19.66
N SER A 264 35.15 23.30 20.60
CA SER A 264 35.07 23.79 21.98
C SER A 264 36.45 23.99 22.59
N PHE A 265 37.46 23.26 22.10
CA PHE A 265 38.81 23.40 22.64
C PHE A 265 39.36 24.80 22.39
N TRP A 266 39.12 25.35 21.19
CA TRP A 266 39.60 26.68 20.85
CA TRP A 266 39.60 26.68 20.85
C TRP A 266 38.78 27.79 21.48
N ILE A 267 37.62 27.47 22.06
CA ILE A 267 36.80 28.46 22.73
CA ILE A 267 36.80 28.46 22.73
C ILE A 267 37.33 28.67 24.14
N ASN A 268 37.35 29.94 24.57
CA ASN A 268 37.89 30.26 25.89
C ASN A 268 37.09 29.58 26.98
N TYR A 269 37.78 29.25 28.08
CA TYR A 269 37.15 28.49 29.16
C TYR A 269 36.07 29.30 29.88
N ASP A 270 36.21 30.63 29.91
CA ASP A 270 35.22 31.45 30.61
C ASP A 270 33.85 31.38 29.96
N ALA A 271 33.78 31.07 28.66
CA ALA A 271 32.50 30.94 27.96
C ALA A 271 31.87 29.59 28.33
N SER A 272 31.38 29.53 29.57
CA SER A 272 30.82 28.29 30.08
C SER A 272 29.58 27.87 29.31
N ALA A 273 28.70 28.82 29.01
CA ALA A 273 27.47 28.49 28.30
C ALA A 273 27.75 27.93 26.91
N ALA A 274 28.70 28.55 26.20
CA ALA A 274 28.98 28.15 24.82
C ALA A 274 29.59 26.76 24.76
N ARG A 275 30.63 26.50 25.57
CA ARG A 275 31.31 25.22 25.51
C ARG A 275 30.41 24.08 25.98
N VAL A 276 29.62 24.32 27.04
CA VAL A 276 28.70 23.30 27.51
C VAL A 276 27.65 23.01 26.44
N ALA A 277 27.12 24.04 25.80
CA ALA A 277 26.14 23.83 24.74
C ALA A 277 26.75 23.06 23.57
N LEU A 278 28.00 23.36 23.23
CA LEU A 278 28.66 22.65 22.14
C LEU A 278 28.79 21.16 22.46
N GLY A 279 29.18 20.83 23.68
CA GLY A 279 29.32 19.43 24.06
C GLY A 279 28.00 18.69 24.06
N ILE A 280 26.94 19.34 24.59
CA ILE A 280 25.65 18.69 24.70
C ILE A 280 25.08 18.39 23.31
N THR A 281 25.06 19.39 22.44
CA THR A 281 24.41 19.24 21.14
C THR A 281 25.06 18.16 20.30
N THR A 282 26.40 18.07 20.35
CA THR A 282 27.09 17.01 19.63
C THR A 282 26.70 15.64 20.15
N VAL A 283 26.59 15.51 21.48
CA VAL A 283 26.19 14.23 22.07
C VAL A 283 24.76 13.87 21.65
N LEU A 284 23.85 14.84 21.72
CA LEU A 284 22.46 14.58 21.35
C LEU A 284 22.34 14.23 19.88
N THR A 285 23.08 14.92 19.02
CA THR A 285 23.05 14.62 17.59
C THR A 285 23.57 13.23 17.31
N MET A 286 24.63 12.82 18.03
CA MET A 286 25.19 11.49 17.84
C MET A 286 24.17 10.41 18.19
N THR A 287 23.38 10.63 19.24
CA THR A 287 22.34 9.68 19.61
C THR A 287 21.28 9.57 18.51
N THR A 288 20.88 10.69 17.94
CA THR A 288 19.86 10.67 16.89
C THR A 288 20.34 9.91 15.67
N ILE A 289 21.60 10.09 15.29
CA ILE A 289 22.16 9.35 14.16
C ILE A 289 22.19 7.86 14.46
N ASN A 290 22.60 7.50 15.69
CA ASN A 290 22.66 6.09 16.05
C ASN A 290 21.27 5.44 16.04
N THR A 291 20.26 6.16 16.53
CA THR A 291 18.91 5.61 16.56
C THR A 291 18.40 5.36 15.13
N HIS A 292 18.63 6.30 14.22
CA HIS A 292 18.13 6.16 12.86
C HIS A 292 18.72 4.95 12.16
N LEU A 293 20.02 4.72 12.33
CA LEU A 293 20.67 3.60 11.65
C LEU A 293 20.09 2.26 12.10
N ARG A 294 19.95 2.08 13.41
CA ARG A 294 19.51 0.80 13.95
C ARG A 294 18.05 0.52 13.63
N GLU A 295 17.25 1.56 13.34
CA GLU A 295 15.86 1.33 12.97
C GLU A 295 15.75 0.71 11.58
N THR A 296 16.72 0.95 10.71
CA THR A 296 16.70 0.43 9.35
C THR A 296 17.24 -0.99 9.25
N LEU A 297 17.64 -1.59 10.37
CA LEU A 297 18.26 -2.90 10.37
C LEU A 297 17.54 -3.82 11.35
N PRO A 298 17.59 -5.14 11.11
CA PRO A 298 16.93 -6.06 12.03
C PRO A 298 17.58 -6.07 13.40
N LYS A 299 16.78 -6.43 14.41
CA LYS A 299 17.22 -6.40 15.81
C LYS A 299 18.12 -7.60 16.09
N ILE A 300 19.29 -7.57 15.49
CA ILE A 300 20.31 -8.61 15.71
C ILE A 300 21.02 -8.32 17.03
N PRO A 301 21.45 -9.35 17.76
CA PRO A 301 22.08 -9.11 19.07
C PRO A 301 23.54 -8.70 18.96
N TYR A 302 24.23 -9.17 17.94
CA TYR A 302 25.65 -8.88 17.81
C TYR A 302 25.88 -7.46 17.31
N VAL A 303 27.09 -6.96 17.53
CA VAL A 303 27.46 -5.59 17.20
C VAL A 303 27.95 -5.54 15.77
N LYS A 304 27.36 -4.65 14.97
CA LYS A 304 27.77 -4.46 13.59
C LYS A 304 29.03 -3.59 13.53
N ALA A 305 29.68 -3.62 12.36
CA ALA A 305 30.85 -2.75 12.16
C ALA A 305 30.48 -1.28 12.23
N ILE A 306 29.33 -0.92 11.64
CA ILE A 306 28.89 0.47 11.69
C ILE A 306 28.55 0.88 13.13
N ASP A 307 28.01 -0.05 13.92
CA ASP A 307 27.73 0.26 15.32
C ASP A 307 29.01 0.57 16.09
N MET A 308 30.08 -0.17 15.80
CA MET A 308 31.36 0.09 16.45
C MET A 308 31.85 1.50 16.15
N TYR A 309 31.72 1.95 14.91
CA TYR A 309 32.15 3.30 14.55
C TYR A 309 31.31 4.35 15.27
N LEU A 310 30.00 4.14 15.34
CA LEU A 310 29.14 5.10 16.04
C LEU A 310 29.46 5.14 17.53
N MET A 311 29.71 3.98 18.14
CA MET A 311 30.08 3.96 19.55
C MET A 311 31.39 4.69 19.77
N GLY A 312 32.37 4.48 18.90
CA GLY A 312 33.63 5.19 19.01
C GLY A 312 33.48 6.68 18.89
N CYS A 313 32.66 7.13 17.93
CA CYS A 313 32.42 8.56 17.77
C CYS A 313 31.73 9.13 19.00
N PHE A 314 30.80 8.38 19.60
CA PHE A 314 30.13 8.84 20.80
C PHE A 314 31.11 8.99 21.96
N VAL A 315 32.13 8.12 22.03
CA VAL A 315 33.12 8.23 23.10
C VAL A 315 33.89 9.54 22.98
N PHE A 316 34.31 9.90 21.77
CA PHE A 316 35.11 11.11 21.59
C PHE A 316 34.34 12.36 21.98
N VAL A 317 33.08 12.47 21.54
CA VAL A 317 32.30 13.65 21.88
C VAL A 317 31.97 13.68 23.37
N PHE A 318 31.70 12.51 23.96
CA PHE A 318 31.44 12.46 25.40
C PHE A 318 32.68 12.85 26.19
N LEU A 319 33.86 12.38 25.76
CA LEU A 319 35.10 12.77 26.43
C LEU A 319 35.36 14.27 26.27
N ALA A 320 35.00 14.82 25.11
CA ALA A 320 35.22 16.25 24.88
C ALA A 320 34.43 17.09 25.87
N LEU A 321 33.17 16.72 26.12
CA LEU A 321 32.38 17.43 27.12
C LEU A 321 32.93 17.20 28.52
N LEU A 322 33.37 15.96 28.81
CA LEU A 322 34.03 15.71 30.08
C LEU A 322 35.35 16.46 30.20
N GLU A 323 36.00 16.72 29.06
CA GLU A 323 37.26 17.46 29.10
C GLU A 323 37.06 18.87 29.64
N TYR A 324 36.00 19.56 29.18
CA TYR A 324 35.74 20.90 29.68
C TYR A 324 35.31 20.89 31.14
N ALA A 325 34.58 19.85 31.57
CA ALA A 325 34.19 19.75 32.97
C ALA A 325 35.41 19.66 33.86
N PHE A 326 36.43 18.90 33.45
CA PHE A 326 37.69 18.89 34.18
C PHE A 326 38.35 20.27 34.15
N VAL A 327 38.32 20.93 32.99
CA VAL A 327 38.90 22.27 32.87
C VAL A 327 38.16 23.25 33.76
N ASN A 328 36.82 23.19 33.75
CA ASN A 328 36.04 24.10 34.59
C ASN A 328 36.29 23.84 36.07
N TYR A 329 36.41 22.57 36.45
CA TYR A 329 36.62 22.24 37.86
C TYR A 329 37.96 22.76 38.37
N ILE A 330 39.02 22.54 37.60
CA ILE A 330 40.35 22.97 38.04
C ILE A 330 40.46 24.49 38.03
N PHE A 331 39.83 25.14 37.05
CA PHE A 331 39.88 26.60 36.98
C PHE A 331 39.19 27.24 38.18
N PHE A 332 38.04 26.70 38.58
CA PHE A 332 37.32 27.21 39.74
C PHE A 332 37.57 26.34 40.96
N ALA A 447 46.24 25.50 29.19
CA ALA A 447 47.22 24.47 28.89
C ALA A 447 46.53 23.14 28.58
N ILE A 448 45.53 22.80 29.38
CA ILE A 448 44.80 21.55 29.19
C ILE A 448 44.11 21.55 27.83
N ASP A 449 43.54 22.69 27.43
CA ASP A 449 42.90 22.78 26.12
C ASP A 449 43.91 22.56 25.00
N ARG A 450 45.11 23.13 25.14
CA ARG A 450 46.13 22.94 24.12
C ARG A 450 46.50 21.46 23.99
N TRP A 451 46.63 20.77 25.12
CA TRP A 451 46.93 19.34 25.09
C TRP A 451 45.79 18.55 24.45
N SER A 452 44.55 18.99 24.67
CA SER A 452 43.41 18.32 24.06
C SER A 452 43.31 18.62 22.57
N ARG A 453 43.83 19.76 22.13
CA ARG A 453 43.76 20.12 20.71
C ARG A 453 44.60 19.21 19.83
N ILE A 454 45.59 18.52 20.40
CA ILE A 454 46.43 17.62 19.64
C ILE A 454 46.10 16.15 19.89
N VAL A 455 45.66 15.80 21.10
CA VAL A 455 45.38 14.39 21.40
C VAL A 455 44.12 13.92 20.67
N PHE A 456 43.04 14.70 20.75
CA PHE A 456 41.78 14.26 20.16
C PHE A 456 41.84 14.07 18.65
N PRO A 457 42.32 15.03 17.85
CA PRO A 457 42.44 14.76 16.41
C PRO A 457 43.38 13.61 16.09
N PHE A 458 44.45 13.46 16.85
CA PHE A 458 45.38 12.36 16.62
C PHE A 458 44.75 11.02 16.97
N THR A 459 44.09 10.94 18.13
CA THR A 459 43.45 9.69 18.53
C THR A 459 42.33 9.31 17.58
N PHE A 460 41.52 10.29 17.15
CA PHE A 460 40.44 10.00 16.22
C PHE A 460 40.98 9.54 14.87
N SER A 461 42.05 10.17 14.40
CA SER A 461 42.69 9.73 13.17
C SER A 461 43.24 8.31 13.32
N LEU A 462 43.84 8.02 14.46
CA LEU A 462 44.32 6.66 14.72
C LEU A 462 43.16 5.67 14.77
N PHE A 463 42.05 6.06 15.38
CA PHE A 463 40.88 5.19 15.44
C PHE A 463 40.34 4.89 14.05
N ASN A 464 40.28 5.91 13.18
CA ASN A 464 39.79 5.69 11.82
C ASN A 464 40.70 4.75 11.05
N LEU A 465 42.02 4.92 11.19
CA LEU A 465 42.95 4.05 10.48
C LEU A 465 42.81 2.61 10.91
N VAL A 466 42.67 2.37 12.21
CA VAL A 466 42.47 1.01 12.70
C VAL A 466 41.14 0.45 12.21
N TYR A 467 40.09 1.27 12.26
CA TYR A 467 38.75 0.80 11.88
C TYR A 467 38.71 0.39 10.41
N TRP A 468 39.21 1.24 9.52
CA TRP A 468 39.10 0.96 8.10
C TRP A 468 39.97 -0.22 7.68
N LEU A 469 41.19 -0.29 8.21
CA LEU A 469 42.08 -1.39 7.86
C LEU A 469 41.53 -2.73 8.32
N TYR A 470 40.88 -2.75 9.50
CA TYR A 470 40.35 -4.00 10.03
C TYR A 470 39.22 -4.54 9.15
N TYR A 471 38.37 -3.66 8.62
CA TYR A 471 37.20 -4.08 7.86
C TYR A 471 37.40 -4.00 6.36
N VAL A 472 38.63 -3.75 5.89
CA VAL A 472 38.91 -3.76 4.47
C VAL A 472 40.02 -4.75 4.16
N GLY B 32 -36.67 -13.64 -35.07
CA GLY B 32 -36.17 -14.92 -34.58
C GLY B 32 -34.75 -15.21 -35.04
N ASN B 33 -33.98 -14.15 -35.27
CA ASN B 33 -32.60 -14.32 -35.71
C ASN B 33 -31.69 -14.81 -34.59
N MET B 34 -32.11 -14.70 -33.33
CA MET B 34 -31.26 -15.15 -32.23
C MET B 34 -30.98 -16.65 -32.33
N SER B 35 -31.99 -17.44 -32.69
CA SER B 35 -31.74 -18.86 -32.90
C SER B 35 -30.79 -19.09 -34.06
N PHE B 36 -30.96 -18.33 -35.15
CA PHE B 36 -30.04 -18.45 -36.28
C PHE B 36 -28.62 -18.04 -35.89
N VAL B 37 -28.49 -16.97 -35.11
CA VAL B 37 -27.17 -16.56 -34.63
C VAL B 37 -26.59 -17.62 -33.71
N LYS B 38 -27.41 -18.19 -32.84
CA LYS B 38 -26.94 -19.24 -31.93
C LYS B 38 -26.44 -20.45 -32.71
N GLU B 39 -27.16 -20.84 -33.76
CA GLU B 39 -26.71 -21.94 -34.61
C GLU B 39 -25.38 -21.60 -35.28
N THR B 40 -25.23 -20.36 -35.75
CA THR B 40 -23.99 -19.95 -36.39
C THR B 40 -22.82 -20.00 -35.41
N VAL B 41 -23.02 -19.49 -34.20
CA VAL B 41 -21.95 -19.46 -33.21
C VAL B 41 -21.58 -20.87 -32.78
N ASP B 42 -22.58 -21.73 -32.55
CA ASP B 42 -22.30 -23.11 -32.18
C ASP B 42 -21.54 -23.83 -33.29
N LYS B 43 -21.87 -23.53 -34.55
CA LYS B 43 -21.15 -24.12 -35.67
C LYS B 43 -19.69 -23.69 -35.66
N LEU B 44 -19.41 -22.43 -35.34
CA LEU B 44 -18.03 -21.95 -35.30
C LEU B 44 -17.23 -22.67 -34.23
N LEU B 45 -17.81 -22.85 -33.04
CA LEU B 45 -17.10 -23.47 -31.94
C LEU B 45 -17.10 -24.98 -31.98
N LYS B 46 -17.84 -25.59 -32.91
CA LYS B 46 -17.85 -27.04 -33.04
C LYS B 46 -16.58 -27.49 -33.73
N GLY B 47 -15.75 -28.27 -33.03
CA GLY B 47 -14.48 -28.70 -33.55
C GLY B 47 -13.36 -27.70 -33.40
N TYR B 48 -13.62 -26.54 -32.80
CA TYR B 48 -12.58 -25.54 -32.61
C TYR B 48 -11.58 -26.02 -31.56
N ASP B 49 -10.30 -25.92 -31.88
CA ASP B 49 -9.22 -26.36 -30.99
C ASP B 49 -8.48 -25.14 -30.50
N ILE B 50 -8.65 -24.81 -29.22
CA ILE B 50 -7.98 -23.66 -28.64
C ILE B 50 -6.48 -23.90 -28.51
N ARG B 51 -6.04 -25.16 -28.51
CA ARG B 51 -4.62 -25.46 -28.36
C ARG B 51 -3.81 -25.08 -29.58
N LEU B 52 -4.45 -24.90 -30.73
CA LEU B 52 -3.76 -24.60 -31.99
C LEU B 52 -4.02 -23.17 -32.39
N ARG B 53 -2.95 -22.45 -32.72
CA ARG B 53 -3.06 -21.09 -33.20
C ARG B 53 -3.67 -21.07 -34.60
N PRO B 54 -4.25 -19.95 -35.01
CA PRO B 54 -4.74 -19.84 -36.39
C PRO B 54 -3.61 -20.05 -37.38
N ASP B 55 -3.93 -20.74 -38.48
CA ASP B 55 -2.94 -21.07 -39.51
C ASP B 55 -1.74 -21.81 -38.89
N PHE B 56 -2.05 -22.79 -38.05
CA PHE B 56 -1.01 -23.56 -37.39
C PHE B 56 -0.18 -24.32 -38.42
N GLY B 57 1.14 -24.25 -38.28
CA GLY B 57 2.04 -24.87 -39.23
C GLY B 57 2.25 -24.10 -40.52
N GLY B 58 1.66 -22.91 -40.65
CA GLY B 58 1.80 -22.12 -41.84
C GLY B 58 2.40 -20.76 -41.56
N PRO B 59 1.94 -19.74 -42.29
CA PRO B 59 2.47 -18.40 -42.09
C PRO B 59 2.12 -17.90 -40.69
N PRO B 60 2.98 -17.06 -40.11
CA PRO B 60 2.66 -16.51 -38.79
C PRO B 60 1.45 -15.59 -38.86
N VAL B 61 0.71 -15.55 -37.75
CA VAL B 61 -0.48 -14.72 -37.64
C VAL B 61 -0.08 -13.34 -37.13
N CYS B 62 -0.48 -12.30 -37.86
CA CYS B 62 -0.16 -10.94 -37.47
C CYS B 62 -1.17 -10.44 -36.46
N VAL B 63 -0.68 -9.87 -35.37
CA VAL B 63 -1.51 -9.35 -34.29
C VAL B 63 -1.29 -7.85 -34.20
N GLY B 64 -2.37 -7.09 -34.36
CA GLY B 64 -2.32 -5.63 -34.22
C GLY B 64 -2.73 -5.23 -32.82
N MET B 65 -1.95 -4.32 -32.24
CA MET B 65 -2.14 -3.93 -30.85
C MET B 65 -2.27 -2.42 -30.74
N ASN B 66 -3.29 -1.97 -30.01
N ASN B 66 -3.28 -1.96 -30.00
CA ASN B 66 -3.49 -0.57 -29.67
CA ASN B 66 -3.45 -0.55 -29.68
C ASN B 66 -3.65 -0.47 -28.16
C ASN B 66 -3.73 -0.41 -28.20
N ILE B 67 -3.17 0.63 -27.60
CA ILE B 67 -3.26 0.87 -26.16
C ILE B 67 -3.98 2.18 -25.92
N ASP B 68 -5.00 2.15 -25.08
CA ASP B 68 -5.74 3.34 -24.67
C ASP B 68 -5.41 3.58 -23.20
N ILE B 69 -4.47 4.51 -22.96
CA ILE B 69 -4.02 4.77 -21.60
CA ILE B 69 -4.01 4.76 -21.60
C ILE B 69 -5.12 5.42 -20.80
N ALA B 70 -5.39 4.89 -19.61
CA ALA B 70 -6.36 5.49 -18.72
C ALA B 70 -5.71 6.51 -17.78
N SER B 71 -4.69 6.08 -17.05
CA SER B 71 -3.96 6.97 -16.15
C SER B 71 -2.68 6.27 -15.70
N ILE B 72 -1.75 7.07 -15.19
CA ILE B 72 -0.55 6.57 -14.53
C ILE B 72 -0.69 6.95 -13.05
N ASP B 73 -1.04 5.96 -12.23
CA ASP B 73 -1.38 6.25 -10.84
C ASP B 73 -0.18 6.73 -10.05
N MET B 74 0.93 6.01 -10.11
CA MET B 74 2.08 6.32 -9.28
C MET B 74 3.36 6.15 -10.08
N VAL B 75 4.39 6.91 -9.67
CA VAL B 75 5.74 6.77 -10.20
C VAL B 75 6.65 6.75 -8.97
N SER B 76 7.14 5.57 -8.61
CA SER B 76 7.89 5.37 -7.37
C SER B 76 9.38 5.32 -7.69
N GLU B 77 10.14 6.26 -7.12
CA GLU B 77 11.59 6.25 -7.29
C GLU B 77 12.25 5.19 -6.42
N VAL B 78 11.71 4.96 -5.21
CA VAL B 78 12.29 3.98 -4.31
CA VAL B 78 12.31 3.98 -4.31
C VAL B 78 12.20 2.58 -4.90
N ASN B 79 11.05 2.23 -5.47
CA ASN B 79 10.87 0.93 -6.08
C ASN B 79 11.23 0.91 -7.57
N MET B 80 11.50 2.08 -8.16
CA MET B 80 11.86 2.19 -9.57
C MET B 80 10.82 1.51 -10.46
N ASP B 81 9.56 1.90 -10.29
CA ASP B 81 8.48 1.35 -11.09
C ASP B 81 7.34 2.35 -11.14
N TYR B 82 6.42 2.12 -12.07
CA TYR B 82 5.24 2.97 -12.23
C TYR B 82 4.02 2.09 -12.42
N THR B 83 2.87 2.62 -12.01
CA THR B 83 1.59 1.92 -12.14
C THR B 83 0.82 2.48 -13.32
N LEU B 84 0.40 1.60 -14.22
CA LEU B 84 -0.25 2.00 -15.46
C LEU B 84 -1.57 1.27 -15.60
N THR B 85 -2.63 2.02 -15.92
CA THR B 85 -3.94 1.46 -16.23
C THR B 85 -4.27 1.80 -17.67
N MET B 86 -4.70 0.80 -18.44
CA MET B 86 -4.85 0.99 -19.87
C MET B 86 -5.86 -0.02 -20.41
N TYR B 87 -6.35 0.27 -21.62
CA TYR B 87 -7.22 -0.63 -22.36
C TYR B 87 -6.39 -1.29 -23.44
N PHE B 88 -5.98 -2.54 -23.19
CA PHE B 88 -5.13 -3.28 -24.11
C PHE B 88 -6.00 -4.05 -25.09
N GLN B 89 -5.88 -3.73 -26.38
CA GLN B 89 -6.71 -4.32 -27.42
C GLN B 89 -5.82 -5.03 -28.44
N GLN B 90 -6.24 -6.23 -28.84
CA GLN B 90 -5.50 -7.05 -29.78
C GLN B 90 -6.37 -7.35 -30.99
N TYR B 91 -5.76 -7.26 -32.17
CA TYR B 91 -6.46 -7.43 -33.44
CA TYR B 91 -6.45 -7.42 -33.45
C TYR B 91 -5.78 -8.54 -34.22
N TRP B 92 -6.56 -9.56 -34.59
CA TRP B 92 -6.03 -10.65 -35.40
C TRP B 92 -7.19 -11.32 -36.13
N ARG B 93 -6.84 -12.08 -37.17
CA ARG B 93 -7.81 -12.75 -38.01
C ARG B 93 -7.69 -14.26 -37.84
N ASP B 94 -8.81 -14.91 -37.55
CA ASP B 94 -8.88 -16.36 -37.43
C ASP B 94 -9.95 -16.85 -38.39
N LYS B 95 -9.52 -17.52 -39.46
CA LYS B 95 -10.47 -17.99 -40.48
C LYS B 95 -11.40 -19.06 -39.94
N ARG B 96 -11.04 -19.72 -38.84
CA ARG B 96 -11.94 -20.71 -38.24
C ARG B 96 -13.19 -20.07 -37.66
N LEU B 97 -13.14 -18.78 -37.35
CA LEU B 97 -14.28 -18.07 -36.77
C LEU B 97 -15.04 -17.25 -37.81
N ALA B 98 -14.71 -17.37 -39.08
CA ALA B 98 -15.41 -16.62 -40.12
C ALA B 98 -16.83 -17.14 -40.27
N TYR B 99 -17.78 -16.23 -40.40
CA TYR B 99 -19.19 -16.57 -40.56
C TYR B 99 -19.78 -15.77 -41.70
N SER B 100 -20.82 -16.33 -42.32
CA SER B 100 -21.48 -15.70 -43.45
C SER B 100 -22.99 -15.65 -43.20
N GLY B 101 -23.64 -14.71 -43.87
CA GLY B 101 -25.08 -14.52 -43.75
C GLY B 101 -25.50 -13.55 -42.68
N ILE B 102 -24.58 -13.08 -41.84
CA ILE B 102 -24.89 -12.11 -40.80
C ILE B 102 -24.04 -10.86 -41.05
N PRO B 103 -24.62 -9.83 -41.66
CA PRO B 103 -23.88 -8.59 -41.94
C PRO B 103 -23.72 -7.69 -40.71
N LEU B 104 -23.28 -8.28 -39.60
CA LEU B 104 -23.12 -7.55 -38.35
C LEU B 104 -21.85 -8.04 -37.65
N ASN B 105 -21.34 -7.19 -36.77
CA ASN B 105 -20.20 -7.54 -35.92
C ASN B 105 -20.74 -8.11 -34.61
N LEU B 106 -20.49 -9.38 -34.37
CA LEU B 106 -21.04 -10.08 -33.21
C LEU B 106 -20.25 -9.68 -31.97
N THR B 107 -20.88 -8.91 -31.08
CA THR B 107 -20.28 -8.56 -29.79
C THR B 107 -20.74 -9.58 -28.77
N LEU B 108 -19.91 -10.58 -28.52
CA LEU B 108 -20.26 -11.67 -27.63
C LEU B 108 -19.88 -11.36 -26.19
N ASP B 109 -20.36 -12.19 -25.27
CA ASP B 109 -20.04 -12.03 -23.86
C ASP B 109 -18.55 -12.30 -23.63
N ASN B 110 -18.00 -11.67 -22.61
CA ASN B 110 -16.58 -11.83 -22.30
C ASN B 110 -16.23 -13.26 -21.93
N ARG B 111 -17.20 -14.06 -21.48
CA ARG B 111 -16.94 -15.44 -21.11
C ARG B 111 -16.69 -16.35 -22.31
N VAL B 112 -16.98 -15.89 -23.52
CA VAL B 112 -16.72 -16.70 -24.71
C VAL B 112 -15.24 -16.76 -25.04
N ALA B 113 -14.42 -15.87 -24.45
CA ALA B 113 -12.99 -15.87 -24.73
C ALA B 113 -12.30 -17.14 -24.24
N ASP B 114 -12.90 -17.85 -23.29
CA ASP B 114 -12.31 -19.08 -22.79
C ASP B 114 -12.36 -20.21 -23.82
N GLN B 115 -13.26 -20.12 -24.79
CA GLN B 115 -13.38 -21.12 -25.84
C GLN B 115 -12.69 -20.69 -27.13
N LEU B 116 -11.91 -19.61 -27.10
CA LEU B 116 -11.24 -19.09 -28.28
C LEU B 116 -9.74 -18.99 -28.03
N TRP B 117 -8.97 -19.16 -29.09
CA TRP B 117 -7.53 -18.96 -29.01
C TRP B 117 -7.23 -17.47 -28.89
N VAL B 118 -6.35 -17.12 -27.97
CA VAL B 118 -5.92 -15.73 -27.81
C VAL B 118 -4.39 -15.70 -27.76
N PRO B 119 -3.75 -14.63 -28.22
CA PRO B 119 -2.29 -14.58 -28.16
C PRO B 119 -1.80 -14.59 -26.72
N ASP B 120 -0.64 -15.21 -26.52
CA ASP B 120 -0.04 -15.27 -25.19
C ASP B 120 0.77 -14.01 -24.92
N THR B 121 0.13 -12.85 -25.04
CA THR B 121 0.81 -11.58 -24.84
C THR B 121 1.06 -11.34 -23.36
N TYR B 122 2.30 -10.99 -23.03
CA TYR B 122 2.68 -10.66 -21.66
C TYR B 122 3.62 -9.47 -21.69
N PHE B 123 3.74 -8.81 -20.54
CA PHE B 123 4.61 -7.65 -20.39
C PHE B 123 5.91 -8.10 -19.73
N LEU B 124 7.04 -7.82 -20.38
CA LEU B 124 8.31 -8.35 -19.90
C LEU B 124 8.78 -7.64 -18.64
N ASN B 125 8.57 -6.33 -18.55
CA ASN B 125 9.11 -5.53 -17.47
C ASN B 125 8.11 -5.27 -16.35
N ASP B 126 6.95 -5.92 -16.38
CA ASP B 126 5.96 -5.71 -15.33
C ASP B 126 6.39 -6.42 -14.05
N LYS B 127 5.89 -5.91 -12.92
CA LYS B 127 6.15 -6.50 -11.61
C LYS B 127 4.92 -7.13 -10.98
N LYS B 128 3.74 -6.54 -11.19
CA LYS B 128 2.49 -7.08 -10.67
C LYS B 128 1.36 -6.51 -11.49
N SER B 129 0.58 -7.37 -12.15
CA SER B 129 -0.49 -6.93 -13.01
CA SER B 129 -0.49 -6.94 -13.02
C SER B 129 -1.73 -7.80 -12.77
N PHE B 130 -2.88 -7.24 -13.10
CA PHE B 130 -4.15 -7.94 -12.93
C PHE B 130 -5.17 -7.34 -13.89
N VAL B 131 -6.26 -8.08 -14.10
CA VAL B 131 -7.36 -7.66 -14.94
C VAL B 131 -8.57 -7.42 -14.05
N HIS B 132 -9.17 -6.24 -14.18
CA HIS B 132 -10.32 -5.90 -13.35
C HIS B 132 -11.48 -6.83 -13.62
N GLY B 133 -12.23 -7.18 -12.58
CA GLY B 133 -13.31 -8.13 -12.70
C GLY B 133 -14.61 -7.70 -12.05
N VAL B 134 -14.88 -6.39 -12.03
CA VAL B 134 -16.09 -5.84 -11.46
C VAL B 134 -16.77 -4.97 -12.51
N THR B 135 -18.05 -5.22 -12.77
CA THR B 135 -18.83 -6.27 -12.10
C THR B 135 -18.59 -7.62 -12.73
N VAL B 136 -18.02 -7.60 -13.94
CA VAL B 136 -17.54 -8.79 -14.62
C VAL B 136 -16.12 -8.51 -15.07
N LYS B 137 -15.47 -9.54 -15.61
CA LYS B 137 -14.10 -9.37 -16.10
CA LYS B 137 -14.10 -9.37 -16.10
C LYS B 137 -14.07 -8.33 -17.22
N ASN B 138 -13.14 -7.38 -17.10
CA ASN B 138 -13.03 -6.29 -18.07
C ASN B 138 -12.42 -6.86 -19.34
N ARG B 139 -13.26 -7.52 -20.14
CA ARG B 139 -12.84 -8.23 -21.32
C ARG B 139 -13.88 -8.05 -22.41
N MET B 140 -13.43 -7.92 -23.65
CA MET B 140 -14.32 -7.69 -24.78
C MET B 140 -13.95 -8.62 -25.92
N ILE B 141 -14.96 -9.26 -26.51
CA ILE B 141 -14.79 -10.09 -27.70
C ILE B 141 -15.76 -9.58 -28.75
N ARG B 142 -15.25 -9.29 -29.95
CA ARG B 142 -16.06 -8.75 -31.03
C ARG B 142 -15.60 -9.41 -32.33
N LEU B 143 -16.36 -10.40 -32.79
CA LEU B 143 -16.03 -11.09 -34.02
C LEU B 143 -16.45 -10.26 -35.24
N HIS B 144 -15.92 -10.63 -36.38
CA HIS B 144 -16.24 -9.98 -37.65
C HIS B 144 -16.52 -11.03 -38.71
N PRO B 145 -17.32 -10.69 -39.73
CA PRO B 145 -17.68 -11.69 -40.75
C PRO B 145 -16.48 -12.29 -41.46
N ASP B 146 -15.40 -11.54 -41.64
CA ASP B 146 -14.23 -12.03 -42.35
C ASP B 146 -13.31 -12.86 -41.46
N GLY B 147 -13.64 -13.04 -40.18
CA GLY B 147 -12.81 -13.77 -39.25
C GLY B 147 -11.96 -12.91 -38.34
N THR B 148 -12.01 -11.58 -38.50
CA THR B 148 -11.27 -10.70 -37.61
C THR B 148 -11.82 -10.77 -36.20
N VAL B 149 -10.92 -10.84 -35.22
CA VAL B 149 -11.28 -10.96 -33.82
C VAL B 149 -10.69 -9.78 -33.07
N LEU B 150 -11.52 -9.09 -32.28
CA LEU B 150 -11.09 -7.99 -31.44
CA LEU B 150 -11.09 -7.99 -31.44
C LEU B 150 -11.14 -8.43 -29.99
N TYR B 151 -10.02 -8.29 -29.29
CA TYR B 151 -9.88 -8.74 -27.91
C TYR B 151 -9.34 -7.58 -27.08
N GLY B 152 -10.15 -7.06 -26.17
CA GLY B 152 -9.78 -5.93 -25.36
C GLY B 152 -9.75 -6.28 -23.88
N LEU B 153 -8.79 -5.72 -23.17
CA LEU B 153 -8.65 -5.94 -21.74
C LEU B 153 -8.29 -4.64 -21.05
N ARG B 154 -8.90 -4.40 -19.88
CA ARG B 154 -8.54 -3.28 -19.03
C ARG B 154 -7.59 -3.80 -17.96
N ILE B 155 -6.31 -3.42 -18.07
CA ILE B 155 -5.25 -4.00 -17.27
C ILE B 155 -4.59 -2.90 -16.45
N THR B 156 -4.43 -3.14 -15.16
CA THR B 156 -3.64 -2.29 -14.29
C THR B 156 -2.32 -3.02 -14.02
N THR B 157 -1.22 -2.43 -14.45
CA THR B 157 0.09 -3.07 -14.39
C THR B 157 1.09 -2.18 -13.69
N THR B 158 2.03 -2.82 -13.00
CA THR B 158 3.14 -2.14 -12.36
C THR B 158 4.42 -2.59 -13.06
N ALA B 159 4.99 -1.71 -13.87
CA ALA B 159 6.15 -2.03 -14.69
C ALA B 159 7.39 -1.38 -14.11
N ALA B 160 8.46 -2.16 -13.99
CA ALA B 160 9.72 -1.64 -13.47
C ALA B 160 10.31 -0.61 -14.43
N CYS B 161 10.94 0.41 -13.87
CA CYS B 161 11.58 1.46 -14.67
C CYS B 161 12.83 1.93 -13.92
N MET B 162 13.99 1.49 -14.37
CA MET B 162 15.23 1.95 -13.79
C MET B 162 15.41 3.44 -14.03
N MET B 163 15.81 4.17 -13.00
CA MET B 163 15.90 5.63 -13.04
C MET B 163 17.32 6.07 -12.73
N ASP B 164 17.80 7.06 -13.50
CA ASP B 164 19.09 7.67 -13.28
C ASP B 164 18.88 8.92 -12.44
N LEU B 165 19.27 8.85 -11.16
CA LEU B 165 19.04 9.93 -10.22
C LEU B 165 20.28 10.80 -10.01
N ARG B 166 21.22 10.77 -10.95
CA ARG B 166 22.40 11.63 -10.84
C ARG B 166 22.03 13.11 -10.90
N ARG B 167 21.07 13.45 -11.76
CA ARG B 167 20.61 14.82 -11.90
C ARG B 167 19.35 15.11 -11.09
N TYR B 168 18.96 14.19 -10.23
CA TYR B 168 17.77 14.38 -9.39
C TYR B 168 17.95 15.61 -8.51
N PRO B 169 16.89 16.42 -8.33
CA PRO B 169 15.54 16.24 -8.88
C PRO B 169 15.34 16.89 -10.24
N LEU B 170 16.41 17.38 -10.86
CA LEU B 170 16.33 17.99 -12.18
C LEU B 170 16.53 16.97 -13.30
N ASP B 171 16.22 15.71 -13.04
CA ASP B 171 16.49 14.63 -13.98
C ASP B 171 15.33 14.43 -14.94
N GLU B 172 15.62 13.69 -16.01
CA GLU B 172 14.61 13.30 -17.00
C GLU B 172 14.66 11.79 -17.13
N GLN B 173 13.49 11.14 -17.07
CA GLN B 173 13.40 9.70 -17.02
C GLN B 173 12.72 9.16 -18.26
N ASN B 174 13.12 7.95 -18.66
CA ASN B 174 12.58 7.26 -19.82
C ASN B 174 12.08 5.89 -19.36
N CYS B 175 10.79 5.77 -19.13
CA CYS B 175 10.17 4.52 -18.69
C CYS B 175 9.52 3.84 -19.87
N THR B 176 9.75 2.53 -20.01
CA THR B 176 9.28 1.76 -21.15
C THR B 176 8.30 0.70 -20.70
N LEU B 177 7.50 0.22 -21.64
CA LEU B 177 6.57 -0.88 -21.44
C LEU B 177 6.82 -1.91 -22.54
N GLU B 178 7.39 -3.05 -22.17
CA GLU B 178 7.75 -4.08 -23.13
C GLU B 178 6.61 -5.05 -23.33
N ILE B 179 6.22 -5.27 -24.58
CA ILE B 179 5.16 -6.19 -24.95
C ILE B 179 5.76 -7.27 -25.81
N GLU B 180 5.51 -8.53 -25.45
CA GLU B 180 6.15 -9.65 -26.13
C GLU B 180 5.28 -10.89 -25.99
N SER B 181 5.35 -11.76 -26.99
CA SER B 181 4.73 -13.08 -26.90
C SER B 181 5.61 -14.01 -26.07
N TYR B 182 4.96 -14.90 -25.32
CA TYR B 182 5.72 -15.76 -24.40
C TYR B 182 6.13 -17.07 -25.06
N GLY B 183 5.20 -17.75 -25.72
CA GLY B 183 5.49 -19.06 -26.26
C GLY B 183 5.75 -19.10 -27.74
N TYR B 184 5.00 -18.32 -28.51
CA TYR B 184 5.11 -18.34 -29.96
C TYR B 184 6.24 -17.44 -30.42
N THR B 185 7.10 -17.98 -31.29
CA THR B 185 8.22 -17.24 -31.83
C THR B 185 7.77 -16.41 -33.03
N THR B 186 8.73 -15.73 -33.66
CA THR B 186 8.42 -14.93 -34.85
C THR B 186 7.94 -15.78 -36.01
N ASP B 187 8.28 -17.07 -36.03
CA ASP B 187 7.78 -17.96 -37.07
C ASP B 187 6.32 -18.30 -36.91
N ASP B 188 5.73 -18.03 -35.74
CA ASP B 188 4.34 -18.36 -35.49
C ASP B 188 3.44 -17.15 -35.25
N ILE B 189 4.00 -16.01 -34.86
CA ILE B 189 3.18 -14.84 -34.55
C ILE B 189 4.02 -13.59 -34.80
N GLU B 190 3.36 -12.50 -35.18
CA GLU B 190 4.00 -11.22 -35.42
C GLU B 190 3.18 -10.12 -34.77
N PHE B 191 3.87 -9.14 -34.21
CA PHE B 191 3.23 -8.00 -33.54
C PHE B 191 3.50 -6.72 -34.33
N TYR B 192 2.49 -5.87 -34.42
CA TYR B 192 2.63 -4.57 -35.04
C TYR B 192 1.67 -3.59 -34.38
N TRP B 193 2.04 -2.31 -34.40
CA TRP B 193 1.18 -1.27 -33.85
C TRP B 193 0.10 -0.95 -34.88
N ARG B 194 -1.14 -1.28 -34.55
CA ARG B 194 -2.25 -1.01 -35.46
C ARG B 194 -2.55 0.48 -35.50
N GLY B 195 -2.40 1.09 -36.67
CA GLY B 195 -2.57 2.51 -36.82
C GLY B 195 -1.31 3.33 -36.81
N GLY B 196 -0.14 2.69 -36.84
CA GLY B 196 1.10 3.44 -36.87
C GLY B 196 1.34 4.15 -35.54
N ASP B 197 1.74 5.42 -35.63
CA ASP B 197 2.03 6.21 -34.44
C ASP B 197 0.78 6.56 -33.65
N LYS B 198 -0.41 6.31 -34.19
CA LYS B 198 -1.67 6.58 -33.50
C LYS B 198 -2.18 5.37 -32.74
N ALA B 199 -1.40 4.30 -32.64
CA ALA B 199 -1.84 3.10 -31.94
C ALA B 199 -2.10 3.37 -30.47
N VAL B 200 -1.22 4.15 -29.83
CA VAL B 200 -1.34 4.47 -28.41
C VAL B 200 -2.00 5.83 -28.28
N THR B 201 -3.13 5.88 -27.59
CA THR B 201 -3.89 7.10 -27.35
C THR B 201 -4.02 7.33 -25.84
N GLY B 202 -4.65 8.44 -25.48
CA GLY B 202 -4.87 8.76 -24.09
C GLY B 202 -3.66 9.26 -23.34
N VAL B 203 -2.59 9.64 -24.05
CA VAL B 203 -1.39 10.13 -23.38
C VAL B 203 -1.70 11.45 -22.67
N GLU B 204 -2.55 12.27 -23.26
CA GLU B 204 -2.95 13.53 -22.63
C GLU B 204 -3.72 13.32 -21.33
N ARG B 205 -4.34 12.16 -21.15
CA ARG B 205 -5.07 11.88 -19.91
C ARG B 205 -4.13 11.73 -18.72
N ILE B 206 -2.84 11.49 -18.96
CA ILE B 206 -1.89 11.28 -17.87
C ILE B 206 -1.70 12.59 -17.12
N GLU B 207 -1.99 12.58 -15.83
CA GLU B 207 -1.86 13.76 -14.96
C GLU B 207 -0.96 13.37 -13.80
N LEU B 208 0.35 13.50 -13.98
CA LEU B 208 1.31 13.21 -12.93
C LEU B 208 1.65 14.50 -12.19
N PRO B 209 1.40 14.59 -10.88
CA PRO B 209 1.76 15.82 -10.16
C PRO B 209 3.24 16.13 -10.19
N GLN B 210 4.10 15.11 -10.29
CA GLN B 210 5.54 15.31 -10.22
C GLN B 210 6.23 15.24 -11.58
N PHE B 211 5.56 14.74 -12.61
CA PHE B 211 6.17 14.54 -13.92
C PHE B 211 5.27 15.08 -15.02
N SER B 212 5.88 15.33 -16.18
CA SER B 212 5.16 15.73 -17.38
C SER B 212 5.61 14.85 -18.53
N ILE B 213 4.64 14.43 -19.35
CA ILE B 213 4.91 13.52 -20.47
C ILE B 213 5.49 14.36 -21.60
N VAL B 214 6.81 14.37 -21.74
CA VAL B 214 7.45 15.14 -22.80
C VAL B 214 7.15 14.50 -24.16
N GLU B 215 7.31 13.19 -24.27
CA GLU B 215 7.15 12.51 -25.54
C GLU B 215 6.93 11.02 -25.30
N HIS B 216 6.26 10.37 -26.25
CA HIS B 216 6.10 8.93 -26.24
C HIS B 216 6.45 8.38 -27.61
N ARG B 217 7.02 7.17 -27.62
CA ARG B 217 7.49 6.55 -28.85
C ARG B 217 6.98 5.12 -28.93
N LEU B 218 6.82 4.64 -30.16
CA LEU B 218 6.43 3.27 -30.44
C LEU B 218 7.56 2.58 -31.18
N VAL B 219 8.02 1.45 -30.64
CA VAL B 219 9.16 0.72 -31.19
C VAL B 219 8.75 -0.72 -31.43
N SER B 220 9.04 -1.23 -32.61
CA SER B 220 8.81 -2.62 -32.97
C SER B 220 10.14 -3.27 -33.31
N ARG B 221 10.43 -4.41 -32.69
CA ARG B 221 11.70 -5.08 -32.87
C ARG B 221 11.52 -6.57 -32.58
N ASN B 222 12.52 -7.35 -32.96
CA ASN B 222 12.56 -8.77 -32.67
C ASN B 222 13.70 -9.06 -31.71
N VAL B 223 13.37 -9.75 -30.62
CA VAL B 223 14.33 -10.09 -29.57
C VAL B 223 14.60 -11.59 -29.64
N VAL B 224 15.88 -11.96 -29.65
CA VAL B 224 16.30 -13.34 -29.81
C VAL B 224 16.75 -13.89 -28.46
N PHE B 225 16.19 -15.02 -28.07
CA PHE B 225 16.57 -15.75 -26.87
C PHE B 225 17.09 -17.14 -27.25
N ALA B 226 17.42 -17.93 -26.24
CA ALA B 226 17.87 -19.29 -26.49
C ALA B 226 16.79 -20.13 -27.15
N THR B 227 15.54 -19.98 -26.69
CA THR B 227 14.44 -20.74 -27.27
C THR B 227 14.16 -20.31 -28.70
N GLY B 228 14.29 -19.01 -28.98
CA GLY B 228 14.06 -18.53 -30.33
C GLY B 228 13.95 -17.01 -30.34
N ALA B 229 13.53 -16.50 -31.49
CA ALA B 229 13.33 -15.07 -31.69
C ALA B 229 11.85 -14.74 -31.50
N TYR B 230 11.57 -13.73 -30.69
CA TYR B 230 10.20 -13.39 -30.37
C TYR B 230 9.89 -11.95 -30.75
N PRO B 231 8.70 -11.66 -31.27
CA PRO B 231 8.34 -10.29 -31.59
C PRO B 231 8.22 -9.44 -30.33
N ARG B 232 8.58 -8.17 -30.46
CA ARG B 232 8.60 -7.25 -29.33
C ARG B 232 7.98 -5.93 -29.74
N LEU B 233 7.09 -5.42 -28.90
CA LEU B 233 6.56 -4.07 -29.02
C LEU B 233 6.93 -3.30 -27.76
N SER B 234 7.47 -2.10 -27.93
N SER B 234 7.47 -2.10 -27.94
CA SER B 234 7.93 -1.27 -26.83
CA SER B 234 7.92 -1.27 -26.84
C SER B 234 7.20 0.07 -26.86
C SER B 234 7.21 0.06 -26.86
N LEU B 235 6.71 0.48 -25.70
CA LEU B 235 6.07 1.78 -25.53
C LEU B 235 6.83 2.52 -24.44
N SER B 236 7.40 3.68 -24.79
CA SER B 236 8.28 4.42 -23.90
C SER B 236 7.78 5.84 -23.72
N PHE B 237 7.86 6.33 -22.49
CA PHE B 237 7.53 7.71 -22.16
C PHE B 237 8.75 8.40 -21.59
N ARG B 238 8.98 9.63 -22.01
CA ARG B 238 10.05 10.45 -21.45
C ARG B 238 9.42 11.42 -20.45
N LEU B 239 9.80 11.29 -19.18
CA LEU B 239 9.20 12.05 -18.09
C LEU B 239 10.18 13.11 -17.60
N LYS B 240 9.68 14.34 -17.46
CA LYS B 240 10.46 15.44 -16.92
C LYS B 240 9.90 15.80 -15.56
N ARG B 241 10.76 15.78 -14.54
CA ARG B 241 10.31 16.04 -13.18
C ARG B 241 10.04 17.53 -12.98
N ASN B 242 9.02 17.83 -12.18
CA ASN B 242 8.67 19.21 -11.86
C ASN B 242 9.48 19.68 -10.66
N ILE B 243 10.18 20.82 -10.82
CA ILE B 243 11.06 21.33 -9.78
C ILE B 243 10.32 22.19 -8.75
N GLY B 244 9.05 22.49 -8.98
CA GLY B 244 8.34 23.40 -8.09
C GLY B 244 8.25 22.90 -6.66
N TYR B 245 7.94 21.61 -6.49
CA TYR B 245 7.82 21.06 -5.15
C TYR B 245 9.16 21.06 -4.40
N PHE B 246 10.24 20.71 -5.10
CA PHE B 246 11.52 20.54 -4.42
C PHE B 246 12.13 21.88 -4.03
N ILE B 247 11.84 22.94 -4.76
CA ILE B 247 12.36 24.27 -4.39
C ILE B 247 11.82 24.67 -3.02
N LEU B 248 10.51 24.48 -2.81
CA LEU B 248 9.91 24.84 -1.54
C LEU B 248 10.27 23.84 -0.45
N GLN B 249 10.30 22.55 -0.78
CA GLN B 249 10.49 21.52 0.23
C GLN B 249 11.94 21.49 0.73
N THR B 250 12.90 21.54 -0.18
CA THR B 250 14.29 21.30 0.17
C THR B 250 15.20 22.50 -0.06
N TYR B 251 15.17 23.10 -1.25
CA TYR B 251 16.14 24.14 -1.58
C TYR B 251 15.92 25.39 -0.71
N MET B 252 14.68 25.86 -0.62
CA MET B 252 14.42 27.07 0.16
C MET B 252 14.78 26.93 1.63
N PRO B 253 14.39 25.86 2.35
CA PRO B 253 14.82 25.77 3.75
C PRO B 253 16.33 25.76 3.93
N SER B 254 17.05 25.12 3.01
N SER B 254 17.05 25.12 3.01
CA SER B 254 18.51 25.08 3.10
CA SER B 254 18.51 25.09 3.09
C SER B 254 19.11 26.49 2.94
C SER B 254 19.11 26.49 2.94
N ILE B 255 18.58 27.26 2.00
CA ILE B 255 19.09 28.62 1.79
C ILE B 255 18.83 29.48 3.02
N LEU B 256 17.63 29.38 3.59
CA LEU B 256 17.29 30.19 4.75
C LEU B 256 18.18 29.88 5.94
N ILE B 257 18.51 28.60 6.14
CA ILE B 257 19.43 28.23 7.22
C ILE B 257 20.81 28.82 6.96
N THR B 258 21.27 28.77 5.71
CA THR B 258 22.58 29.35 5.38
C THR B 258 22.58 30.85 5.62
N ILE B 259 21.51 31.54 5.23
CA ILE B 259 21.40 32.97 5.52
C ILE B 259 21.33 33.19 7.02
N LEU B 260 20.67 32.29 7.75
CA LEU B 260 20.55 32.43 9.20
C LEU B 260 21.92 32.40 9.87
N SER B 261 22.83 31.56 9.37
CA SER B 261 24.17 31.49 9.94
C SER B 261 24.92 32.81 9.76
N TRP B 262 24.65 33.53 8.67
CA TRP B 262 25.33 34.79 8.42
C TRP B 262 24.97 35.86 9.45
N VAL B 263 23.86 35.68 10.17
CA VAL B 263 23.47 36.65 11.19
C VAL B 263 24.51 36.73 12.30
N SER B 264 25.22 35.62 12.56
CA SER B 264 26.24 35.62 13.60
C SER B 264 27.34 36.63 13.33
N PHE B 265 27.58 36.95 12.05
CA PHE B 265 28.64 37.90 11.71
C PHE B 265 28.35 39.29 12.28
N TRP B 266 27.09 39.72 12.20
CA TRP B 266 26.74 41.04 12.73
CA TRP B 266 26.72 41.03 12.73
C TRP B 266 26.68 41.06 14.25
N ILE B 267 26.56 39.89 14.89
CA ILE B 267 26.53 39.84 16.34
CA ILE B 267 26.53 39.84 16.34
C ILE B 267 27.92 40.10 16.90
N ASN B 268 28.00 40.85 17.99
CA ASN B 268 29.28 41.19 18.58
C ASN B 268 30.01 39.94 19.06
N TYR B 269 31.34 39.99 19.00
CA TYR B 269 32.15 38.82 19.33
C TYR B 269 32.05 38.45 20.80
N ASP B 270 31.82 39.43 21.68
CA ASP B 270 31.75 39.13 23.11
C ASP B 270 30.57 38.24 23.46
N ALA B 271 29.50 38.25 22.65
CA ALA B 271 28.34 37.38 22.88
C ALA B 271 28.70 35.95 22.44
N SER B 272 29.53 35.31 23.26
CA SER B 272 30.02 33.97 22.93
C SER B 272 28.88 32.96 22.91
N ALA B 273 27.97 33.03 23.88
CA ALA B 273 26.88 32.07 23.94
C ALA B 273 25.96 32.19 22.72
N ALA B 274 25.66 33.41 22.31
CA ALA B 274 24.72 33.62 21.21
C ALA B 274 25.30 33.14 19.88
N ARG B 275 26.53 33.55 19.57
CA ARG B 275 27.11 33.19 18.29
C ARG B 275 27.38 31.69 18.19
N VAL B 276 27.84 31.08 19.29
CA VAL B 276 28.05 29.63 19.28
C VAL B 276 26.73 28.90 19.09
N ALA B 277 25.68 29.35 19.78
CA ALA B 277 24.37 28.72 19.62
C ALA B 277 23.86 28.87 18.20
N LEU B 278 24.09 30.03 17.59
CA LEU B 278 23.64 30.24 16.21
C LEU B 278 24.34 29.28 15.26
N GLY B 279 25.65 29.09 15.43
CA GLY B 279 26.36 28.17 14.55
C GLY B 279 25.93 26.73 14.74
N ILE B 280 25.72 26.32 15.98
CA ILE B 280 25.36 24.92 16.26
C ILE B 280 24.00 24.60 15.66
N THR B 281 23.00 25.43 15.94
CA THR B 281 21.63 25.13 15.55
C THR B 281 21.50 25.04 14.04
N THR B 282 22.18 25.92 13.31
CA THR B 282 22.15 25.86 11.85
C THR B 282 22.76 24.55 11.34
N VAL B 283 23.87 24.11 11.97
CA VAL B 283 24.48 22.84 11.56
C VAL B 283 23.55 21.67 11.85
N LEU B 284 22.94 21.66 13.04
CA LEU B 284 22.04 20.58 13.40
C LEU B 284 20.83 20.55 12.49
N THR B 285 20.27 21.72 12.17
CA THR B 285 19.11 21.77 11.29
C THR B 285 19.47 21.27 9.89
N MET B 286 20.67 21.61 9.41
CA MET B 286 21.10 21.15 8.10
C MET B 286 21.18 19.62 8.04
N THR B 287 21.65 19.00 9.13
CA THR B 287 21.71 17.54 9.18
C THR B 287 20.31 16.93 9.10
N THR B 288 19.35 17.51 9.83
CA THR B 288 17.99 16.99 9.83
C THR B 288 17.38 17.06 8.45
N ILE B 289 17.59 18.17 7.73
CA ILE B 289 17.08 18.30 6.37
C ILE B 289 17.72 17.25 5.47
N ASN B 290 19.03 17.05 5.60
CA ASN B 290 19.73 16.08 4.76
C ASN B 290 19.23 14.66 5.01
N THR B 291 18.99 14.32 6.29
CA THR B 291 18.51 12.98 6.62
C THR B 291 17.13 12.74 6.01
N HIS B 292 16.24 13.72 6.10
CA HIS B 292 14.87 13.54 5.60
C HIS B 292 14.86 13.29 4.10
N LEU B 293 15.66 14.03 3.34
CA LEU B 293 15.66 13.89 1.89
C LEU B 293 16.11 12.48 1.47
N ARG B 294 17.20 12.00 2.06
CA ARG B 294 17.75 10.71 1.66
C ARG B 294 16.86 9.54 2.07
N GLU B 295 15.99 9.72 3.07
CA GLU B 295 15.07 8.66 3.44
C GLU B 295 13.99 8.44 2.39
N THR B 296 13.67 9.47 1.62
CA THR B 296 12.63 9.38 0.60
C THR B 296 13.14 8.83 -0.72
N LEU B 297 14.42 8.49 -0.80
CA LEU B 297 15.05 8.06 -2.04
C LEU B 297 15.76 6.72 -1.83
N PRO B 298 15.91 5.93 -2.89
CA PRO B 298 16.60 4.65 -2.74
C PRO B 298 18.07 4.84 -2.41
N LYS B 299 18.64 3.82 -1.76
CA LYS B 299 20.02 3.87 -1.28
C LYS B 299 20.98 3.65 -2.45
N ILE B 300 21.02 4.63 -3.33
CA ILE B 300 21.94 4.61 -4.47
C ILE B 300 23.31 5.05 -4.00
N PRO B 301 24.39 4.52 -4.59
CA PRO B 301 25.74 4.87 -4.10
C PRO B 301 26.24 6.21 -4.61
N TYR B 302 25.81 6.60 -5.82
CA TYR B 302 26.29 7.82 -6.41
C TYR B 302 25.63 9.04 -5.78
N VAL B 303 26.27 10.19 -5.96
CA VAL B 303 25.82 11.44 -5.34
C VAL B 303 24.82 12.12 -6.27
N LYS B 304 23.66 12.46 -5.73
CA LYS B 304 22.63 13.16 -6.50
C LYS B 304 22.94 14.65 -6.57
N ALA B 305 22.27 15.33 -7.49
CA ALA B 305 22.44 16.78 -7.60
C ALA B 305 21.96 17.48 -6.34
N ILE B 306 20.84 17.03 -5.77
CA ILE B 306 20.33 17.64 -4.55
C ILE B 306 21.28 17.38 -3.39
N ASP B 307 21.93 16.22 -3.36
CA ASP B 307 22.92 15.94 -2.31
C ASP B 307 24.09 16.90 -2.40
N MET B 308 24.53 17.24 -3.60
CA MET B 308 25.62 18.19 -3.76
C MET B 308 25.26 19.55 -3.18
N TYR B 309 24.02 20.00 -3.41
CA TYR B 309 23.59 21.28 -2.87
C TYR B 309 23.56 21.25 -1.35
N LEU B 310 23.04 20.16 -0.77
CA LEU B 310 23.00 20.05 0.69
C LEU B 310 24.39 20.00 1.29
N MET B 311 25.32 19.28 0.64
CA MET B 311 26.70 19.25 1.13
C MET B 311 27.32 20.64 1.06
N GLY B 312 27.09 21.36 -0.03
CA GLY B 312 27.61 22.72 -0.12
C GLY B 312 27.06 23.64 0.94
N CYS B 313 25.76 23.55 1.21
CA CYS B 313 25.16 24.35 2.27
C CYS B 313 25.74 24.00 3.62
N PHE B 314 25.99 22.71 3.87
CA PHE B 314 26.59 22.31 5.13
C PHE B 314 27.99 22.88 5.29
N VAL B 315 28.74 23.00 4.19
CA VAL B 315 30.08 23.57 4.27
C VAL B 315 30.03 25.02 4.73
N PHE B 316 29.11 25.80 4.18
CA PHE B 316 29.04 27.23 4.51
C PHE B 316 28.71 27.43 5.98
N VAL B 317 27.72 26.70 6.50
CA VAL B 317 27.34 26.87 7.90
C VAL B 317 28.43 26.35 8.82
N PHE B 318 29.10 25.25 8.43
CA PHE B 318 30.21 24.75 9.23
C PHE B 318 31.37 25.73 9.25
N LEU B 319 31.67 26.35 8.10
CA LEU B 319 32.73 27.36 8.06
C LEU B 319 32.34 28.58 8.88
N ALA B 320 31.06 28.93 8.90
CA ALA B 320 30.62 30.09 9.67
C ALA B 320 30.89 29.89 11.16
N LEU B 321 30.59 28.69 11.68
CA LEU B 321 30.89 28.40 13.07
C LEU B 321 32.40 28.36 13.31
N LEU B 322 33.15 27.79 12.35
CA LEU B 322 34.60 27.83 12.45
C LEU B 322 35.14 29.25 12.36
N GLU B 323 34.42 30.12 11.64
CA GLU B 323 34.86 31.52 11.52
C GLU B 323 34.87 32.20 12.88
N TYR B 324 33.82 32.00 13.68
CA TYR B 324 33.79 32.62 15.01
C TYR B 324 34.83 32.00 15.93
N ALA B 325 35.09 30.70 15.79
CA ALA B 325 36.13 30.07 16.61
C ALA B 325 37.49 30.71 16.36
N PHE B 326 37.80 31.00 15.10
CA PHE B 326 39.01 31.76 14.80
C PHE B 326 38.96 33.15 15.39
N VAL B 327 37.80 33.81 15.31
CA VAL B 327 37.65 35.15 15.89
C VAL B 327 37.81 35.10 17.39
N ASN B 328 37.19 34.11 18.04
CA ASN B 328 37.30 33.99 19.49
C ASN B 328 38.75 33.69 19.91
N TYR B 329 39.44 32.85 19.14
CA TYR B 329 40.81 32.49 19.50
C TYR B 329 41.74 33.70 19.41
N ILE B 330 41.64 34.47 18.33
CA ILE B 330 42.54 35.60 18.16
C ILE B 330 42.21 36.72 19.16
N PHE B 331 40.93 36.90 19.46
CA PHE B 331 40.54 37.93 20.42
C PHE B 331 41.06 37.61 21.82
N PHE B 332 41.01 36.35 22.23
CA PHE B 332 41.51 35.95 23.53
C PHE B 332 42.89 35.29 23.40
N ALA B 447 37.18 43.29 12.53
CA ALA B 447 37.64 43.36 11.15
C ALA B 447 37.38 42.04 10.43
N ILE B 448 37.67 40.93 11.12
CA ILE B 448 37.47 39.61 10.52
C ILE B 448 35.99 39.39 10.21
N ASP B 449 35.11 39.83 11.11
CA ASP B 449 33.67 39.70 10.86
C ASP B 449 33.25 40.50 9.63
N ARG B 450 33.79 41.71 9.48
CA ARG B 450 33.45 42.52 8.30
C ARG B 450 33.88 41.83 7.02
N TRP B 451 35.06 41.22 7.02
CA TRP B 451 35.53 40.49 5.84
CA TRP B 451 35.49 40.52 5.81
C TRP B 451 34.70 39.22 5.58
N SER B 452 34.14 38.63 6.63
CA SER B 452 33.25 37.49 6.47
C SER B 452 31.87 37.92 5.99
N ARG B 453 31.45 39.14 6.31
CA ARG B 453 30.14 39.62 5.90
C ARG B 453 30.01 39.78 4.40
N ILE B 454 31.13 39.91 3.67
CA ILE B 454 31.09 40.07 2.23
C ILE B 454 31.51 38.79 1.50
N VAL B 455 32.42 38.00 2.06
CA VAL B 455 32.89 36.80 1.39
C VAL B 455 31.79 35.74 1.35
N PHE B 456 31.16 35.47 2.49
CA PHE B 456 30.18 34.38 2.56
C PHE B 456 28.98 34.60 1.65
N PRO B 457 28.29 35.76 1.69
CA PRO B 457 27.18 35.96 0.72
C PRO B 457 27.64 35.91 -0.72
N PHE B 458 28.83 36.43 -1.02
CA PHE B 458 29.33 36.40 -2.39
C PHE B 458 29.66 34.98 -2.82
N THR B 459 30.35 34.22 -1.96
CA THR B 459 30.70 32.84 -2.31
C THR B 459 29.46 31.98 -2.47
N PHE B 460 28.49 32.14 -1.56
CA PHE B 460 27.25 31.37 -1.66
C PHE B 460 26.47 31.72 -2.93
N SER B 461 26.42 33.01 -3.28
CA SER B 461 25.78 33.40 -4.52
C SER B 461 26.52 32.82 -5.72
N LEU B 462 27.85 32.82 -5.68
CA LEU B 462 28.63 32.19 -6.74
C LEU B 462 28.36 30.70 -6.82
N PHE B 463 28.25 30.04 -5.66
CA PHE B 463 27.98 28.61 -5.64
C PHE B 463 26.61 28.30 -6.25
N ASN B 464 25.60 29.12 -5.93
CA ASN B 464 24.27 28.90 -6.50
C ASN B 464 24.28 29.07 -8.01
N LEU B 465 24.98 30.10 -8.50
CA LEU B 465 25.02 30.33 -9.94
C LEU B 465 25.67 29.17 -10.67
N VAL B 466 26.77 28.64 -10.13
CA VAL B 466 27.43 27.50 -10.74
C VAL B 466 26.53 26.27 -10.67
N TYR B 467 25.86 26.05 -9.53
CA TYR B 467 25.04 24.87 -9.36
C TYR B 467 23.87 24.85 -10.33
N TRP B 468 23.14 25.96 -10.44
CA TRP B 468 21.95 25.98 -11.27
C TRP B 468 22.30 25.90 -12.75
N LEU B 469 23.35 26.61 -13.18
CA LEU B 469 23.72 26.57 -14.59
C LEU B 469 24.19 25.18 -15.00
N TYR B 470 24.88 24.48 -14.11
CA TYR B 470 25.38 23.15 -14.45
C TYR B 470 24.25 22.16 -14.68
N TYR B 471 23.19 22.25 -13.87
CA TYR B 471 22.10 21.29 -13.92
C TYR B 471 20.89 21.80 -14.71
N VAL B 472 21.02 22.92 -15.41
CA VAL B 472 19.94 23.42 -16.26
C VAL B 472 20.45 23.60 -17.68
N GLY C 32 -46.53 -29.35 -3.27
CA GLY C 32 -45.58 -29.94 -4.20
C GLY C 32 -45.24 -29.02 -5.35
N ASN C 33 -45.34 -27.71 -5.12
CA ASN C 33 -45.03 -26.75 -6.17
C ASN C 33 -43.54 -26.64 -6.45
N MET C 34 -42.69 -27.13 -5.55
CA MET C 34 -41.24 -27.03 -5.77
C MET C 34 -40.83 -27.80 -7.01
N SER C 35 -41.40 -28.99 -7.23
CA SER C 35 -41.14 -29.72 -8.46
C SER C 35 -41.63 -28.95 -9.68
N PHE C 36 -42.81 -28.35 -9.58
CA PHE C 36 -43.33 -27.54 -10.69
C PHE C 36 -42.44 -26.33 -10.94
N VAL C 37 -41.97 -25.68 -9.88
CA VAL C 37 -41.06 -24.55 -10.04
C VAL C 37 -39.74 -25.02 -10.65
N LYS C 38 -39.24 -26.17 -10.20
CA LYS C 38 -38.00 -26.70 -10.76
C LYS C 38 -38.14 -27.00 -12.24
N GLU C 39 -39.27 -27.56 -12.65
CA GLU C 39 -39.51 -27.80 -14.07
C GLU C 39 -39.55 -26.49 -14.85
N THR C 40 -40.19 -25.47 -14.28
CA THR C 40 -40.26 -24.17 -14.94
C THR C 40 -38.87 -23.55 -15.11
N VAL C 41 -38.06 -23.60 -14.06
CA VAL C 41 -36.73 -23.01 -14.12
C VAL C 41 -35.84 -23.77 -15.10
N ASP C 42 -35.91 -25.10 -15.07
CA ASP C 42 -35.12 -25.89 -16.01
C ASP C 42 -35.54 -25.62 -17.45
N LYS C 43 -36.84 -25.39 -17.67
CA LYS C 43 -37.32 -25.04 -19.00
C LYS C 43 -36.74 -23.71 -19.47
N LEU C 44 -36.65 -22.74 -18.56
CA LEU C 44 -36.09 -21.43 -18.92
C LEU C 44 -34.62 -21.55 -19.32
N LEU C 45 -33.85 -22.33 -18.58
CA LEU C 45 -32.43 -22.44 -18.85
C LEU C 45 -32.09 -23.44 -19.94
N LYS C 46 -33.07 -24.19 -20.43
CA LYS C 46 -32.84 -25.14 -21.51
C LYS C 46 -32.74 -24.39 -22.83
N GLY C 47 -31.56 -24.46 -23.46
CA GLY C 47 -31.32 -23.72 -24.68
C GLY C 47 -30.91 -22.28 -24.48
N TYR C 48 -30.81 -21.81 -23.24
CA TYR C 48 -30.40 -20.44 -22.98
C TYR C 48 -28.93 -20.26 -23.33
N ASP C 49 -28.63 -19.20 -24.08
CA ASP C 49 -27.27 -18.90 -24.52
C ASP C 49 -26.80 -17.64 -23.81
N ILE C 50 -25.87 -17.80 -22.86
CA ILE C 50 -25.35 -16.67 -22.12
C ILE C 50 -24.49 -15.77 -23.01
N ARG C 51 -23.98 -16.30 -24.12
CA ARG C 51 -23.11 -15.51 -25.00
C ARG C 51 -23.88 -14.43 -25.74
N LEU C 52 -25.20 -14.54 -25.85
CA LEU C 52 -26.02 -13.61 -26.60
C LEU C 52 -26.84 -12.75 -25.65
N ARG C 53 -26.79 -11.43 -25.86
CA ARG C 53 -27.59 -10.52 -25.06
C ARG C 53 -29.07 -10.66 -25.41
N PRO C 54 -29.96 -10.25 -24.51
CA PRO C 54 -31.39 -10.26 -24.85
C PRO C 54 -31.67 -9.38 -26.06
N ASP C 55 -32.57 -9.84 -26.92
CA ASP C 55 -32.92 -9.17 -28.17
C ASP C 55 -31.67 -8.92 -29.00
N PHE C 56 -30.84 -9.96 -29.13
CA PHE C 56 -29.61 -9.84 -29.90
C PHE C 56 -29.92 -9.55 -31.36
N GLY C 57 -29.21 -8.58 -31.93
CA GLY C 57 -29.45 -8.16 -33.29
C GLY C 57 -30.64 -7.24 -33.47
N GLY C 58 -31.31 -6.85 -32.39
CA GLY C 58 -32.47 -5.99 -32.49
C GLY C 58 -32.28 -4.70 -31.71
N PRO C 59 -33.37 -4.21 -31.10
CA PRO C 59 -33.27 -2.98 -30.33
C PRO C 59 -32.36 -3.17 -29.13
N PRO C 60 -31.67 -2.12 -28.70
CA PRO C 60 -30.83 -2.23 -27.50
C PRO C 60 -31.67 -2.49 -26.26
N VAL C 61 -31.08 -3.21 -25.31
CA VAL C 61 -31.74 -3.53 -24.06
C VAL C 61 -31.46 -2.43 -23.05
N CYS C 62 -32.52 -1.88 -22.47
CA CYS C 62 -32.37 -0.82 -21.48
C CYS C 62 -32.09 -1.42 -20.11
N VAL C 63 -31.07 -0.90 -19.43
CA VAL C 63 -30.67 -1.37 -18.12
C VAL C 63 -30.85 -0.24 -17.13
N GLY C 64 -31.68 -0.46 -16.10
CA GLY C 64 -31.88 0.51 -15.05
C GLY C 64 -30.97 0.20 -13.88
N MET C 65 -30.34 1.25 -13.35
CA MET C 65 -29.34 1.11 -12.30
C MET C 65 -29.67 2.00 -11.12
N ASN C 66 -29.63 1.41 -9.93
N ASN C 66 -29.62 1.42 -9.91
CA ASN C 66 -29.78 2.12 -8.66
CA ASN C 66 -29.78 2.17 -8.68
C ASN C 66 -28.60 1.78 -7.78
C ASN C 66 -28.69 1.77 -7.71
N ILE C 67 -28.16 2.75 -6.98
CA ILE C 67 -27.03 2.56 -6.08
C ILE C 67 -27.48 2.87 -4.67
N ASP C 68 -27.23 1.94 -3.75
CA ASP C 68 -27.51 2.12 -2.33
C ASP C 68 -26.16 2.23 -1.62
N ILE C 69 -25.76 3.46 -1.33
CA ILE C 69 -24.46 3.71 -0.72
CA ILE C 69 -24.45 3.70 -0.73
C ILE C 69 -24.44 3.18 0.70
N ALA C 70 -23.42 2.39 1.03
CA ALA C 70 -23.26 1.91 2.39
C ALA C 70 -22.40 2.87 3.22
N SER C 71 -21.19 3.18 2.74
CA SER C 71 -20.30 4.11 3.42
C SER C 71 -19.17 4.49 2.48
N ILE C 72 -18.49 5.57 2.81
CA ILE C 72 -17.26 5.98 2.16
C ILE C 72 -16.15 5.84 3.21
N ASP C 73 -15.37 4.76 3.09
CA ASP C 73 -14.41 4.42 4.14
C ASP C 73 -13.30 5.46 4.24
N MET C 74 -12.66 5.79 3.13
CA MET C 74 -11.50 6.66 3.15
C MET C 74 -11.54 7.63 1.98
N VAL C 75 -10.91 8.79 2.17
CA VAL C 75 -10.70 9.77 1.13
C VAL C 75 -9.23 10.17 1.22
N SER C 76 -8.41 9.66 0.31
CA SER C 76 -6.96 9.82 0.38
C SER C 76 -6.52 10.92 -0.57
N GLU C 77 -5.92 11.98 -0.03
CA GLU C 77 -5.39 13.05 -0.88
C GLU C 77 -4.09 12.64 -1.55
N VAL C 78 -3.25 11.87 -0.85
CA VAL C 78 -1.96 11.46 -1.41
CA VAL C 78 -1.97 11.47 -1.42
C VAL C 78 -2.18 10.58 -2.64
N ASN C 79 -3.11 9.63 -2.55
CA ASN C 79 -3.40 8.75 -3.67
C ASN C 79 -4.49 9.29 -4.58
N MET C 80 -5.16 10.38 -4.19
CA MET C 80 -6.23 10.99 -4.97
C MET C 80 -7.29 9.97 -5.36
N ASP C 81 -7.83 9.31 -4.34
CA ASP C 81 -8.87 8.30 -4.56
C ASP C 81 -9.69 8.16 -3.27
N TYR C 82 -10.85 7.54 -3.41
CA TYR C 82 -11.73 7.29 -2.29
C TYR C 82 -12.25 5.86 -2.36
N THR C 83 -12.57 5.30 -1.19
CA THR C 83 -13.09 3.95 -1.08
C THR C 83 -14.59 4.00 -0.86
N LEU C 84 -15.33 3.29 -1.70
CA LEU C 84 -16.79 3.34 -1.68
C LEU C 84 -17.35 1.93 -1.57
N THR C 85 -18.29 1.73 -0.65
CA THR C 85 -19.02 0.48 -0.51
C THR C 85 -20.48 0.75 -0.80
N MET C 86 -21.09 -0.07 -1.65
CA MET C 86 -22.43 0.23 -2.13
C MET C 86 -23.11 -1.05 -2.57
N TYR C 87 -24.44 -0.97 -2.70
CA TYR C 87 -25.25 -2.05 -3.24
C TYR C 87 -25.63 -1.68 -4.67
N PHE C 88 -24.93 -2.26 -5.63
CA PHE C 88 -25.14 -1.96 -7.04
C PHE C 88 -26.19 -2.91 -7.61
N GLN C 89 -27.30 -2.34 -8.07
CA GLN C 89 -28.44 -3.13 -8.56
C GLN C 89 -28.73 -2.76 -10.01
N GLN C 90 -28.96 -3.78 -10.83
CA GLN C 90 -29.22 -3.61 -12.25
C GLN C 90 -30.58 -4.19 -12.60
N TYR C 91 -31.36 -3.45 -13.38
N TYR C 91 -31.32 -3.48 -13.44
CA TYR C 91 -32.70 -3.84 -13.77
CA TYR C 91 -32.70 -3.80 -13.79
C TYR C 91 -32.78 -3.93 -15.29
C TYR C 91 -32.81 -3.91 -15.30
N TRP C 92 -33.21 -5.08 -15.79
CA TRP C 92 -33.39 -5.26 -17.23
C TRP C 92 -34.38 -6.39 -17.45
N ARG C 93 -34.92 -6.43 -18.66
CA ARG C 93 -35.92 -7.42 -19.04
C ARG C 93 -35.35 -8.37 -20.09
N ASP C 94 -35.46 -9.66 -19.83
CA ASP C 94 -35.04 -10.71 -20.76
C ASP C 94 -36.23 -11.61 -21.01
N LYS C 95 -36.80 -11.53 -22.22
CA LYS C 95 -37.96 -12.32 -22.55
C LYS C 95 -37.69 -13.82 -22.56
N ARG C 96 -36.43 -14.23 -22.69
CA ARG C 96 -36.08 -15.64 -22.63
C ARG C 96 -36.32 -16.23 -21.24
N LEU C 97 -36.35 -15.40 -20.20
CA LEU C 97 -36.56 -15.86 -18.84
C LEU C 97 -37.99 -15.66 -18.36
N ALA C 98 -38.90 -15.23 -19.24
CA ALA C 98 -40.28 -15.04 -18.85
C ALA C 98 -40.95 -16.39 -18.56
N TYR C 99 -41.71 -16.42 -17.48
CA TYR C 99 -42.42 -17.63 -17.06
C TYR C 99 -43.87 -17.30 -16.75
N SER C 100 -44.73 -18.30 -16.89
CA SER C 100 -46.16 -18.13 -16.66
C SER C 100 -46.65 -19.23 -15.72
N GLY C 101 -47.75 -18.94 -15.04
CA GLY C 101 -48.35 -19.87 -14.11
C GLY C 101 -47.88 -19.75 -12.68
N ILE C 102 -46.87 -18.94 -12.42
CA ILE C 102 -46.34 -18.71 -11.08
C ILE C 102 -46.47 -17.23 -10.76
N PRO C 103 -47.51 -16.82 -10.02
CA PRO C 103 -47.71 -15.42 -9.66
C PRO C 103 -46.81 -14.95 -8.52
N LEU C 104 -45.52 -15.25 -8.62
CA LEU C 104 -44.55 -14.90 -7.60
C LEU C 104 -43.25 -14.45 -8.25
N ASN C 105 -42.47 -13.70 -7.50
CA ASN C 105 -41.13 -13.28 -7.93
C ASN C 105 -40.13 -14.30 -7.41
N LEU C 106 -39.50 -15.03 -8.33
CA LEU C 106 -38.60 -16.11 -7.97
C LEU C 106 -37.26 -15.52 -7.51
N THR C 107 -36.99 -15.65 -6.22
CA THR C 107 -35.70 -15.23 -5.65
C THR C 107 -34.79 -16.46 -5.64
N LEU C 108 -33.94 -16.56 -6.65
CA LEU C 108 -33.09 -17.72 -6.81
C LEU C 108 -31.76 -17.53 -6.08
N ASP C 109 -31.00 -18.62 -5.97
CA ASP C 109 -29.68 -18.55 -5.36
C ASP C 109 -28.73 -17.71 -6.21
N ASN C 110 -27.76 -17.10 -5.55
CA ASN C 110 -26.81 -16.25 -6.26
C ASN C 110 -25.97 -17.02 -7.26
N ARG C 111 -25.85 -18.34 -7.11
CA ARG C 111 -25.07 -19.14 -8.04
C ARG C 111 -25.76 -19.34 -9.38
N VAL C 112 -27.04 -19.00 -9.49
CA VAL C 112 -27.73 -19.11 -10.77
C VAL C 112 -27.32 -18.02 -11.75
N ALA C 113 -26.66 -16.95 -11.27
CA ALA C 113 -26.24 -15.87 -12.14
C ALA C 113 -25.18 -16.32 -13.16
N ASP C 114 -24.48 -17.42 -12.89
CA ASP C 114 -23.48 -17.91 -13.83
C ASP C 114 -24.11 -18.49 -15.08
N GLN C 115 -25.38 -18.89 -15.03
CA GLN C 115 -26.08 -19.42 -16.18
C GLN C 115 -26.98 -18.39 -16.85
N LEU C 116 -26.84 -17.11 -16.48
CA LEU C 116 -27.67 -16.05 -17.04
C LEU C 116 -26.78 -14.95 -17.62
N TRP C 117 -27.29 -14.30 -18.65
CA TRP C 117 -26.61 -13.14 -19.22
C TRP C 117 -26.73 -11.96 -18.27
N VAL C 118 -25.62 -11.27 -18.04
CA VAL C 118 -25.61 -10.07 -17.20
C VAL C 118 -24.88 -8.97 -17.95
N PRO C 119 -25.24 -7.71 -17.76
CA PRO C 119 -24.52 -6.62 -18.44
C PRO C 119 -23.07 -6.58 -18.01
N ASP C 120 -22.21 -6.18 -18.95
CA ASP C 120 -20.79 -6.07 -18.67
C ASP C 120 -20.48 -4.70 -18.05
N THR C 121 -21.16 -4.37 -16.96
CA THR C 121 -20.99 -3.07 -16.33
C THR C 121 -19.67 -3.02 -15.58
N TYR C 122 -18.90 -1.96 -15.81
CA TYR C 122 -17.64 -1.74 -15.12
C TYR C 122 -17.52 -0.27 -14.78
N PHE C 123 -16.65 0.02 -13.82
CA PHE C 123 -16.40 1.39 -13.38
C PHE C 123 -15.13 1.89 -14.05
N LEU C 124 -15.22 3.02 -14.76
CA LEU C 124 -14.10 3.49 -15.56
C LEU C 124 -12.98 4.05 -14.70
N ASN C 125 -13.33 4.76 -13.62
CA ASN C 125 -12.34 5.46 -12.82
C ASN C 125 -11.92 4.69 -11.57
N ASP C 126 -12.32 3.42 -11.44
CA ASP C 126 -11.93 2.65 -10.28
C ASP C 126 -10.47 2.22 -10.37
N LYS C 127 -9.86 1.98 -9.21
CA LYS C 127 -8.49 1.52 -9.14
C LYS C 127 -8.37 0.09 -8.63
N LYS C 128 -9.23 -0.33 -7.71
CA LYS C 128 -9.23 -1.70 -7.20
C LYS C 128 -10.60 -1.96 -6.60
N SER C 129 -11.30 -2.96 -7.12
CA SER C 129 -12.65 -3.27 -6.66
CA SER C 129 -12.66 -3.28 -6.68
C SER C 129 -12.81 -4.78 -6.53
N PHE C 130 -13.74 -5.18 -5.68
CA PHE C 130 -14.02 -6.59 -5.44
C PHE C 130 -15.45 -6.73 -4.94
N VAL C 131 -15.95 -7.96 -5.02
CA VAL C 131 -17.29 -8.31 -4.55
C VAL C 131 -17.14 -9.19 -3.32
N HIS C 132 -17.81 -8.82 -2.24
CA HIS C 132 -17.72 -9.58 -1.00
C HIS C 132 -18.27 -10.99 -1.19
N GLY C 133 -17.64 -11.96 -0.54
CA GLY C 133 -18.01 -13.35 -0.70
C GLY C 133 -18.15 -14.12 0.58
N VAL C 134 -18.59 -13.45 1.65
CA VAL C 134 -18.80 -14.08 2.95
C VAL C 134 -20.21 -13.77 3.41
N THR C 135 -20.97 -14.81 3.78
CA THR C 135 -20.50 -16.19 3.76
C THR C 135 -20.60 -16.80 2.38
N VAL C 136 -21.37 -16.13 1.51
CA VAL C 136 -21.44 -16.44 0.10
C VAL C 136 -21.23 -15.15 -0.67
N LYS C 137 -21.15 -15.26 -1.99
CA LYS C 137 -20.97 -14.07 -2.81
CA LYS C 137 -20.97 -14.07 -2.81
C LYS C 137 -22.16 -13.13 -2.63
N ASN C 138 -21.87 -11.85 -2.39
CA ASN C 138 -22.90 -10.85 -2.15
C ASN C 138 -23.57 -10.53 -3.48
N ARG C 139 -24.47 -11.42 -3.89
CA ARG C 139 -25.12 -11.35 -5.19
C ARG C 139 -26.57 -11.77 -5.05
N MET C 140 -27.45 -11.10 -5.79
CA MET C 140 -28.88 -11.37 -5.70
C MET C 140 -29.46 -11.49 -7.11
N ILE C 141 -30.26 -12.53 -7.32
CA ILE C 141 -31.00 -12.72 -8.56
C ILE C 141 -32.47 -12.88 -8.20
N ARG C 142 -33.33 -12.07 -8.84
CA ARG C 142 -34.76 -12.08 -8.57
C ARG C 142 -35.50 -11.92 -9.89
N LEU C 143 -35.99 -13.04 -10.42
CA LEU C 143 -36.72 -13.00 -11.68
C LEU C 143 -38.15 -12.52 -11.46
N HIS C 144 -38.80 -12.16 -12.56
CA HIS C 144 -40.18 -11.71 -12.54
C HIS C 144 -40.97 -12.40 -13.65
N PRO C 145 -42.28 -12.53 -13.48
CA PRO C 145 -43.08 -13.26 -14.49
C PRO C 145 -42.99 -12.66 -15.88
N ASP C 146 -42.82 -11.34 -16.00
CA ASP C 146 -42.76 -10.70 -17.30
C ASP C 146 -41.38 -10.76 -17.93
N GLY C 147 -40.40 -11.37 -17.27
CA GLY C 147 -39.05 -11.44 -17.77
C GLY C 147 -38.08 -10.45 -17.15
N THR C 148 -38.56 -9.57 -16.27
CA THR C 148 -37.68 -8.62 -15.62
C THR C 148 -36.71 -9.34 -14.69
N VAL C 149 -35.45 -8.95 -14.74
CA VAL C 149 -34.38 -9.56 -13.95
C VAL C 149 -33.76 -8.50 -13.07
N LEU C 150 -33.65 -8.80 -11.78
N LEU C 150 -33.65 -8.80 -11.78
CA LEU C 150 -32.99 -7.93 -10.80
CA LEU C 150 -33.00 -7.92 -10.81
C LEU C 150 -31.66 -8.56 -10.42
C LEU C 150 -31.67 -8.54 -10.39
N TYR C 151 -30.59 -7.78 -10.54
CA TYR C 151 -29.24 -8.26 -10.26
C TYR C 151 -28.56 -7.26 -9.34
N GLY C 152 -28.30 -7.68 -8.11
CA GLY C 152 -27.71 -6.81 -7.10
C GLY C 152 -26.36 -7.33 -6.65
N LEU C 153 -25.43 -6.40 -6.40
CA LEU C 153 -24.09 -6.74 -5.95
C LEU C 153 -23.66 -5.75 -4.88
N ARG C 154 -23.01 -6.26 -3.84
CA ARG C 154 -22.38 -5.42 -2.82
C ARG C 154 -20.91 -5.30 -3.17
N ILE C 155 -20.50 -4.11 -3.61
CA ILE C 155 -19.19 -3.89 -4.19
C ILE C 155 -18.45 -2.84 -3.35
N THR C 156 -17.22 -3.16 -2.99
CA THR C 156 -16.31 -2.19 -2.38
C THR C 156 -15.30 -1.78 -3.44
N THR C 157 -15.31 -0.50 -3.80
CA THR C 157 -14.50 -0.02 -4.91
C THR C 157 -13.65 1.17 -4.46
N THR C 158 -12.47 1.28 -5.07
CA THR C 158 -11.57 2.41 -4.86
C THR C 158 -11.47 3.16 -6.18
N ALA C 159 -12.12 4.33 -6.25
CA ALA C 159 -12.21 5.11 -7.48
C ALA C 159 -11.29 6.31 -7.37
N ALA C 160 -10.50 6.54 -8.42
CA ALA C 160 -9.61 7.69 -8.45
C ALA C 160 -10.39 8.98 -8.50
N CYS C 161 -9.87 10.01 -7.84
CA CYS C 161 -10.52 11.33 -7.81
C CYS C 161 -9.42 12.38 -7.77
N MET C 162 -9.17 13.02 -8.90
CA MET C 162 -8.19 14.11 -8.94
C MET C 162 -8.69 15.27 -8.09
N MET C 163 -7.80 15.84 -7.29
CA MET C 163 -8.15 16.88 -6.34
C MET C 163 -7.34 18.14 -6.61
N ASP C 164 -8.01 19.28 -6.52
CA ASP C 164 -7.38 20.59 -6.66
C ASP C 164 -7.06 21.10 -5.26
N LEU C 165 -5.78 21.08 -4.90
CA LEU C 165 -5.34 21.45 -3.56
C LEU C 165 -4.80 22.87 -3.49
N ARG C 166 -5.17 23.72 -4.45
CA ARG C 166 -4.73 25.12 -4.40
C ARG C 166 -5.33 25.83 -3.20
N ARG C 167 -6.58 25.56 -2.87
CA ARG C 167 -7.25 26.16 -1.74
C ARG C 167 -7.21 25.28 -0.49
N TYR C 168 -6.42 24.22 -0.52
CA TYR C 168 -6.31 23.33 0.63
C TYR C 168 -5.77 24.09 1.84
N PRO C 169 -6.30 23.84 3.05
CA PRO C 169 -7.35 22.86 3.36
C PRO C 169 -8.77 23.42 3.26
N LEU C 170 -8.92 24.63 2.75
CA LEU C 170 -10.24 25.24 2.58
C LEU C 170 -10.84 24.94 1.22
N ASP C 171 -10.45 23.82 0.61
CA ASP C 171 -10.87 23.49 -0.74
C ASP C 171 -12.18 22.71 -0.75
N GLU C 172 -12.79 22.64 -1.93
CA GLU C 172 -13.98 21.86 -2.17
C GLU C 172 -13.71 20.90 -3.32
N GLN C 173 -14.04 19.62 -3.13
CA GLN C 173 -13.69 18.59 -4.08
C GLN C 173 -14.93 17.99 -4.71
N ASN C 174 -14.80 17.56 -5.96
CA ASN C 174 -15.88 16.93 -6.73
C ASN C 174 -15.36 15.58 -7.22
N CYS C 175 -15.74 14.52 -6.51
CA CYS C 175 -15.35 13.16 -6.86
C CYS C 175 -16.49 12.46 -7.58
N THR C 176 -16.18 11.79 -8.68
CA THR C 176 -17.18 11.17 -9.54
C THR C 176 -16.99 9.66 -9.56
N LEU C 177 -18.05 8.96 -9.94
CA LEU C 177 -18.04 7.52 -10.14
C LEU C 177 -18.61 7.22 -11.52
N GLU C 178 -17.75 6.80 -12.44
CA GLU C 178 -18.15 6.58 -13.82
C GLU C 178 -18.62 5.14 -14.00
N ILE C 179 -19.81 4.97 -14.56
CA ILE C 179 -20.40 3.67 -14.83
C ILE C 179 -20.59 3.55 -16.33
N GLU C 180 -20.08 2.46 -16.92
CA GLU C 180 -20.10 2.31 -18.36
C GLU C 180 -20.08 0.83 -18.72
N SER C 181 -20.68 0.50 -19.86
CA SER C 181 -20.57 -0.83 -20.41
C SER C 181 -19.23 -0.99 -21.13
N TYR C 182 -18.67 -2.19 -21.06
CA TYR C 182 -17.34 -2.40 -21.61
C TYR C 182 -17.38 -2.86 -23.07
N GLY C 183 -18.21 -3.84 -23.39
CA GLY C 183 -18.21 -4.40 -24.72
C GLY C 183 -19.36 -3.94 -25.61
N TYR C 184 -20.55 -3.81 -25.03
CA TYR C 184 -21.73 -3.46 -25.80
C TYR C 184 -21.81 -1.95 -25.98
N THR C 185 -22.02 -1.52 -27.23
CA THR C 185 -22.14 -0.11 -27.55
C THR C 185 -23.58 0.36 -27.30
N THR C 186 -23.85 1.63 -27.64
CA THR C 186 -25.19 2.17 -27.47
C THR C 186 -26.20 1.48 -28.38
N ASP C 187 -25.75 0.88 -29.48
CA ASP C 187 -26.65 0.14 -30.36
C ASP C 187 -27.11 -1.18 -29.75
N ASP C 188 -26.45 -1.66 -28.70
CA ASP C 188 -26.79 -2.93 -28.09
C ASP C 188 -27.30 -2.82 -26.66
N ILE C 189 -26.99 -1.73 -25.95
CA ILE C 189 -27.38 -1.59 -24.55
C ILE C 189 -27.51 -0.11 -24.23
N GLU C 190 -28.41 0.21 -23.29
CA GLU C 190 -28.62 1.57 -22.85
C GLU C 190 -28.72 1.58 -21.32
N PHE C 191 -28.16 2.63 -20.71
CA PHE C 191 -28.17 2.79 -19.28
C PHE C 191 -29.02 4.00 -18.88
N TYR C 192 -29.77 3.85 -17.80
CA TYR C 192 -30.56 4.95 -17.26
C TYR C 192 -30.67 4.77 -15.76
N TRP C 193 -30.83 5.89 -15.06
CA TRP C 193 -31.03 5.86 -13.61
C TRP C 193 -32.48 5.50 -13.31
N ARG C 194 -32.69 4.32 -12.74
CA ARG C 194 -34.04 3.88 -12.42
C ARG C 194 -34.57 4.67 -11.23
N GLY C 195 -35.64 5.42 -11.45
CA GLY C 195 -36.20 6.27 -10.42
C GLY C 195 -35.81 7.72 -10.50
N GLY C 196 -35.13 8.14 -11.57
CA GLY C 196 -34.77 9.54 -11.70
C GLY C 196 -33.70 9.92 -10.69
N ASP C 197 -33.91 11.07 -10.04
CA ASP C 197 -32.95 11.56 -9.05
C ASP C 197 -32.94 10.74 -7.77
N LYS C 198 -33.89 9.83 -7.60
CA LYS C 198 -33.94 8.97 -6.42
C LYS C 198 -33.24 7.63 -6.64
N ALA C 199 -32.53 7.48 -7.76
CA ALA C 199 -31.86 6.22 -8.03
C ALA C 199 -30.77 5.92 -6.99
N VAL C 200 -30.02 6.94 -6.59
CA VAL C 200 -28.95 6.79 -5.62
C VAL C 200 -29.46 7.20 -4.25
N THR C 201 -29.41 6.27 -3.30
CA THR C 201 -29.85 6.49 -1.94
C THR C 201 -28.69 6.24 -0.97
N GLY C 202 -28.95 6.46 0.31
CA GLY C 202 -27.94 6.23 1.32
C GLY C 202 -26.86 7.29 1.40
N VAL C 203 -27.06 8.46 0.77
CA VAL C 203 -26.06 9.51 0.83
C VAL C 203 -25.91 10.02 2.26
N GLU C 204 -27.01 10.07 3.00
CA GLU C 204 -26.96 10.51 4.40
C GLU C 204 -26.17 9.56 5.28
N ARG C 205 -26.01 8.29 4.86
CA ARG C 205 -25.22 7.35 5.64
C ARG C 205 -23.73 7.67 5.63
N ILE C 206 -23.29 8.49 4.67
CA ILE C 206 -21.88 8.82 4.56
C ILE C 206 -21.46 9.67 5.75
N GLU C 207 -20.49 9.20 6.52
CA GLU C 207 -19.97 9.90 7.69
C GLU C 207 -18.47 10.06 7.52
N LEU C 208 -18.06 11.12 6.84
CA LEU C 208 -16.65 11.42 6.65
C LEU C 208 -16.18 12.38 7.74
N PRO C 209 -15.20 12.00 8.55
CA PRO C 209 -14.72 12.93 9.59
C PRO C 209 -14.13 14.21 9.02
N GLN C 210 -13.58 14.17 7.82
CA GLN C 210 -12.90 15.32 7.24
C GLN C 210 -13.72 16.04 6.18
N PHE C 211 -14.78 15.43 5.66
CA PHE C 211 -15.56 16.00 4.58
C PHE C 211 -17.05 15.93 4.90
N SER C 212 -17.82 16.75 4.20
CA SER C 212 -19.26 16.75 4.28
C SER C 212 -19.84 16.72 2.87
N ILE C 213 -20.87 15.90 2.67
CA ILE C 213 -21.48 15.72 1.36
C ILE C 213 -22.39 16.92 1.09
N VAL C 214 -21.89 17.89 0.35
CA VAL C 214 -22.70 19.08 0.05
C VAL C 214 -23.84 18.72 -0.89
N GLU C 215 -23.54 17.98 -1.96
CA GLU C 215 -24.54 17.67 -2.98
C GLU C 215 -24.06 16.48 -3.79
N HIS C 216 -25.03 15.74 -4.35
CA HIS C 216 -24.74 14.67 -5.29
C HIS C 216 -25.61 14.83 -6.52
N ARG C 217 -25.07 14.43 -7.67
CA ARG C 217 -25.75 14.59 -8.95
C ARG C 217 -25.70 13.30 -9.73
N LEU C 218 -26.71 13.11 -10.58
CA LEU C 218 -26.78 11.96 -11.48
C LEU C 218 -26.72 12.48 -12.91
N VAL C 219 -25.78 11.96 -13.69
CA VAL C 219 -25.54 12.39 -15.06
C VAL C 219 -25.58 11.18 -15.97
N SER C 220 -26.34 11.29 -17.06
CA SER C 220 -26.41 10.27 -18.09
C SER C 220 -25.92 10.87 -19.41
N ARG C 221 -24.99 10.18 -20.05
CA ARG C 221 -24.38 10.69 -21.27
C ARG C 221 -23.87 9.51 -22.09
N ASN C 222 -23.54 9.78 -23.34
CA ASN C 222 -22.93 8.81 -24.24
C ASN C 222 -21.50 9.24 -24.56
N VAL C 223 -20.56 8.33 -24.36
CA VAL C 223 -19.14 8.58 -24.58
C VAL C 223 -18.71 7.80 -25.82
N VAL C 224 -18.03 8.47 -26.74
CA VAL C 224 -17.64 7.89 -28.01
C VAL C 224 -16.15 7.57 -27.98
N PHE C 225 -15.80 6.34 -28.30
CA PHE C 225 -14.42 5.90 -28.43
C PHE C 225 -14.17 5.42 -29.86
N ALA C 226 -12.96 4.92 -30.10
CA ALA C 226 -12.63 4.39 -31.42
C ALA C 226 -13.50 3.19 -31.76
N THR C 227 -13.71 2.30 -30.80
CA THR C 227 -14.53 1.12 -31.05
C THR C 227 -15.99 1.50 -31.29
N GLY C 228 -16.49 2.50 -30.57
CA GLY C 228 -17.86 2.93 -30.76
C GLY C 228 -18.29 3.86 -29.65
N ALA C 229 -19.59 4.14 -29.62
CA ALA C 229 -20.20 4.97 -28.59
C ALA C 229 -20.80 4.09 -27.51
N TYR C 230 -20.49 4.41 -26.26
CA TYR C 230 -20.92 3.58 -25.15
C TYR C 230 -21.75 4.40 -24.16
N PRO C 231 -22.81 3.83 -23.59
CA PRO C 231 -23.59 4.55 -22.59
C PRO C 231 -22.78 4.78 -21.32
N ARG C 232 -23.02 5.91 -20.68
CA ARG C 232 -22.28 6.31 -19.50
C ARG C 232 -23.23 6.82 -18.43
N LEU C 233 -23.05 6.36 -17.20
CA LEU C 233 -23.73 6.89 -16.03
C LEU C 233 -22.68 7.42 -15.07
N SER C 234 -22.86 8.65 -14.61
N SER C 234 -22.87 8.65 -14.60
CA SER C 234 -21.92 9.31 -13.72
CA SER C 234 -21.92 9.31 -13.72
C SER C 234 -22.60 9.67 -12.41
C SER C 234 -22.60 9.67 -12.41
N LEU C 235 -21.94 9.37 -11.30
CA LEU C 235 -22.40 9.74 -9.97
C LEU C 235 -21.31 10.57 -9.32
N SER C 236 -21.62 11.81 -8.98
CA SER C 236 -20.64 12.75 -8.47
C SER C 236 -21.06 13.31 -7.12
N PHE C 237 -20.10 13.46 -6.22
CA PHE C 237 -20.31 14.06 -4.92
C PHE C 237 -19.42 15.29 -4.80
N ARG C 238 -19.97 16.37 -4.25
CA ARG C 238 -19.20 17.57 -3.95
C ARG C 238 -18.87 17.56 -2.46
N LEU C 239 -17.58 17.49 -2.14
CA LEU C 239 -17.12 17.35 -0.76
C LEU C 239 -16.52 18.67 -0.29
N LYS C 240 -16.91 19.10 0.90
CA LYS C 240 -16.36 20.28 1.55
C LYS C 240 -15.55 19.84 2.74
N ARG C 241 -14.27 20.24 2.78
CA ARG C 241 -13.39 19.83 3.85
C ARG C 241 -13.71 20.58 5.14
N ASN C 242 -13.57 19.89 6.26
CA ASN C 242 -13.79 20.49 7.57
C ASN C 242 -12.51 21.16 8.06
N ILE C 243 -12.61 22.44 8.43
CA ILE C 243 -11.44 23.20 8.83
C ILE C 243 -11.11 23.04 10.31
N GLY C 244 -11.96 22.37 11.09
CA GLY C 244 -11.76 22.30 12.53
C GLY C 244 -10.46 21.61 12.90
N TYR C 245 -10.14 20.50 12.23
CA TYR C 245 -8.92 19.77 12.56
C TYR C 245 -7.68 20.58 12.23
N PHE C 246 -7.68 21.27 11.08
CA PHE C 246 -6.47 21.95 10.63
C PHE C 246 -6.16 23.19 11.44
N ILE C 247 -7.19 23.85 11.98
CA ILE C 247 -6.96 25.01 12.83
C ILE C 247 -6.14 24.62 14.06
N LEU C 248 -6.52 23.52 14.70
CA LEU C 248 -5.80 23.07 15.89
C LEU C 248 -4.45 22.45 15.51
N GLN C 249 -4.41 21.67 14.43
CA GLN C 249 -3.20 20.93 14.10
C GLN C 249 -2.10 21.84 13.57
N THR C 250 -2.45 22.76 12.66
CA THR C 250 -1.45 23.52 11.93
C THR C 250 -1.51 25.02 12.21
N TYR C 251 -2.69 25.64 12.06
CA TYR C 251 -2.79 27.09 12.14
C TYR C 251 -2.45 27.60 13.55
N MET C 252 -3.05 26.99 14.57
CA MET C 252 -2.81 27.46 15.94
C MET C 252 -1.35 27.33 16.35
N PRO C 253 -0.66 26.20 16.16
CA PRO C 253 0.77 26.16 16.55
C PRO C 253 1.61 27.20 15.83
N SER C 254 1.31 27.49 14.57
CA SER C 254 2.08 28.50 13.83
C SER C 254 1.87 29.89 14.43
N ILE C 255 0.64 30.21 14.81
CA ILE C 255 0.37 31.53 15.39
C ILE C 255 1.08 31.67 16.73
N LEU C 256 1.05 30.62 17.55
CA LEU C 256 1.68 30.68 18.87
C LEU C 256 3.18 30.89 18.75
N ILE C 257 3.82 30.22 17.79
CA ILE C 257 5.25 30.43 17.56
C ILE C 257 5.51 31.87 17.14
N THR C 258 4.68 32.41 16.26
CA THR C 258 4.85 33.80 15.83
C THR C 258 4.70 34.76 17.00
N ILE C 259 3.71 34.53 17.86
CA ILE C 259 3.55 35.34 19.06
C ILE C 259 4.75 35.13 19.99
N LEU C 260 5.28 33.91 20.03
CA LEU C 260 6.43 33.63 20.90
C LEU C 260 7.64 34.46 20.49
N SER C 261 7.83 34.66 19.19
CA SER C 261 8.96 35.46 18.72
C SER C 261 8.84 36.92 19.16
N TRP C 262 7.60 37.42 19.29
CA TRP C 262 7.40 38.80 19.71
C TRP C 262 7.86 39.05 21.14
N VAL C 263 8.00 37.98 21.95
CA VAL C 263 8.46 38.15 23.32
C VAL C 263 9.86 38.72 23.37
N SER C 264 10.67 38.45 22.35
CA SER C 264 12.04 38.97 22.33
C SER C 264 12.07 40.49 22.32
N PHE C 265 11.02 41.13 21.81
CA PHE C 265 10.98 42.59 21.78
C PHE C 265 10.99 43.18 23.18
N TRP C 266 10.22 42.59 24.10
CA TRP C 266 10.19 43.09 25.47
CA TRP C 266 10.19 43.09 25.47
C TRP C 266 11.47 42.78 26.23
N ILE C 267 12.24 41.79 25.79
CA ILE C 267 13.48 41.44 26.47
C ILE C 267 14.52 42.52 26.20
N ASN C 268 15.31 42.85 27.22
CA ASN C 268 16.33 43.88 27.08
C ASN C 268 17.38 43.46 26.05
N TYR C 269 17.93 44.47 25.36
CA TYR C 269 18.87 44.21 24.28
C TYR C 269 20.18 43.59 24.78
N ASP C 270 20.58 43.90 26.02
CA ASP C 270 21.84 43.36 26.53
C ASP C 270 21.81 41.85 26.69
N ALA C 271 20.62 41.26 26.85
CA ALA C 271 20.49 39.80 26.95
C ALA C 271 20.63 39.19 25.55
N SER C 272 21.87 39.20 25.06
CA SER C 272 22.14 38.73 23.71
C SER C 272 21.83 37.24 23.57
N ALA C 273 22.23 36.45 24.56
CA ALA C 273 22.01 35.01 24.48
C ALA C 273 20.52 34.67 24.45
N ALA C 274 19.72 35.34 25.28
CA ALA C 274 18.31 35.03 25.38
C ALA C 274 17.56 35.38 24.09
N ARG C 275 17.77 36.60 23.59
CA ARG C 275 17.03 37.04 22.42
C ARG C 275 17.43 36.26 21.17
N VAL C 276 18.72 35.96 21.03
CA VAL C 276 19.18 35.15 19.90
C VAL C 276 18.59 33.76 19.98
N ALA C 277 18.58 33.16 21.17
CA ALA C 277 17.99 31.83 21.34
C ALA C 277 16.51 31.85 21.02
N LEU C 278 15.79 32.91 21.42
CA LEU C 278 14.37 33.00 21.14
C LEU C 278 14.11 33.05 19.64
N GLY C 279 14.90 33.83 18.91
CA GLY C 279 14.72 33.91 17.47
C GLY C 279 15.03 32.60 16.76
N ILE C 280 16.09 31.93 17.18
CA ILE C 280 16.50 30.69 16.52
C ILE C 280 15.45 29.61 16.71
N THR C 281 15.02 29.39 17.95
CA THR C 281 14.12 28.28 18.25
C THR C 281 12.79 28.43 17.53
N THR C 282 12.27 29.66 17.44
CA THR C 282 11.03 29.88 16.71
C THR C 282 11.20 29.55 15.23
N VAL C 283 12.34 29.92 14.65
CA VAL C 283 12.60 29.62 13.24
C VAL C 283 12.70 28.10 13.04
N LEU C 284 13.44 27.42 13.92
CA LEU C 284 13.60 25.98 13.80
C LEU C 284 12.26 25.26 13.96
N THR C 285 11.45 25.70 14.92
CA THR C 285 10.14 25.09 15.14
C THR C 285 9.23 25.29 13.92
N MET C 286 9.31 26.47 13.30
CA MET C 286 8.49 26.74 12.12
C MET C 286 8.86 25.79 10.99
N THR C 287 10.15 25.50 10.82
CA THR C 287 10.57 24.56 9.79
C THR C 287 10.02 23.17 10.06
N THR C 288 10.05 22.72 11.31
CA THR C 288 9.55 21.39 11.64
C THR C 288 8.06 21.26 11.34
N ILE C 289 7.29 22.31 11.66
CA ILE C 289 5.87 22.29 11.37
C ILE C 289 5.63 22.24 9.86
N ASN C 290 6.40 23.03 9.10
CA ASN C 290 6.25 23.04 7.65
C ASN C 290 6.58 21.68 7.04
N THR C 291 7.64 21.03 7.53
CA THR C 291 8.02 19.73 7.00
C THR C 291 6.94 18.69 7.25
N HIS C 292 6.35 18.69 8.45
CA HIS C 292 5.34 17.69 8.79
C HIS C 292 4.11 17.80 7.89
N LEU C 293 3.66 19.04 7.63
CA LEU C 293 2.46 19.23 6.82
C LEU C 293 2.64 18.70 5.40
N ARG C 294 3.78 19.04 4.78
CA ARG C 294 4.00 18.67 3.39
C ARG C 294 4.22 17.17 3.23
N GLU C 295 4.62 16.47 4.29
CA GLU C 295 4.79 15.03 4.19
C GLU C 295 3.45 14.31 4.09
N THR C 296 2.39 14.91 4.63
CA THR C 296 1.06 14.30 4.60
C THR C 296 0.31 14.58 3.31
N LEU C 297 0.91 15.28 2.36
CA LEU C 297 0.25 15.69 1.14
C LEU C 297 1.08 15.28 -0.07
N PRO C 298 0.44 15.06 -1.22
CA PRO C 298 1.19 14.67 -2.41
C PRO C 298 2.10 15.80 -2.88
N LYS C 299 3.18 15.40 -3.57
CA LYS C 299 4.21 16.33 -4.03
C LYS C 299 3.71 17.11 -5.25
N ILE C 300 2.73 17.97 -5.00
CA ILE C 300 2.19 18.84 -6.04
C ILE C 300 3.12 20.02 -6.22
N PRO C 301 3.25 20.57 -7.43
CA PRO C 301 4.20 21.67 -7.65
C PRO C 301 3.67 23.02 -7.22
N TYR C 302 2.35 23.21 -7.30
CA TYR C 302 1.77 24.50 -6.97
C TYR C 302 1.70 24.70 -5.46
N VAL C 303 1.57 25.96 -5.07
CA VAL C 303 1.58 26.35 -3.66
C VAL C 303 0.16 26.26 -3.11
N LYS C 304 0.00 25.54 -2.00
CA LYS C 304 -1.29 25.43 -1.35
C LYS C 304 -1.56 26.66 -0.50
N ALA C 305 -2.84 26.82 -0.11
CA ALA C 305 -3.21 27.93 0.77
C ALA C 305 -2.53 27.80 2.12
N ILE C 306 -2.46 26.58 2.65
CA ILE C 306 -1.79 26.36 3.94
C ILE C 306 -0.29 26.65 3.83
N ASP C 307 0.31 26.34 2.68
CA ASP C 307 1.72 26.65 2.48
C ASP C 307 1.97 28.15 2.52
N MET C 308 1.05 28.94 1.93
CA MET C 308 1.19 30.39 1.97
C MET C 308 1.19 30.90 3.39
N TYR C 309 0.31 30.37 4.24
CA TYR C 309 0.27 30.81 5.63
C TYR C 309 1.55 30.45 6.36
N LEU C 310 2.08 29.25 6.14
CA LEU C 310 3.32 28.85 6.78
C LEU C 310 4.48 29.70 6.32
N MET C 311 4.54 30.01 5.02
CA MET C 311 5.60 30.89 4.51
C MET C 311 5.50 32.27 5.14
N GLY C 312 4.28 32.80 5.25
CA GLY C 312 4.11 34.11 5.88
C GLY C 312 4.54 34.11 7.34
N CYS C 313 4.19 33.06 8.08
CA CYS C 313 4.61 32.95 9.47
C CYS C 313 6.13 32.86 9.57
N PHE C 314 6.76 32.14 8.64
CA PHE C 314 8.22 32.05 8.65
C PHE C 314 8.86 33.40 8.41
N VAL C 315 8.25 34.25 7.58
CA VAL C 315 8.80 35.57 7.32
C VAL C 315 8.81 36.41 8.60
N PHE C 316 7.71 36.38 9.36
CA PHE C 316 7.62 37.21 10.56
C PHE C 316 8.67 36.81 11.59
N VAL C 317 8.84 35.51 11.83
CA VAL C 317 9.82 35.07 12.82
C VAL C 317 11.23 35.33 12.33
N PHE C 318 11.47 35.16 11.04
CA PHE C 318 12.80 35.46 10.48
C PHE C 318 13.10 36.95 10.58
N LEU C 319 12.12 37.80 10.31
CA LEU C 319 12.32 39.23 10.45
C LEU C 319 12.55 39.62 11.91
N ALA C 320 11.88 38.93 12.83
CA ALA C 320 12.06 39.22 14.25
C ALA C 320 13.50 38.97 14.70
N LEU C 321 14.09 37.87 14.25
CA LEU C 321 15.49 37.62 14.56
C LEU C 321 16.40 38.62 13.86
N LEU C 322 16.07 38.97 12.61
CA LEU C 322 16.82 40.03 11.93
C LEU C 322 16.63 41.37 12.61
N GLU C 323 15.49 41.59 13.25
CA GLU C 323 15.24 42.84 13.95
C GLU C 323 16.24 43.04 15.09
N TYR C 324 16.49 41.99 15.88
CA TYR C 324 17.45 42.13 16.96
C TYR C 324 18.87 42.27 16.44
N ALA C 325 19.20 41.62 15.31
CA ALA C 325 20.53 41.79 14.73
C ALA C 325 20.79 43.24 14.35
N PHE C 326 19.78 43.91 13.79
CA PHE C 326 19.90 45.34 13.54
C PHE C 326 20.04 46.12 14.86
N VAL C 327 19.27 45.74 15.87
CA VAL C 327 19.37 46.39 17.17
C VAL C 327 20.75 46.18 17.78
N ASN C 328 21.25 44.95 17.72
CA ASN C 328 22.58 44.67 18.28
C ASN C 328 23.66 45.42 17.52
N TYR C 329 23.53 45.51 16.20
CA TYR C 329 24.56 46.19 15.40
C TYR C 329 24.62 47.68 15.72
N ILE C 330 23.47 48.34 15.80
CA ILE C 330 23.46 49.78 16.05
C ILE C 330 23.89 50.07 17.49
N PHE C 331 23.51 49.20 18.44
CA PHE C 331 23.90 49.42 19.83
C PHE C 331 25.40 49.32 20.01
N PHE C 332 26.03 48.35 19.34
CA PHE C 332 27.48 48.20 19.42
C PHE C 332 28.15 48.77 18.19
N ALA C 447 14.31 52.16 21.54
CA ALA C 447 13.33 52.81 20.68
C ALA C 447 12.91 51.89 19.54
N ILE C 448 13.90 51.22 18.94
CA ILE C 448 13.62 50.31 17.83
C ILE C 448 12.73 49.17 18.29
N ASP C 449 12.98 48.65 19.49
CA ASP C 449 12.14 47.58 20.02
C ASP C 449 10.70 48.05 20.21
N ARG C 450 10.52 49.28 20.71
CA ARG C 450 9.17 49.81 20.89
C ARG C 450 8.44 49.90 19.56
N TRP C 451 9.13 50.37 18.52
CA TRP C 451 8.52 50.42 17.19
CA TRP C 451 8.51 50.43 17.19
C TRP C 451 8.17 49.03 16.68
N SER C 452 9.02 48.05 16.98
CA SER C 452 8.74 46.68 16.55
C SER C 452 7.59 46.07 17.34
N ARG C 453 7.37 46.52 18.59
CA ARG C 453 6.30 45.97 19.41
C ARG C 453 4.91 46.29 18.85
N ILE C 454 4.79 47.32 18.02
CA ILE C 454 3.50 47.69 17.44
C ILE C 454 3.38 47.28 15.98
N VAL C 455 4.48 47.29 15.22
CA VAL C 455 4.41 46.97 13.80
C VAL C 455 4.13 45.49 13.60
N PHE C 456 4.87 44.62 14.29
CA PHE C 456 4.74 43.19 14.06
C PHE C 456 3.36 42.65 14.42
N PRO C 457 2.79 42.91 15.60
CA PRO C 457 1.41 42.44 15.85
C PRO C 457 0.40 43.02 14.88
N PHE C 458 0.57 44.28 14.49
CA PHE C 458 -0.36 44.90 13.54
C PHE C 458 -0.22 44.28 12.16
N THR C 459 1.01 44.10 11.68
CA THR C 459 1.21 43.51 10.36
C THR C 459 0.71 42.06 10.33
N PHE C 460 0.99 41.29 11.37
CA PHE C 460 0.52 39.91 11.42
C PHE C 460 -0.99 39.84 11.46
N SER C 461 -1.63 40.72 12.23
CA SER C 461 -3.09 40.78 12.25
C SER C 461 -3.63 41.16 10.87
N LEU C 462 -2.98 42.11 10.19
CA LEU C 462 -3.38 42.46 8.84
C LEU C 462 -3.19 41.29 7.88
N PHE C 463 -2.10 40.55 8.03
CA PHE C 463 -1.86 39.39 7.18
C PHE C 463 -2.94 38.33 7.38
N ASN C 464 -3.33 38.08 8.63
CA ASN C 464 -4.37 37.09 8.90
C ASN C 464 -5.70 37.51 8.29
N LEU C 465 -6.05 38.80 8.41
CA LEU C 465 -7.31 39.27 7.86
C LEU C 465 -7.35 39.11 6.35
N VAL C 466 -6.25 39.44 5.67
CA VAL C 466 -6.18 39.27 4.22
C VAL C 466 -6.25 37.79 3.85
N TYR C 467 -5.53 36.95 4.59
CA TYR C 467 -5.47 35.52 4.27
C TYR C 467 -6.84 34.86 4.39
N TRP C 468 -7.53 35.11 5.51
CA TRP C 468 -8.81 34.43 5.74
C TRP C 468 -9.88 34.92 4.78
N LEU C 469 -9.94 36.23 4.54
CA LEU C 469 -10.96 36.77 3.64
C LEU C 469 -10.76 36.25 2.22
N TYR C 470 -9.51 36.11 1.79
CA TYR C 470 -9.24 35.65 0.43
C TYR C 470 -9.71 34.22 0.22
N TYR C 471 -9.54 33.36 1.21
CA TYR C 471 -9.86 31.94 1.08
C TYR C 471 -11.21 31.57 1.67
N VAL C 472 -12.02 32.55 2.07
CA VAL C 472 -13.35 32.27 2.56
C VAL C 472 -14.39 33.05 1.76
N GLY D 32 -20.48 -53.23 6.24
CA GLY D 32 -20.70 -52.75 4.89
C GLY D 32 -21.75 -51.66 4.79
N ASN D 33 -21.91 -50.90 5.88
CA ASN D 33 -22.89 -49.83 5.90
C ASN D 33 -22.46 -48.63 5.06
N MET D 34 -21.18 -48.53 4.71
CA MET D 34 -20.71 -47.39 3.91
C MET D 34 -21.40 -47.36 2.56
N SER D 35 -21.57 -48.51 1.92
CA SER D 35 -22.32 -48.56 0.66
C SER D 35 -23.77 -48.15 0.88
N PHE D 36 -24.38 -48.62 1.97
CA PHE D 36 -25.75 -48.23 2.27
C PHE D 36 -25.85 -46.73 2.54
N VAL D 37 -24.88 -46.17 3.26
CA VAL D 37 -24.87 -44.73 3.51
C VAL D 37 -24.67 -43.98 2.20
N LYS D 38 -23.77 -44.49 1.34
CA LYS D 38 -23.54 -43.83 0.05
C LYS D 38 -24.80 -43.83 -0.80
N GLU D 39 -25.55 -44.94 -0.81
CA GLU D 39 -26.81 -44.99 -1.53
C GLU D 39 -27.81 -43.99 -0.96
N THR D 40 -27.86 -43.87 0.36
CA THR D 40 -28.77 -42.92 0.99
C THR D 40 -28.42 -41.49 0.62
N VAL D 41 -27.12 -41.14 0.67
CA VAL D 41 -26.71 -39.78 0.36
C VAL D 41 -26.95 -39.46 -1.10
N ASP D 42 -26.64 -40.40 -2.00
CA ASP D 42 -26.88 -40.18 -3.42
C ASP D 42 -28.38 -40.01 -3.69
N LYS D 43 -29.21 -40.74 -2.97
CA LYS D 43 -30.66 -40.58 -3.11
C LYS D 43 -31.10 -39.17 -2.71
N LEU D 44 -30.52 -38.64 -1.62
CA LEU D 44 -30.88 -37.30 -1.17
C LEU D 44 -30.51 -36.25 -2.21
N LEU D 45 -29.33 -36.36 -2.81
CA LEU D 45 -28.87 -35.36 -3.76
C LEU D 45 -29.42 -35.58 -5.16
N LYS D 46 -30.11 -36.69 -5.42
CA LYS D 46 -30.69 -36.93 -6.73
C LYS D 46 -31.95 -36.09 -6.89
N GLY D 47 -31.92 -35.17 -7.85
CA GLY D 47 -33.02 -34.25 -8.05
C GLY D 47 -33.02 -33.03 -7.14
N TYR D 48 -32.02 -32.90 -6.27
CA TYR D 48 -31.94 -31.75 -5.40
C TYR D 48 -31.61 -30.50 -6.20
N ASP D 49 -32.36 -29.43 -5.98
CA ASP D 49 -32.17 -28.17 -6.69
C ASP D 49 -31.65 -27.14 -5.70
N ILE D 50 -30.37 -26.77 -5.85
CA ILE D 50 -29.78 -25.78 -4.96
C ILE D 50 -30.34 -24.39 -5.20
N ARG D 51 -30.93 -24.15 -6.38
CA ARG D 51 -31.46 -22.84 -6.70
C ARG D 51 -32.72 -22.50 -5.89
N LEU D 52 -33.38 -23.50 -5.34
CA LEU D 52 -34.63 -23.32 -4.61
C LEU D 52 -34.40 -23.52 -3.13
N ARG D 53 -34.88 -22.56 -2.32
CA ARG D 53 -34.79 -22.68 -0.88
C ARG D 53 -35.75 -23.76 -0.38
N PRO D 54 -35.50 -24.31 0.81
CA PRO D 54 -36.44 -25.28 1.39
C PRO D 54 -37.81 -24.64 1.57
N ASP D 55 -38.85 -25.42 1.30
CA ASP D 55 -40.24 -24.96 1.35
C ASP D 55 -40.43 -23.74 0.47
N PHE D 56 -39.90 -23.81 -0.75
CA PHE D 56 -40.01 -22.71 -1.69
C PHE D 56 -41.48 -22.44 -2.02
N GLY D 57 -41.86 -21.16 -1.97
CA GLY D 57 -43.23 -20.78 -2.21
C GLY D 57 -44.17 -20.98 -1.04
N GLY D 58 -43.66 -21.41 0.11
CA GLY D 58 -44.47 -21.64 1.28
C GLY D 58 -44.03 -20.81 2.46
N PRO D 59 -44.14 -21.38 3.65
CA PRO D 59 -43.73 -20.65 4.85
C PRO D 59 -42.24 -20.37 4.83
N PRO D 60 -41.80 -19.26 5.42
CA PRO D 60 -40.37 -18.97 5.47
C PRO D 60 -39.63 -19.99 6.33
N VAL D 61 -38.38 -20.24 5.96
CA VAL D 61 -37.54 -21.19 6.68
C VAL D 61 -36.81 -20.45 7.80
N CYS D 62 -36.94 -20.96 9.02
CA CYS D 62 -36.28 -20.35 10.17
C CYS D 62 -34.84 -20.82 10.26
N VAL D 63 -33.91 -19.88 10.43
CA VAL D 63 -32.50 -20.17 10.51
C VAL D 63 -32.01 -19.74 11.89
N GLY D 64 -31.47 -20.69 12.64
CA GLY D 64 -30.90 -20.40 13.95
C GLY D 64 -29.40 -20.19 13.83
N MET D 65 -28.91 -19.15 14.48
CA MET D 65 -27.52 -18.73 14.37
C MET D 65 -26.88 -18.63 15.74
N ASN D 66 -25.69 -19.20 15.89
CA ASN D 66 -24.89 -19.07 17.10
C ASN D 66 -23.45 -18.76 16.71
N ILE D 67 -22.82 -17.87 17.47
CA ILE D 67 -21.49 -17.37 17.19
C ILE D 67 -20.56 -17.78 18.32
N ASP D 68 -19.44 -18.39 17.97
CA ASP D 68 -18.41 -18.77 18.94
C ASP D 68 -17.21 -17.87 18.66
N ILE D 69 -17.06 -16.80 19.43
CA ILE D 69 -16.01 -15.83 19.19
C ILE D 69 -14.66 -16.43 19.54
N ALA D 70 -13.71 -16.33 18.61
CA ALA D 70 -12.35 -16.81 18.84
C ALA D 70 -11.49 -15.72 19.47
N SER D 71 -11.40 -14.56 18.83
CA SER D 71 -10.64 -13.44 19.35
C SER D 71 -11.00 -12.19 18.57
N ILE D 72 -10.66 -11.04 19.15
CA ILE D 72 -10.75 -9.75 18.47
C ILE D 72 -9.31 -9.26 18.30
N ASP D 73 -8.78 -9.40 17.08
CA ASP D 73 -7.37 -9.16 16.85
C ASP D 73 -7.00 -7.68 17.05
N MET D 74 -7.74 -6.78 16.41
CA MET D 74 -7.39 -5.37 16.42
C MET D 74 -8.65 -4.52 16.57
N VAL D 75 -8.46 -3.34 17.15
CA VAL D 75 -9.49 -2.30 17.22
C VAL D 75 -8.82 -1.01 16.78
N SER D 76 -9.09 -0.58 15.56
CA SER D 76 -8.40 0.55 14.96
C SER D 76 -9.28 1.79 15.04
N GLU D 77 -8.79 2.83 15.72
CA GLU D 77 -9.52 4.08 15.79
C GLU D 77 -9.38 4.88 14.51
N VAL D 78 -8.22 4.83 13.87
CA VAL D 78 -8.01 5.58 12.63
CA VAL D 78 -8.01 5.59 12.64
C VAL D 78 -8.94 5.09 11.53
N ASN D 79 -9.07 3.77 11.40
CA ASN D 79 -9.95 3.20 10.39
C ASN D 79 -11.36 2.96 10.89
N MET D 80 -11.60 3.14 12.21
CA MET D 80 -12.92 2.94 12.81
C MET D 80 -13.49 1.57 12.47
N ASP D 81 -12.70 0.53 12.76
CA ASP D 81 -13.13 -0.84 12.50
C ASP D 81 -12.39 -1.77 13.45
N TYR D 82 -12.89 -2.99 13.55
CA TYR D 82 -12.29 -4.02 14.37
C TYR D 82 -12.24 -5.33 13.59
N THR D 83 -11.26 -6.16 13.94
CA THR D 83 -11.08 -7.47 13.31
C THR D 83 -11.60 -8.55 14.23
N LEU D 84 -12.50 -9.39 13.72
CA LEU D 84 -13.17 -10.40 14.52
C LEU D 84 -13.00 -11.77 13.87
N THR D 85 -12.60 -12.76 14.66
CA THR D 85 -12.52 -14.15 14.23
C THR D 85 -13.51 -14.96 15.05
N MET D 86 -14.33 -15.76 14.38
CA MET D 86 -15.43 -16.43 15.06
C MET D 86 -15.82 -17.69 14.29
N TYR D 87 -16.56 -18.55 14.98
CA TYR D 87 -17.14 -19.75 14.39
C TYR D 87 -18.61 -19.49 14.15
N PHE D 88 -18.97 -19.18 12.91
CA PHE D 88 -20.34 -18.85 12.56
C PHE D 88 -21.08 -20.11 12.17
N GLN D 89 -22.13 -20.45 12.92
CA GLN D 89 -22.88 -21.67 12.72
C GLN D 89 -24.34 -21.35 12.43
N GLN D 90 -24.90 -22.03 11.44
CA GLN D 90 -26.28 -21.81 11.02
C GLN D 90 -27.07 -23.11 11.15
N TYR D 91 -28.29 -23.00 11.67
CA TYR D 91 -29.16 -24.12 11.95
CA TYR D 91 -29.17 -24.13 11.94
C TYR D 91 -30.46 -23.95 11.17
N TRP D 92 -30.80 -24.94 10.34
CA TRP D 92 -32.06 -24.90 9.62
C TRP D 92 -32.45 -26.32 9.23
N ARG D 93 -33.72 -26.50 8.90
CA ARG D 93 -34.27 -27.79 8.55
C ARG D 93 -34.68 -27.81 7.09
N ASP D 94 -34.18 -28.80 6.35
CA ASP D 94 -34.54 -29.01 4.94
C ASP D 94 -35.09 -30.42 4.81
N LYS D 95 -36.40 -30.53 4.57
CA LYS D 95 -37.03 -31.83 4.47
C LYS D 95 -36.55 -32.62 3.27
N ARG D 96 -35.98 -31.96 2.26
CA ARG D 96 -35.43 -32.68 1.12
C ARG D 96 -34.22 -33.52 1.49
N LEU D 97 -33.54 -33.20 2.59
CA LEU D 97 -32.37 -33.93 3.04
C LEU D 97 -32.67 -34.92 4.16
N ALA D 98 -33.94 -35.10 4.50
CA ALA D 98 -34.30 -36.04 5.55
C ALA D 98 -34.04 -37.47 5.09
N TYR D 99 -33.47 -38.27 5.98
CA TYR D 99 -33.15 -39.67 5.70
C TYR D 99 -33.63 -40.54 6.85
N SER D 100 -33.91 -41.80 6.52
CA SER D 100 -34.41 -42.76 7.49
C SER D 100 -33.58 -44.03 7.43
N GLY D 101 -33.59 -44.77 8.54
CA GLY D 101 -32.85 -46.01 8.65
C GLY D 101 -31.44 -45.88 9.17
N ILE D 102 -30.94 -44.66 9.34
CA ILE D 102 -29.61 -44.41 9.87
C ILE D 102 -29.75 -43.57 11.14
N PRO D 103 -29.70 -44.19 12.31
CA PRO D 103 -29.82 -43.47 13.58
C PRO D 103 -28.54 -42.74 14.00
N LEU D 104 -27.97 -42.00 13.07
CA LEU D 104 -26.73 -41.28 13.30
C LEU D 104 -26.79 -39.92 12.62
N ASN D 105 -25.96 -39.00 13.11
CA ASN D 105 -25.81 -37.68 12.50
C ASN D 105 -24.66 -37.75 11.50
N LEU D 106 -24.98 -37.60 10.22
CA LEU D 106 -23.99 -37.74 9.16
C LEU D 106 -23.12 -36.50 9.11
N THR D 107 -21.85 -36.64 9.49
CA THR D 107 -20.87 -35.55 9.39
C THR D 107 -20.14 -35.72 8.06
N LEU D 108 -20.59 -34.99 7.05
CA LEU D 108 -20.05 -35.11 5.71
C LEU D 108 -18.86 -34.18 5.51
N ASP D 109 -18.16 -34.39 4.40
CA ASP D 109 -17.04 -33.53 4.06
C ASP D 109 -17.53 -32.12 3.73
N ASN D 110 -16.66 -31.14 3.98
CA ASN D 110 -17.02 -29.74 3.74
C ASN D 110 -17.31 -29.46 2.28
N ARG D 111 -16.80 -30.29 1.37
CA ARG D 111 -17.04 -30.07 -0.05
C ARG D 111 -18.45 -30.42 -0.48
N VAL D 112 -19.24 -31.11 0.37
CA VAL D 112 -20.62 -31.40 0.04
C VAL D 112 -21.52 -30.18 0.12
N ALA D 113 -21.05 -29.10 0.75
CA ALA D 113 -21.86 -27.89 0.87
C ALA D 113 -22.13 -27.24 -0.48
N ASP D 114 -21.31 -27.52 -1.49
CA ASP D 114 -21.53 -26.94 -2.80
C ASP D 114 -22.76 -27.53 -3.50
N GLN D 115 -23.20 -28.72 -3.09
CA GLN D 115 -24.39 -29.35 -3.66
C GLN D 115 -25.61 -29.15 -2.78
N LEU D 116 -25.55 -28.28 -1.78
CA LEU D 116 -26.66 -28.05 -0.86
C LEU D 116 -27.00 -26.57 -0.84
N TRP D 117 -28.28 -26.29 -0.61
CA TRP D 117 -28.72 -24.91 -0.42
C TRP D 117 -28.25 -24.40 0.93
N VAL D 118 -27.70 -23.19 0.95
CA VAL D 118 -27.28 -22.56 2.20
C VAL D 118 -27.85 -21.14 2.22
N PRO D 119 -28.15 -20.59 3.40
CA PRO D 119 -28.65 -19.22 3.46
C PRO D 119 -27.63 -18.23 2.94
N ASP D 120 -28.13 -17.17 2.31
CA ASP D 120 -27.26 -16.12 1.79
C ASP D 120 -26.92 -15.12 2.89
N THR D 121 -26.38 -15.61 4.00
CA THR D 121 -26.08 -14.74 5.13
C THR D 121 -24.83 -13.91 4.84
N TYR D 122 -24.93 -12.61 5.07
CA TYR D 122 -23.80 -11.71 4.91
C TYR D 122 -23.80 -10.69 6.04
N PHE D 123 -22.65 -10.07 6.26
CA PHE D 123 -22.50 -9.07 7.30
C PHE D 123 -22.60 -7.68 6.66
N LEU D 124 -23.51 -6.86 7.18
CA LEU D 124 -23.80 -5.58 6.53
C LEU D 124 -22.67 -4.58 6.76
N ASN D 125 -22.08 -4.58 7.95
CA ASN D 125 -21.10 -3.56 8.32
C ASN D 125 -19.66 -4.02 8.16
N ASP D 126 -19.43 -5.18 7.54
CA ASP D 126 -18.08 -5.66 7.36
C ASP D 126 -17.38 -4.87 6.25
N LYS D 127 -16.05 -4.83 6.32
CA LYS D 127 -15.24 -4.18 5.31
C LYS D 127 -14.41 -5.15 4.48
N LYS D 128 -13.92 -6.22 5.10
CA LYS D 128 -13.15 -7.24 4.37
C LYS D 128 -13.21 -8.52 5.19
N SER D 129 -13.74 -9.59 4.60
CA SER D 129 -13.90 -10.85 5.30
CA SER D 129 -13.91 -10.85 5.30
C SER D 129 -13.48 -11.99 4.39
N PHE D 130 -13.12 -13.11 5.01
CA PHE D 130 -12.71 -14.30 4.27
C PHE D 130 -12.91 -15.51 5.15
N VAL D 131 -12.91 -16.68 4.52
CA VAL D 131 -13.05 -17.97 5.20
C VAL D 131 -11.72 -18.70 5.09
N HIS D 132 -11.20 -19.16 6.22
CA HIS D 132 -9.92 -19.84 6.24
C HIS D 132 -10.00 -21.14 5.44
N GLY D 133 -8.91 -21.46 4.74
CA GLY D 133 -8.90 -22.62 3.87
C GLY D 133 -7.68 -23.51 4.03
N VAL D 134 -7.14 -23.59 5.24
CA VAL D 134 -5.97 -24.41 5.54
C VAL D 134 -6.31 -25.32 6.72
N THR D 135 -6.10 -26.62 6.55
CA THR D 135 -5.57 -27.21 5.33
C THR D 135 -6.66 -27.41 4.28
N VAL D 136 -7.90 -27.34 4.73
CA VAL D 136 -9.07 -27.32 3.87
C VAL D 136 -9.94 -26.14 4.31
N LYS D 137 -10.99 -25.88 3.55
CA LYS D 137 -11.89 -24.80 3.90
CA LYS D 137 -11.90 -24.80 3.90
C LYS D 137 -12.52 -25.06 5.26
N ASN D 138 -12.48 -24.05 6.12
CA ASN D 138 -13.01 -24.17 7.49
C ASN D 138 -14.52 -24.16 7.42
N ARG D 139 -15.07 -25.32 7.07
CA ARG D 139 -16.50 -25.47 6.82
C ARG D 139 -16.95 -26.83 7.36
N MET D 140 -18.15 -26.87 7.93
CA MET D 140 -18.69 -28.08 8.53
C MET D 140 -20.12 -28.29 8.07
N ILE D 141 -20.42 -29.52 7.65
CA ILE D 141 -21.77 -29.93 7.30
C ILE D 141 -22.12 -31.16 8.13
N ARG D 142 -23.26 -31.09 8.83
CA ARG D 142 -23.68 -32.19 9.71
C ARG D 142 -25.20 -32.34 9.56
N LEU D 143 -25.61 -33.33 8.78
CA LEU D 143 -27.03 -33.58 8.57
C LEU D 143 -27.62 -34.32 9.77
N HIS D 144 -28.94 -34.33 9.84
CA HIS D 144 -29.68 -35.01 10.88
C HIS D 144 -30.81 -35.82 10.27
N PRO D 145 -31.25 -36.89 10.94
CA PRO D 145 -32.30 -37.73 10.36
C PRO D 145 -33.60 -36.99 10.07
N ASP D 146 -33.93 -35.97 10.85
CA ASP D 146 -35.18 -35.22 10.65
C ASP D 146 -35.06 -34.14 9.57
N GLY D 147 -33.89 -33.99 8.96
CA GLY D 147 -33.67 -32.97 7.96
C GLY D 147 -32.94 -31.74 8.46
N THR D 148 -32.63 -31.68 9.74
CA THR D 148 -31.88 -30.54 10.28
C THR D 148 -30.46 -30.52 9.70
N VAL D 149 -30.02 -29.33 9.30
CA VAL D 149 -28.71 -29.15 8.69
C VAL D 149 -27.91 -28.17 9.54
N LEU D 150 -26.69 -28.55 9.90
CA LEU D 150 -25.77 -27.70 10.64
C LEU D 150 -24.65 -27.24 9.71
N TYR D 151 -24.46 -25.93 9.61
CA TYR D 151 -23.48 -25.34 8.71
C TYR D 151 -22.61 -24.37 9.50
N GLY D 152 -21.34 -24.72 9.66
CA GLY D 152 -20.42 -23.92 10.45
C GLY D 152 -19.29 -23.38 9.60
N LEU D 153 -18.88 -22.15 9.89
CA LEU D 153 -17.79 -21.50 9.17
C LEU D 153 -16.90 -20.75 10.16
N ARG D 154 -15.59 -20.83 9.96
CA ARG D 154 -14.63 -20.04 10.72
C ARG D 154 -14.27 -18.83 9.87
N ILE D 155 -14.75 -17.66 10.28
CA ILE D 155 -14.68 -16.45 9.47
C ILE D 155 -13.89 -15.39 10.22
N THR D 156 -12.92 -14.79 9.54
CA THR D 156 -12.22 -13.62 10.04
C THR D 156 -12.74 -12.40 9.29
N THR D 157 -13.37 -11.48 10.02
CA THR D 157 -14.05 -10.35 9.41
C THR D 157 -13.56 -9.05 10.01
N THR D 158 -13.55 -8.01 9.19
CA THR D 158 -13.23 -6.65 9.61
C THR D 158 -14.50 -5.81 9.45
N ALA D 159 -15.13 -5.48 10.57
CA ALA D 159 -16.40 -4.78 10.58
C ALA D 159 -16.19 -3.33 11.00
N ALA D 160 -16.77 -2.41 10.25
CA ALA D 160 -16.64 -0.99 10.57
C ALA D 160 -17.37 -0.68 11.87
N CYS D 161 -16.81 0.25 12.64
CA CYS D 161 -17.40 0.65 13.92
C CYS D 161 -17.10 2.14 14.11
N MET D 162 -18.10 2.98 13.88
CA MET D 162 -17.95 4.41 14.13
C MET D 162 -17.75 4.66 15.61
N MET D 163 -16.78 5.52 15.92
CA MET D 163 -16.38 5.76 17.30
C MET D 163 -16.54 7.24 17.64
N ASP D 164 -17.05 7.51 18.83
CA ASP D 164 -17.19 8.86 19.35
C ASP D 164 -15.97 9.16 20.22
N LEU D 165 -15.06 9.98 19.71
CA LEU D 165 -13.81 10.27 20.38
C LEU D 165 -13.83 11.59 21.15
N ARG D 166 -15.03 12.10 21.48
CA ARG D 166 -15.12 13.32 22.25
C ARG D 166 -14.54 13.15 23.64
N ARG D 167 -14.78 12.00 24.26
CA ARG D 167 -14.27 11.69 25.59
C ARG D 167 -12.98 10.89 25.54
N TYR D 168 -12.37 10.74 24.38
CA TYR D 168 -11.14 10.00 24.24
C TYR D 168 -10.04 10.64 25.08
N PRO D 169 -9.19 9.86 25.76
CA PRO D 169 -9.17 8.39 25.77
C PRO D 169 -10.05 7.76 26.85
N LEU D 170 -10.85 8.57 27.54
CA LEU D 170 -11.75 8.07 28.58
C LEU D 170 -13.12 7.71 28.03
N ASP D 171 -13.20 7.36 26.74
CA ASP D 171 -14.46 7.11 26.07
C ASP D 171 -14.89 5.66 26.21
N GLU D 172 -16.15 5.41 25.89
CA GLU D 172 -16.73 4.07 25.86
C GLU D 172 -17.36 3.87 24.49
N GLN D 173 -17.04 2.74 23.86
CA GLN D 173 -17.45 2.49 22.48
C GLN D 173 -18.41 1.32 22.40
N ASN D 174 -19.31 1.39 21.42
CA ASN D 174 -20.31 0.36 21.17
C ASN D 174 -20.17 -0.08 19.72
N CYS D 175 -19.48 -1.21 19.51
CA CYS D 175 -19.28 -1.76 18.17
C CYS D 175 -20.25 -2.90 17.94
N THR D 176 -20.89 -2.90 16.78
CA THR D 176 -21.92 -3.87 16.44
C THR D 176 -21.49 -4.73 15.28
N LEU D 177 -22.15 -5.88 15.15
CA LEU D 177 -21.96 -6.80 14.03
C LEU D 177 -23.33 -7.13 13.46
N GLU D 178 -23.62 -6.61 12.28
CA GLU D 178 -24.93 -6.77 11.66
C GLU D 178 -24.96 -8.02 10.80
N ILE D 179 -25.95 -8.88 11.04
CA ILE D 179 -26.14 -10.11 10.29
C ILE D 179 -27.48 -10.02 9.58
N GLU D 180 -27.47 -10.28 8.27
CA GLU D 180 -28.68 -10.09 7.47
C GLU D 180 -28.62 -10.99 6.25
N SER D 181 -29.79 -11.42 5.78
CA SER D 181 -29.90 -12.12 4.51
C SER D 181 -29.85 -11.12 3.37
N TYR D 182 -29.23 -11.54 2.26
CA TYR D 182 -29.04 -10.62 1.14
C TYR D 182 -30.20 -10.65 0.15
N GLY D 183 -30.62 -11.84 -0.27
CA GLY D 183 -31.62 -11.95 -1.30
C GLY D 183 -33.01 -12.28 -0.80
N TYR D 184 -33.10 -13.16 0.18
CA TYR D 184 -34.40 -13.62 0.67
C TYR D 184 -34.95 -12.63 1.70
N THR D 185 -36.21 -12.25 1.51
CA THR D 185 -36.88 -11.33 2.42
C THR D 185 -37.46 -12.09 3.60
N THR D 186 -38.16 -11.36 4.47
CA THR D 186 -38.78 -12.00 5.64
C THR D 186 -39.86 -12.99 5.25
N ASP D 187 -40.44 -12.85 4.06
CA ASP D 187 -41.42 -13.81 3.58
C ASP D 187 -40.81 -15.15 3.18
N ASP D 188 -39.49 -15.20 3.01
CA ASP D 188 -38.82 -16.43 2.60
C ASP D 188 -37.86 -17.00 3.62
N ILE D 189 -37.38 -16.20 4.57
CA ILE D 189 -36.40 -16.67 5.54
C ILE D 189 -36.54 -15.84 6.81
N GLU D 190 -36.24 -16.46 7.95
CA GLU D 190 -36.28 -15.79 9.24
C GLU D 190 -35.04 -16.15 10.03
N PHE D 191 -34.51 -15.18 10.77
CA PHE D 191 -33.32 -15.37 11.58
C PHE D 191 -33.67 -15.26 13.06
N TYR D 192 -33.06 -16.11 13.87
CA TYR D 192 -33.23 -16.05 15.32
C TYR D 192 -31.96 -16.55 15.98
N TRP D 193 -31.69 -16.05 17.19
CA TRP D 193 -30.55 -16.50 17.96
C TRP D 193 -30.89 -17.84 18.61
N ARG D 194 -30.22 -18.90 18.17
CA ARG D 194 -30.46 -20.22 18.72
C ARG D 194 -29.88 -20.32 20.12
N GLY D 195 -30.75 -20.55 21.10
CA GLY D 195 -30.34 -20.59 22.49
C GLY D 195 -30.58 -19.31 23.27
N GLY D 196 -31.27 -18.34 22.70
CA GLY D 196 -31.55 -17.11 23.42
C GLY D 196 -30.28 -16.30 23.63
N ASP D 197 -30.09 -15.81 24.85
CA ASP D 197 -28.93 -15.00 25.18
C ASP D 197 -27.64 -15.79 25.21
N LYS D 198 -27.71 -17.12 25.15
CA LYS D 198 -26.52 -17.96 25.14
C LYS D 198 -26.07 -18.32 23.73
N ALA D 199 -26.65 -17.68 22.71
CA ALA D 199 -26.27 -17.99 21.34
C ALA D 199 -24.81 -17.62 21.07
N VAL D 200 -24.35 -16.48 21.58
CA VAL D 200 -23.00 -16.01 21.38
C VAL D 200 -22.17 -16.39 22.60
N THR D 201 -21.12 -17.16 22.38
CA THR D 201 -20.20 -17.59 23.43
C THR D 201 -18.79 -17.12 23.11
N GLY D 202 -17.87 -17.42 24.02
CA GLY D 202 -16.48 -17.05 23.83
C GLY D 202 -16.16 -15.60 24.04
N VAL D 203 -17.08 -14.83 24.66
CA VAL D 203 -16.82 -13.42 24.91
C VAL D 203 -15.65 -13.27 25.88
N GLU D 204 -15.53 -14.17 26.85
CA GLU D 204 -14.44 -14.12 27.79
C GLU D 204 -13.08 -14.37 27.13
N ARG D 205 -13.06 -15.01 25.97
CA ARG D 205 -11.80 -15.24 25.27
C ARG D 205 -11.21 -13.95 24.72
N ILE D 206 -12.00 -12.89 24.60
CA ILE D 206 -11.52 -11.64 24.03
C ILE D 206 -10.53 -11.01 25.00
N GLU D 207 -9.30 -10.79 24.52
CA GLU D 207 -8.24 -10.19 25.32
C GLU D 207 -7.72 -8.97 24.56
N LEU D 208 -8.37 -7.83 24.78
CA LEU D 208 -7.94 -6.58 24.15
C LEU D 208 -7.03 -5.82 25.10
N PRO D 209 -5.79 -5.54 24.72
CA PRO D 209 -4.90 -4.78 25.62
C PRO D 209 -5.42 -3.39 25.94
N GLN D 210 -6.18 -2.78 25.05
CA GLN D 210 -6.63 -1.41 25.23
C GLN D 210 -8.09 -1.30 25.65
N PHE D 211 -8.87 -2.37 25.52
CA PHE D 211 -10.31 -2.33 25.81
C PHE D 211 -10.70 -3.51 26.68
N SER D 212 -11.86 -3.36 27.33
CA SER D 212 -12.46 -4.41 28.13
C SER D 212 -13.91 -4.57 27.71
N ILE D 213 -14.37 -5.81 27.59
CA ILE D 213 -15.73 -6.10 27.15
C ILE D 213 -16.66 -5.90 28.34
N VAL D 214 -17.30 -4.74 28.40
CA VAL D 214 -18.22 -4.46 29.51
C VAL D 214 -19.46 -5.33 29.40
N GLU D 215 -20.05 -5.40 28.21
CA GLU D 215 -21.31 -6.11 28.02
C GLU D 215 -21.50 -6.41 26.54
N HIS D 216 -22.25 -7.46 26.26
CA HIS D 216 -22.65 -7.80 24.90
C HIS D 216 -24.15 -8.06 24.87
N ARG D 217 -24.78 -7.71 23.76
CA ARG D 217 -26.23 -7.82 23.62
C ARG D 217 -26.57 -8.50 22.29
N LEU D 218 -27.70 -9.18 22.28
CA LEU D 218 -28.24 -9.82 21.09
C LEU D 218 -29.55 -9.14 20.72
N VAL D 219 -29.65 -8.67 19.48
CA VAL D 219 -30.81 -7.92 19.01
C VAL D 219 -31.32 -8.57 17.73
N SER D 220 -32.63 -8.82 17.68
CA SER D 220 -33.29 -9.35 16.49
C SER D 220 -34.32 -8.33 16.03
N ARG D 221 -34.28 -8.00 14.75
CA ARG D 221 -35.16 -6.98 14.20
C ARG D 221 -35.33 -7.23 12.71
N ASN D 222 -36.31 -6.55 12.13
CA ASN D 222 -36.57 -6.59 10.70
C ASN D 222 -36.28 -5.22 10.10
N VAL D 223 -35.45 -5.20 9.07
CA VAL D 223 -35.05 -3.96 8.40
C VAL D 223 -35.71 -3.93 7.02
N VAL D 224 -36.35 -2.81 6.70
CA VAL D 224 -37.11 -2.66 5.47
C VAL D 224 -36.31 -1.81 4.48
N PHE D 225 -36.13 -2.32 3.28
CA PHE D 225 -35.49 -1.61 2.19
C PHE D 225 -36.49 -1.45 1.04
N ALA D 226 -36.01 -0.87 -0.07
CA ALA D 226 -36.85 -0.73 -1.24
C ALA D 226 -37.25 -2.08 -1.81
N THR D 227 -36.32 -3.02 -1.86
CA THR D 227 -36.62 -4.35 -2.38
C THR D 227 -37.60 -5.09 -1.46
N GLY D 228 -37.46 -4.92 -0.16
CA GLY D 228 -38.36 -5.57 0.77
C GLY D 228 -37.84 -5.49 2.19
N ALA D 229 -38.48 -6.24 3.07
CA ALA D 229 -38.09 -6.33 4.47
C ALA D 229 -37.24 -7.56 4.68
N TYR D 230 -36.10 -7.38 5.35
CA TYR D 230 -35.15 -8.47 5.53
C TYR D 230 -34.89 -8.71 7.01
N PRO D 231 -34.76 -9.97 7.43
CA PRO D 231 -34.44 -10.24 8.84
C PRO D 231 -33.04 -9.77 9.17
N ARG D 232 -32.88 -9.31 10.42
CA ARG D 232 -31.61 -8.75 10.88
C ARG D 232 -31.28 -9.31 12.26
N LEU D 233 -30.04 -9.74 12.42
CA LEU D 233 -29.49 -10.10 13.72
C LEU D 233 -28.30 -9.19 14.01
N SER D 234 -28.28 -8.60 15.20
N SER D 234 -28.28 -8.61 15.20
CA SER D 234 -27.25 -7.66 15.59
CA SER D 234 -27.25 -7.66 15.59
C SER D 234 -26.54 -8.17 16.83
C SER D 234 -26.54 -8.15 16.84
N LEU D 235 -25.21 -8.11 16.81
CA LEU D 235 -24.37 -8.47 17.95
C LEU D 235 -23.51 -7.27 18.28
N SER D 236 -23.66 -6.73 19.49
CA SER D 236 -23.01 -5.49 19.87
C SER D 236 -22.18 -5.70 21.14
N PHE D 237 -21.00 -5.10 21.17
CA PHE D 237 -20.14 -5.10 22.34
C PHE D 237 -19.91 -3.67 22.80
N ARG D 238 -19.95 -3.45 24.11
CA ARG D 238 -19.64 -2.16 24.70
C ARG D 238 -18.21 -2.23 25.25
N LEU D 239 -17.32 -1.41 24.68
CA LEU D 239 -15.91 -1.45 24.98
C LEU D 239 -15.54 -0.24 25.84
N LYS D 240 -14.80 -0.49 26.92
CA LYS D 240 -14.29 0.58 27.78
C LYS D 240 -12.78 0.62 27.62
N ARG D 241 -12.26 1.79 27.26
CA ARG D 241 -10.84 1.93 27.02
C ARG D 241 -10.06 1.95 28.34
N ASN D 242 -8.87 1.36 28.33
CA ASN D 242 -8.01 1.33 29.50
C ASN D 242 -7.15 2.59 29.52
N ILE D 243 -7.20 3.31 30.65
CA ILE D 243 -6.49 4.58 30.78
C ILE D 243 -5.03 4.41 31.21
N GLY D 244 -4.61 3.19 31.56
CA GLY D 244 -3.28 3.00 32.09
C GLY D 244 -2.19 3.40 31.11
N TYR D 245 -2.33 3.02 29.84
CA TYR D 245 -1.32 3.34 28.84
C TYR D 245 -1.22 4.84 28.61
N PHE D 246 -2.36 5.53 28.55
CA PHE D 246 -2.35 6.94 28.17
C PHE D 246 -1.82 7.83 29.28
N ILE D 247 -1.99 7.42 30.54
CA ILE D 247 -1.43 8.19 31.65
C ILE D 247 0.09 8.27 31.53
N LEU D 248 0.72 7.13 31.27
CA LEU D 248 2.18 7.11 31.14
C LEU D 248 2.64 7.73 29.84
N GLN D 249 1.91 7.46 28.74
CA GLN D 249 2.36 7.90 27.42
C GLN D 249 2.20 9.40 27.24
N THR D 250 1.05 9.95 27.62
CA THR D 250 0.71 11.33 27.29
C THR D 250 0.56 12.21 28.52
N TYR D 251 -0.26 11.82 29.49
CA TYR D 251 -0.58 12.71 30.61
C TYR D 251 0.64 13.00 31.45
N MET D 252 1.38 11.96 31.85
CA MET D 252 2.55 12.17 32.71
C MET D 252 3.62 13.05 32.06
N PRO D 253 4.04 12.83 30.81
CA PRO D 253 5.05 13.74 30.22
C PRO D 253 4.58 15.19 30.18
N SER D 254 3.29 15.42 29.92
CA SER D 254 2.78 16.80 29.87
C SER D 254 2.86 17.45 31.25
N ILE D 255 2.53 16.71 32.30
CA ILE D 255 2.58 17.27 33.65
C ILE D 255 4.02 17.61 34.03
N LEU D 256 4.96 16.72 33.70
CA LEU D 256 6.35 16.94 34.05
C LEU D 256 6.91 18.19 33.35
N ILE D 257 6.53 18.39 32.09
CA ILE D 257 6.96 19.60 31.38
C ILE D 257 6.39 20.84 32.05
N THR D 258 5.11 20.78 32.44
CA THR D 258 4.50 21.92 33.13
C THR D 258 5.20 22.21 34.44
N ILE D 259 5.52 21.17 35.20
CA ILE D 259 6.28 21.36 36.44
C ILE D 259 7.67 21.89 36.13
N LEU D 260 8.25 21.46 35.01
CA LEU D 260 9.58 21.91 34.63
C LEU D 260 9.60 23.42 34.39
N SER D 261 8.54 23.95 33.78
CA SER D 261 8.47 25.39 33.54
C SER D 261 8.44 26.18 34.85
N TRP D 262 7.86 25.61 35.90
CA TRP D 262 7.78 26.29 37.19
C TRP D 262 9.16 26.50 37.81
N VAL D 263 10.17 25.73 37.38
CA VAL D 263 11.51 25.88 37.92
C VAL D 263 12.07 27.27 37.62
N SER D 264 11.64 27.88 36.50
CA SER D 264 12.13 29.20 36.15
C SER D 264 11.77 30.25 37.20
N PHE D 265 10.69 30.02 37.96
CA PHE D 265 10.30 30.98 38.99
C PHE D 265 11.35 31.10 40.07
N TRP D 266 11.94 29.97 40.49
CA TRP D 266 12.96 30.00 41.53
CA TRP D 266 12.96 30.00 41.53
C TRP D 266 14.26 30.60 41.02
N ILE D 267 14.52 30.51 39.72
CA ILE D 267 15.75 31.05 39.15
C ILE D 267 15.74 32.56 39.23
N ASN D 268 16.90 33.15 39.53
CA ASN D 268 17.00 34.60 39.66
C ASN D 268 16.70 35.28 38.32
N TYR D 269 16.13 36.49 38.41
CA TYR D 269 15.71 37.21 37.21
C TYR D 269 16.89 37.62 36.35
N ASP D 270 18.06 37.88 36.95
CA ASP D 270 19.21 38.31 36.16
C ASP D 270 19.69 37.25 35.19
N ALA D 271 19.42 35.97 35.47
CA ALA D 271 19.79 34.88 34.56
C ALA D 271 18.81 34.86 33.38
N SER D 272 18.97 35.86 32.51
CA SER D 272 18.05 36.00 31.38
C SER D 272 18.15 34.81 30.43
N ALA D 273 19.37 34.37 30.14
CA ALA D 273 19.54 33.26 29.20
C ALA D 273 18.91 31.98 29.72
N ALA D 274 19.08 31.70 31.01
CA ALA D 274 18.59 30.45 31.58
C ALA D 274 17.06 30.40 31.59
N ARG D 275 16.44 31.47 32.10
CA ARG D 275 14.98 31.48 32.24
C ARG D 275 14.30 31.49 30.87
N VAL D 276 14.85 32.25 29.92
CA VAL D 276 14.30 32.26 28.58
C VAL D 276 14.42 30.88 27.93
N ALA D 277 15.57 30.24 28.09
CA ALA D 277 15.76 28.90 27.54
C ALA D 277 14.79 27.91 28.17
N LEU D 278 14.56 28.03 29.48
CA LEU D 278 13.64 27.13 30.16
C LEU D 278 12.22 27.27 29.60
N GLY D 279 11.78 28.51 29.39
CA GLY D 279 10.45 28.73 28.85
C GLY D 279 10.30 28.21 27.43
N ILE D 280 11.31 28.45 26.59
CA ILE D 280 11.24 28.04 25.19
C ILE D 280 11.16 26.52 25.07
N THR D 281 12.08 25.82 25.74
CA THR D 281 12.19 24.38 25.57
C THR D 281 10.91 23.67 26.02
N THR D 282 10.31 24.14 27.11
CA THR D 282 9.06 23.55 27.56
C THR D 282 7.95 23.75 26.53
N VAL D 283 7.89 24.93 25.92
CA VAL D 283 6.89 25.19 24.89
C VAL D 283 7.13 24.29 23.68
N LEU D 284 8.38 24.18 23.24
CA LEU D 284 8.70 23.36 22.08
C LEU D 284 8.39 21.89 22.35
N THR D 285 8.73 21.41 23.55
CA THR D 285 8.44 20.02 23.90
C THR D 285 6.94 19.76 23.93
N MET D 286 6.17 20.71 24.42
CA MET D 286 4.72 20.55 24.46
C MET D 286 4.14 20.41 23.06
N THR D 287 4.67 21.18 22.11
CA THR D 287 4.22 21.06 20.72
C THR D 287 4.52 19.67 20.16
N THR D 288 5.71 19.15 20.43
CA THR D 288 6.09 17.83 19.91
C THR D 288 5.16 16.75 20.46
N ILE D 289 4.84 16.82 21.75
CA ILE D 289 3.92 15.85 22.34
C ILE D 289 2.54 15.96 21.70
N ASN D 290 2.06 17.18 21.48
CA ASN D 290 0.75 17.38 20.88
C ASN D 290 0.71 16.83 19.46
N THR D 291 1.78 17.05 18.68
CA THR D 291 1.81 16.56 17.31
C THR D 291 1.77 15.04 17.26
N HIS D 292 2.52 14.38 18.15
CA HIS D 292 2.59 12.93 18.13
C HIS D 292 1.22 12.31 18.42
N LEU D 293 0.49 12.85 19.39
CA LEU D 293 -0.80 12.28 19.77
C LEU D 293 -1.79 12.36 18.61
N ARG D 294 -1.88 13.51 17.97
CA ARG D 294 -2.87 13.70 16.91
C ARG D 294 -2.56 12.89 15.66
N GLU D 295 -1.29 12.50 15.47
CA GLU D 295 -0.95 11.66 14.32
C GLU D 295 -1.48 10.25 14.48
N THR D 296 -1.67 9.78 15.71
CA THR D 296 -2.15 8.43 15.96
C THR D 296 -3.68 8.33 15.92
N LEU D 297 -4.38 9.43 15.66
CA LEU D 297 -5.82 9.48 15.69
C LEU D 297 -6.37 10.03 14.38
N PRO D 298 -7.59 9.67 14.02
CA PRO D 298 -8.17 10.20 12.77
C PRO D 298 -8.40 11.70 12.86
N LYS D 299 -8.41 12.33 11.69
CA LYS D 299 -8.54 13.78 11.58
C LYS D 299 -10.00 14.20 11.80
N ILE D 300 -10.45 14.02 13.04
CA ILE D 300 -11.80 14.43 13.43
C ILE D 300 -11.80 15.92 13.69
N PRO D 301 -12.91 16.62 13.42
CA PRO D 301 -12.91 18.08 13.60
C PRO D 301 -13.11 18.51 15.04
N TYR D 302 -13.84 17.72 15.82
CA TYR D 302 -14.15 18.09 17.19
C TYR D 302 -12.94 17.88 18.10
N VAL D 303 -12.96 18.53 19.25
CA VAL D 303 -11.85 18.52 20.19
C VAL D 303 -12.02 17.34 21.13
N LYS D 304 -10.98 16.53 21.24
CA LYS D 304 -11.00 15.40 22.15
C LYS D 304 -10.69 15.84 23.58
N ALA D 305 -10.99 14.96 24.53
CA ALA D 305 -10.67 15.26 25.93
C ALA D 305 -9.17 15.39 26.13
N ILE D 306 -8.39 14.51 25.50
CA ILE D 306 -6.94 14.58 25.62
C ILE D 306 -6.41 15.88 24.99
N ASP D 307 -7.04 16.33 23.90
CA ASP D 307 -6.63 17.59 23.29
C ASP D 307 -6.85 18.77 24.23
N MET D 308 -7.95 18.74 24.97
CA MET D 308 -8.21 19.80 25.94
C MET D 308 -7.12 19.87 27.00
N TYR D 309 -6.67 18.71 27.49
CA TYR D 309 -5.61 18.68 28.49
C TYR D 309 -4.30 19.23 27.93
N LEU D 310 -3.96 18.84 26.69
CA LEU D 310 -2.73 19.34 26.08
C LEU D 310 -2.80 20.84 25.85
N MET D 311 -3.96 21.34 25.40
CA MET D 311 -4.11 22.78 25.22
C MET D 311 -3.96 23.51 26.56
N GLY D 312 -4.55 22.98 27.62
CA GLY D 312 -4.40 23.60 28.92
C GLY D 312 -2.97 23.61 29.41
N CYS D 313 -2.25 22.51 29.21
CA CYS D 313 -0.83 22.47 29.58
C CYS D 313 -0.02 23.47 28.78
N PHE D 314 -0.35 23.63 27.50
CA PHE D 314 0.36 24.60 26.67
C PHE D 314 0.13 26.02 27.18
N VAL D 315 -1.07 26.30 27.69
CA VAL D 315 -1.35 27.64 28.21
C VAL D 315 -0.45 27.95 29.41
N PHE D 316 -0.31 26.99 30.33
CA PHE D 316 0.47 27.24 31.54
C PHE D 316 1.93 27.52 31.21
N VAL D 317 2.53 26.72 30.32
CA VAL D 317 3.93 26.92 29.98
C VAL D 317 4.11 28.21 29.19
N PHE D 318 3.15 28.53 28.32
CA PHE D 318 3.23 29.79 27.58
C PHE D 318 3.10 30.99 28.50
N LEU D 319 2.20 30.91 29.49
CA LEU D 319 2.07 31.98 30.46
C LEU D 319 3.33 32.11 31.32
N ALA D 320 3.98 30.98 31.62
CA ALA D 320 5.19 31.02 32.42
C ALA D 320 6.29 31.79 31.71
N LEU D 321 6.46 31.56 30.41
CA LEU D 321 7.44 32.34 29.65
C LEU D 321 7.02 33.81 29.55
N LEU D 322 5.72 34.06 29.36
CA LEU D 322 5.23 35.43 29.38
C LEU D 322 5.41 36.06 30.76
N GLU D 323 5.36 35.25 31.82
CA GLU D 323 5.55 35.78 33.16
C GLU D 323 6.92 36.40 33.33
N TYR D 324 7.97 35.72 32.85
CA TYR D 324 9.32 36.28 32.96
C TYR D 324 9.49 37.51 32.07
N ALA D 325 8.83 37.52 30.91
CA ALA D 325 8.91 38.70 30.05
C ALA D 325 8.37 39.92 30.75
N PHE D 326 7.26 39.77 31.48
CA PHE D 326 6.76 40.86 32.30
C PHE D 326 7.75 41.22 33.40
N VAL D 327 8.36 40.21 34.03
CA VAL D 327 9.35 40.46 35.07
C VAL D 327 10.56 41.19 34.49
N ASN D 328 11.05 40.74 33.33
CA ASN D 328 12.20 41.37 32.71
C ASN D 328 11.88 42.80 32.31
N TYR D 329 10.67 43.05 31.81
CA TYR D 329 10.30 44.39 31.36
C TYR D 329 10.25 45.37 32.53
N ILE D 330 9.62 44.97 33.64
CA ILE D 330 9.49 45.87 34.77
C ILE D 330 10.84 46.09 35.46
N PHE D 331 11.68 45.04 35.50
CA PHE D 331 12.99 45.19 36.11
C PHE D 331 13.87 46.16 35.34
N PHE D 332 13.83 46.10 34.02
CA PHE D 332 14.61 47.01 33.19
C PHE D 332 13.73 48.13 32.65
N ALA D 447 9.35 39.81 43.87
CA ALA D 447 8.01 39.71 44.42
C ALA D 447 7.06 39.03 43.44
N ILE D 448 7.16 39.42 42.17
CA ILE D 448 6.30 38.83 41.14
C ILE D 448 6.55 37.33 41.02
N ASP D 449 7.82 36.92 41.10
CA ASP D 449 8.14 35.50 41.04
C ASP D 449 7.52 34.75 42.22
N ARG D 450 7.57 35.34 43.41
CA ARG D 450 6.97 34.69 44.57
C ARG D 450 5.47 34.49 44.39
N TRP D 451 4.79 35.52 43.85
CA TRP D 451 3.37 35.37 43.58
C TRP D 451 3.12 34.29 42.54
N SER D 452 3.99 34.19 41.53
CA SER D 452 3.82 33.16 40.52
C SER D 452 4.10 31.77 41.06
N ARG D 453 4.95 31.67 42.10
CA ARG D 453 5.28 30.36 42.66
C ARG D 453 4.10 29.70 43.34
N ILE D 454 3.09 30.47 43.73
CA ILE D 454 1.91 29.90 44.38
C ILE D 454 0.70 29.84 43.46
N VAL D 455 0.56 30.79 42.52
CA VAL D 455 -0.60 30.81 41.64
C VAL D 455 -0.54 29.66 40.65
N PHE D 456 0.59 29.48 39.99
CA PHE D 456 0.69 28.47 38.94
C PHE D 456 0.47 27.05 39.45
N PRO D 457 1.15 26.58 40.50
CA PRO D 457 0.84 25.23 41.01
C PRO D 457 -0.59 25.08 41.49
N PHE D 458 -1.15 26.13 42.09
CA PHE D 458 -2.54 26.07 42.55
C PHE D 458 -3.51 26.03 41.38
N THR D 459 -3.30 26.89 40.38
CA THR D 459 -4.19 26.89 39.22
C THR D 459 -4.10 25.58 38.45
N PHE D 460 -2.89 25.06 38.27
CA PHE D 460 -2.74 23.79 37.56
C PHE D 460 -3.39 22.64 38.32
N SER D 461 -3.24 22.63 39.64
CA SER D 461 -3.92 21.62 40.45
C SER D 461 -5.44 21.77 40.33
N LEU D 462 -5.93 23.00 40.33
CA LEU D 462 -7.36 23.22 40.14
C LEU D 462 -7.81 22.76 38.77
N PHE D 463 -6.99 23.02 37.74
CA PHE D 463 -7.33 22.59 36.39
C PHE D 463 -7.41 21.07 36.30
N ASN D 464 -6.46 20.37 36.92
CA ASN D 464 -6.48 18.91 36.90
C ASN D 464 -7.72 18.36 37.60
N LEU D 465 -8.09 18.95 38.75
CA LEU D 465 -9.27 18.47 39.47
C LEU D 465 -10.53 18.64 38.65
N VAL D 466 -10.68 19.79 37.98
CA VAL D 466 -11.84 20.01 37.12
C VAL D 466 -11.82 19.05 35.95
N TYR D 467 -10.66 18.86 35.34
CA TYR D 467 -10.56 18.01 34.15
C TYR D 467 -10.93 16.57 34.46
N TRP D 468 -10.37 16.00 35.52
CA TRP D 468 -10.60 14.59 35.82
C TRP D 468 -12.03 14.33 36.27
N LEU D 469 -12.58 15.23 37.10
CA LEU D 469 -13.95 15.04 37.57
C LEU D 469 -14.95 15.13 36.43
N TYR D 470 -14.70 16.01 35.46
CA TYR D 470 -15.63 16.18 34.34
C TYR D 470 -15.69 14.91 33.49
N TYR D 471 -14.54 14.26 33.26
CA TYR D 471 -14.47 13.12 32.37
C TYR D 471 -14.50 11.78 33.11
N VAL D 472 -14.77 11.78 34.40
CA VAL D 472 -14.90 10.52 35.15
C VAL D 472 -16.26 10.48 35.83
N LEU E 41 -1.61 -48.04 -13.53
CA LEU E 41 -2.74 -47.34 -14.15
C LEU E 41 -4.09 -48.06 -13.92
N PRO E 42 -4.16 -49.38 -14.14
CA PRO E 42 -5.43 -50.07 -13.86
C PRO E 42 -5.86 -49.94 -12.40
N ASN E 43 -4.91 -49.90 -11.48
CA ASN E 43 -5.26 -49.70 -10.07
C ASN E 43 -5.87 -48.32 -9.84
N LEU E 44 -5.30 -47.30 -10.46
CA LEU E 44 -5.77 -45.93 -10.23
C LEU E 44 -7.23 -45.75 -10.67
N ASP E 45 -7.57 -46.29 -11.84
CA ASP E 45 -8.95 -46.15 -12.32
C ASP E 45 -9.92 -46.92 -11.45
N GLY E 46 -9.54 -48.13 -11.01
CA GLY E 46 -10.43 -48.93 -10.19
C GLY E 46 -10.69 -48.33 -8.82
N LEU E 47 -9.64 -47.79 -8.19
CA LEU E 47 -9.80 -47.25 -6.84
C LEU E 47 -10.73 -46.05 -6.81
N ILE E 48 -10.61 -45.14 -7.78
CA ILE E 48 -11.42 -43.92 -7.76
C ILE E 48 -12.88 -44.25 -8.04
N ALA E 49 -13.15 -45.21 -8.93
CA ALA E 49 -14.51 -45.46 -9.37
C ALA E 49 -15.42 -45.87 -8.22
N GLY E 50 -14.93 -46.75 -7.34
CA GLY E 50 -15.73 -47.19 -6.21
C GLY E 50 -15.48 -46.40 -4.94
N TYR E 51 -14.89 -45.21 -5.08
CA TYR E 51 -14.51 -44.39 -3.95
C TYR E 51 -15.57 -43.33 -3.69
N ALA E 52 -16.01 -43.23 -2.44
CA ALA E 52 -16.96 -42.21 -2.02
C ALA E 52 -16.18 -41.11 -1.28
N ARG E 53 -16.04 -39.96 -1.92
CA ARG E 53 -15.17 -38.91 -1.41
C ARG E 53 -15.74 -38.25 -0.16
N ASN E 54 -17.08 -38.12 -0.08
CA ASN E 54 -17.69 -37.32 0.97
C ASN E 54 -17.63 -37.98 2.34
N PHE E 55 -17.22 -39.23 2.44
CA PHE E 55 -17.28 -39.97 3.69
C PHE E 55 -15.89 -40.36 4.17
N ARG E 56 -15.68 -40.26 5.48
CA ARG E 56 -14.45 -40.75 6.08
C ARG E 56 -14.42 -42.28 6.00
N PRO E 57 -13.23 -42.87 5.98
CA PRO E 57 -13.14 -44.33 5.97
C PRO E 57 -13.80 -44.93 7.20
N GLY E 58 -14.52 -46.02 6.99
CA GLY E 58 -15.23 -46.68 8.07
C GLY E 58 -16.24 -45.79 8.75
N ILE E 59 -17.04 -45.07 7.98
CA ILE E 59 -18.03 -44.18 8.56
C ILE E 59 -19.07 -44.99 9.34
N GLY E 60 -19.56 -44.41 10.42
CA GLY E 60 -20.45 -45.13 11.32
C GLY E 60 -19.76 -46.28 12.04
N GLY E 61 -18.50 -46.11 12.39
CA GLY E 61 -17.75 -47.13 13.08
C GLY E 61 -16.66 -46.55 13.95
N PRO E 62 -15.56 -47.29 14.10
CA PRO E 62 -14.45 -46.78 14.90
C PRO E 62 -13.87 -45.53 14.27
N PRO E 63 -13.39 -44.60 15.09
CA PRO E 63 -12.82 -43.36 14.54
C PRO E 63 -11.54 -43.63 13.76
N VAL E 64 -11.29 -42.76 12.78
CA VAL E 64 -10.09 -42.87 11.97
C VAL E 64 -8.91 -42.37 12.77
N ASN E 65 -7.86 -43.19 12.87
CA ASN E 65 -6.66 -42.85 13.61
C ASN E 65 -5.66 -42.21 12.63
N VAL E 66 -5.41 -40.92 12.79
CA VAL E 66 -4.58 -40.16 11.88
C VAL E 66 -3.25 -39.86 12.55
N ALA E 67 -2.17 -40.31 11.93
CA ALA E 67 -0.82 -40.01 12.41
C ALA E 67 -0.37 -38.68 11.83
N LEU E 68 0.17 -37.81 12.68
CA LEU E 68 0.53 -36.46 12.29
C LEU E 68 2.00 -36.22 12.61
N ALA E 69 2.68 -35.54 11.68
CA ALA E 69 4.09 -35.18 11.87
C ALA E 69 4.31 -33.77 11.32
N LEU E 70 5.28 -33.08 11.91
CA LEU E 70 5.62 -31.73 11.51
C LEU E 70 7.10 -31.63 11.17
N GLU E 71 7.42 -30.85 10.15
CA GLU E 71 8.79 -30.56 9.75
C GLU E 71 8.88 -29.05 9.57
N VAL E 72 9.25 -28.34 10.65
CA VAL E 72 9.29 -26.88 10.60
C VAL E 72 10.45 -26.44 9.71
N ALA E 73 10.16 -25.59 8.74
CA ALA E 73 11.18 -25.12 7.82
C ALA E 73 11.85 -23.83 8.32
N SER E 74 11.05 -22.86 8.75
CA SER E 74 11.59 -21.60 9.25
C SER E 74 10.53 -20.87 10.05
N ILE E 75 10.98 -19.89 10.81
CA ILE E 75 10.12 -18.97 11.56
C ILE E 75 10.53 -17.57 11.13
N ASP E 76 9.79 -17.01 10.18
CA ASP E 76 10.25 -15.78 9.51
C ASP E 76 10.17 -14.58 10.44
N HIS E 77 8.95 -14.23 10.87
CA HIS E 77 8.71 -13.01 11.63
C HIS E 77 8.17 -13.35 13.01
N ILE E 78 8.60 -12.59 14.01
CA ILE E 78 8.07 -12.68 15.37
C ILE E 78 7.81 -11.25 15.81
N SER E 79 6.57 -10.80 15.65
CA SER E 79 6.20 -9.41 15.94
C SER E 79 5.47 -9.35 17.28
N GLU E 80 6.05 -8.61 18.23
CA GLU E 80 5.37 -8.40 19.50
C GLU E 80 4.22 -7.41 19.34
N ALA E 81 4.33 -6.47 18.41
CA ALA E 81 3.26 -5.51 18.17
C ALA E 81 2.00 -6.20 17.69
N ASN E 82 2.14 -7.15 16.78
CA ASN E 82 0.99 -7.89 16.26
C ASN E 82 0.68 -9.16 17.02
N MET E 83 1.52 -9.52 18.00
CA MET E 83 1.31 -10.72 18.82
C MET E 83 1.17 -11.97 17.95
N GLU E 84 2.04 -12.08 16.96
CA GLU E 84 1.94 -13.15 15.97
C GLU E 84 3.34 -13.56 15.51
N TYR E 85 3.42 -14.76 14.95
CA TYR E 85 4.63 -15.24 14.31
C TYR E 85 4.27 -16.01 13.05
N THR E 86 5.20 -16.04 12.10
CA THR E 86 5.00 -16.70 10.82
C THR E 86 5.87 -17.94 10.76
N MET E 87 5.28 -19.08 10.41
CA MET E 87 5.98 -20.35 10.37
C MET E 87 5.66 -21.09 9.08
N THR E 88 6.70 -21.65 8.47
CA THR E 88 6.57 -22.52 7.31
C THR E 88 6.91 -23.94 7.73
N VAL E 89 6.02 -24.88 7.45
CA VAL E 89 6.13 -26.23 7.97
C VAL E 89 5.64 -27.23 6.94
N PHE E 90 6.27 -28.41 6.93
CA PHE E 90 5.80 -29.55 6.16
C PHE E 90 4.88 -30.36 7.06
N LEU E 91 3.60 -30.43 6.70
CA LEU E 91 2.61 -31.14 7.49
C LEU E 91 2.38 -32.51 6.87
N HIS E 92 2.65 -33.56 7.63
CA HIS E 92 2.49 -34.94 7.18
C HIS E 92 1.35 -35.59 7.95
N GLN E 93 0.37 -36.12 7.22
CA GLN E 93 -0.77 -36.80 7.80
C GLN E 93 -0.86 -38.20 7.23
N SER E 94 -0.96 -39.20 8.11
CA SER E 94 -1.00 -40.59 7.69
C SER E 94 -2.24 -41.26 8.28
N TRP E 95 -2.97 -41.99 7.45
CA TRP E 95 -4.13 -42.74 7.90
C TRP E 95 -4.35 -43.90 6.94
N ARG E 96 -5.14 -44.87 7.38
CA ARG E 96 -5.43 -46.06 6.60
C ARG E 96 -6.84 -45.99 6.05
N ASP E 97 -6.96 -46.18 4.73
CA ASP E 97 -8.25 -46.21 4.05
C ASP E 97 -8.34 -47.52 3.28
N SER E 98 -9.17 -48.44 3.78
CA SER E 98 -9.29 -49.75 3.15
C SER E 98 -9.90 -49.68 1.76
N ARG E 99 -10.62 -48.60 1.44
CA ARG E 99 -11.22 -48.48 0.12
C ARG E 99 -10.18 -48.32 -0.98
N LEU E 100 -8.97 -47.87 -0.65
CA LEU E 100 -7.92 -47.66 -1.63
C LEU E 100 -6.88 -48.77 -1.65
N SER E 101 -7.10 -49.85 -0.90
CA SER E 101 -6.16 -50.96 -0.91
C SER E 101 -6.23 -51.68 -2.25
N TYR E 102 -5.06 -51.95 -2.83
CA TYR E 102 -4.97 -52.64 -4.11
C TYR E 102 -4.24 -53.97 -3.92
N ASN E 103 -4.22 -54.76 -4.99
CA ASN E 103 -3.72 -56.13 -4.95
C ASN E 103 -2.67 -56.32 -6.05
N HIS E 104 -1.82 -57.32 -5.84
CA HIS E 104 -0.82 -57.79 -6.80
C HIS E 104 0.35 -56.82 -6.91
N THR E 105 0.25 -55.65 -6.29
CA THR E 105 1.31 -54.64 -6.33
C THR E 105 1.81 -54.40 -4.92
N ASN E 106 3.12 -54.59 -4.72
CA ASN E 106 3.76 -54.34 -3.44
C ASN E 106 4.55 -53.04 -3.42
N GLU E 107 4.40 -52.21 -4.44
CA GLU E 107 5.14 -50.96 -4.56
C GLU E 107 4.21 -49.79 -4.25
N THR E 108 4.71 -48.85 -3.44
CA THR E 108 3.94 -47.66 -3.12
C THR E 108 3.71 -46.82 -4.38
N LEU E 109 2.49 -46.32 -4.53
CA LEU E 109 2.09 -45.56 -5.72
C LEU E 109 2.22 -44.07 -5.41
N GLY E 110 3.42 -43.54 -5.63
CA GLY E 110 3.64 -42.11 -5.54
C GLY E 110 2.78 -41.37 -6.54
N LEU E 111 2.04 -40.37 -6.07
CA LEU E 111 1.08 -39.66 -6.91
C LEU E 111 1.27 -38.16 -6.77
N ASP E 112 0.88 -37.43 -7.80
CA ASP E 112 1.03 -35.98 -7.85
C ASP E 112 -0.11 -35.30 -7.11
N SER E 113 -0.05 -33.97 -7.02
CA SER E 113 -1.07 -33.21 -6.34
C SER E 113 -2.42 -33.24 -7.05
N ARG E 114 -2.46 -33.68 -8.30
CA ARG E 114 -3.72 -33.78 -9.02
C ARG E 114 -4.65 -34.81 -8.37
N PHE E 115 -4.07 -35.90 -7.87
CA PHE E 115 -4.83 -36.97 -7.23
C PHE E 115 -5.43 -36.55 -5.89
N VAL E 116 -5.02 -35.41 -5.34
CA VAL E 116 -5.46 -35.02 -4.01
C VAL E 116 -6.97 -34.81 -3.96
N ASP E 117 -7.52 -34.13 -4.97
CA ASP E 117 -8.94 -33.80 -4.96
C ASP E 117 -9.84 -35.02 -5.08
N LYS E 118 -9.30 -36.18 -5.45
CA LYS E 118 -10.11 -37.38 -5.64
C LYS E 118 -10.32 -38.18 -4.36
N LEU E 119 -9.67 -37.81 -3.26
CA LEU E 119 -9.68 -38.61 -2.05
C LEU E 119 -10.21 -37.81 -0.86
N TRP E 120 -10.76 -38.53 0.10
CA TRP E 120 -11.14 -37.91 1.37
C TRP E 120 -9.89 -37.54 2.16
N LEU E 121 -9.92 -36.37 2.79
CA LEU E 121 -8.80 -35.91 3.58
C LEU E 121 -9.27 -35.43 4.94
N PRO E 122 -8.44 -35.56 5.97
CA PRO E 122 -8.79 -34.98 7.27
C PRO E 122 -8.94 -33.47 7.17
N ASP E 123 -9.89 -32.94 7.90
CA ASP E 123 -10.14 -31.49 7.91
C ASP E 123 -9.29 -30.81 8.99
N THR E 124 -8.00 -31.07 8.97
CA THR E 124 -7.10 -30.50 9.96
C THR E 124 -6.92 -29.01 9.69
N PHE E 125 -7.11 -28.20 10.74
CA PHE E 125 -6.93 -26.76 10.64
C PHE E 125 -6.14 -26.28 11.85
N ILE E 126 -5.40 -25.19 11.66
CA ILE E 126 -4.64 -24.59 12.74
C ILE E 126 -5.57 -23.69 13.54
N VAL E 127 -5.70 -23.98 14.84
CA VAL E 127 -6.71 -23.30 15.65
C VAL E 127 -6.38 -21.82 15.80
N ASN E 128 -5.12 -21.51 16.11
CA ASN E 128 -4.71 -20.14 16.42
C ASN E 128 -3.95 -19.49 15.26
N ALA E 129 -4.35 -19.76 14.03
CA ALA E 129 -3.71 -19.19 12.85
C ALA E 129 -4.54 -18.01 12.36
N LYS E 130 -3.92 -16.82 12.35
CA LYS E 130 -4.59 -15.65 11.78
C LYS E 130 -4.82 -15.83 10.29
N SER E 131 -3.82 -16.32 9.57
CA SER E 131 -3.95 -16.56 8.14
C SER E 131 -2.94 -17.62 7.72
N ALA E 132 -3.27 -18.37 6.68
CA ALA E 132 -2.40 -19.42 6.19
C ALA E 132 -2.71 -19.66 4.71
N TRP E 133 -1.77 -20.28 4.03
CA TRP E 133 -1.91 -20.54 2.59
C TRP E 133 -0.92 -21.63 2.19
N PHE E 134 -1.18 -22.21 1.02
CA PHE E 134 -0.33 -23.25 0.46
C PHE E 134 0.59 -22.66 -0.60
N HIS E 135 1.81 -23.18 -0.68
CA HIS E 135 2.69 -22.85 -1.78
C HIS E 135 2.28 -23.63 -3.01
N ASP E 136 2.15 -22.93 -4.14
CA ASP E 136 1.69 -23.55 -5.38
C ASP E 136 2.62 -23.23 -6.54
N VAL E 137 3.91 -23.06 -6.26
CA VAL E 137 4.92 -22.81 -7.28
C VAL E 137 5.97 -23.91 -7.20
N THR E 138 6.22 -24.60 -8.31
CA THR E 138 5.55 -24.32 -9.58
C THR E 138 4.19 -25.00 -9.66
N VAL E 139 3.96 -25.95 -8.76
CA VAL E 139 2.68 -26.63 -8.63
C VAL E 139 2.31 -26.68 -7.16
N GLU E 140 1.09 -27.15 -6.89
CA GLU E 140 0.64 -27.32 -5.51
C GLU E 140 1.55 -28.29 -4.79
N ASN E 141 2.22 -27.80 -3.75
CA ASN E 141 3.18 -28.61 -2.99
C ASN E 141 2.41 -29.58 -2.09
N LYS E 142 1.85 -30.60 -2.74
CA LYS E 142 1.10 -31.65 -2.06
C LYS E 142 1.66 -33.01 -2.47
N LEU E 143 1.78 -33.90 -1.49
CA LEU E 143 2.31 -35.24 -1.71
C LEU E 143 1.29 -36.26 -1.25
N ILE E 144 1.01 -37.24 -2.10
CA ILE E 144 0.16 -38.37 -1.74
C ILE E 144 0.89 -39.64 -2.16
N ARG E 145 1.15 -40.52 -1.20
CA ARG E 145 1.79 -41.80 -1.44
C ARG E 145 0.90 -42.90 -0.87
N LEU E 146 0.46 -43.81 -1.74
CA LEU E 146 -0.50 -44.84 -1.38
C LEU E 146 0.20 -46.19 -1.30
N GLN E 147 -0.07 -46.93 -0.23
CA GLN E 147 0.50 -48.23 0.03
C GLN E 147 -0.52 -49.33 -0.24
N PRO E 148 -0.08 -50.55 -0.55
CA PRO E 148 -1.03 -51.62 -0.86
C PRO E 148 -2.00 -51.94 0.27
N ASP E 149 -1.57 -51.80 1.52
CA ASP E 149 -2.45 -52.11 2.64
C ASP E 149 -3.51 -51.04 2.87
N GLY E 150 -3.44 -49.92 2.17
CA GLY E 150 -4.39 -48.84 2.33
C GLY E 150 -3.89 -47.66 3.14
N VAL E 151 -2.63 -47.70 3.60
CA VAL E 151 -2.07 -46.57 4.33
C VAL E 151 -1.76 -45.44 3.36
N ILE E 152 -2.20 -44.24 3.70
CA ILE E 152 -2.03 -43.05 2.86
C ILE E 152 -1.08 -42.09 3.57
N LEU E 153 -0.09 -41.60 2.84
CA LEU E 153 0.81 -40.57 3.32
C LEU E 153 0.49 -39.27 2.59
N TYR E 154 0.14 -38.24 3.35
CA TYR E 154 -0.29 -36.96 2.80
C TYR E 154 0.59 -35.87 3.39
N SER E 155 1.40 -35.23 2.53
CA SER E 155 2.34 -34.21 2.95
C SER E 155 2.08 -32.94 2.15
N ILE E 156 1.99 -31.81 2.85
CA ILE E 156 1.77 -30.51 2.22
C ILE E 156 2.68 -29.49 2.89
N ARG E 157 3.08 -28.47 2.13
CA ARG E 157 3.90 -27.38 2.63
C ARG E 157 3.02 -26.16 2.81
N ILE E 158 3.00 -25.62 4.03
CA ILE E 158 2.08 -24.55 4.41
C ILE E 158 2.85 -23.45 5.14
N THR E 159 2.56 -22.20 4.80
CA THR E 159 3.03 -21.04 5.55
C THR E 159 1.85 -20.44 6.28
N SER E 160 1.98 -20.29 7.60
CA SER E 160 0.88 -19.83 8.44
C SER E 160 1.36 -18.73 9.36
N THR E 161 0.51 -17.71 9.54
CA THR E 161 0.74 -16.65 10.52
C THR E 161 -0.07 -17.01 11.77
N VAL E 162 0.62 -17.39 12.82
CA VAL E 162 0.00 -17.94 14.03
C VAL E 162 0.06 -16.91 15.13
N ALA E 163 -1.08 -16.63 15.75
CA ALA E 163 -1.14 -15.69 16.86
C ALA E 163 -0.53 -16.32 18.11
N CYS E 164 0.37 -15.57 18.76
CA CYS E 164 1.02 -16.03 19.98
C CYS E 164 0.84 -14.97 21.06
N ASP E 165 0.23 -15.37 22.17
CA ASP E 165 0.03 -14.45 23.29
C ASP E 165 1.35 -14.26 24.02
N MET E 166 1.83 -13.02 24.05
CA MET E 166 3.12 -12.69 24.64
C MET E 166 2.92 -11.76 25.83
N ASP E 167 3.64 -12.04 26.91
CA ASP E 167 3.63 -11.20 28.10
C ASP E 167 4.88 -10.35 28.09
N LEU E 168 4.70 -9.03 28.07
CA LEU E 168 5.80 -8.08 27.99
C LEU E 168 6.11 -7.44 29.34
N ALA E 169 5.84 -8.15 30.44
CA ALA E 169 6.16 -7.62 31.76
C ALA E 169 7.67 -7.47 31.94
N LYS E 170 8.44 -8.44 31.47
CA LYS E 170 9.89 -8.44 31.60
C LYS E 170 10.58 -8.01 30.31
N TYR E 171 9.84 -7.46 29.35
CA TYR E 171 10.44 -7.04 28.09
C TYR E 171 11.50 -5.97 28.34
N PRO E 172 12.67 -6.06 27.68
CA PRO E 172 13.01 -7.07 26.68
C PRO E 172 13.67 -8.33 27.23
N MET E 173 13.90 -8.41 28.55
CA MET E 173 14.47 -9.61 29.15
C MET E 173 13.37 -10.61 29.50
N ASP E 174 12.64 -11.02 28.47
CA ASP E 174 11.48 -11.87 28.62
C ASP E 174 11.61 -13.12 27.76
N GLU E 175 11.04 -14.21 28.24
CA GLU E 175 10.96 -15.47 27.51
C GLU E 175 9.51 -15.75 27.16
N GLN E 176 9.24 -16.03 25.90
CA GLN E 176 7.88 -16.22 25.41
C GLN E 176 7.67 -17.66 24.97
N GLU E 177 6.46 -18.16 25.19
CA GLU E 177 6.06 -19.49 24.75
C GLU E 177 4.95 -19.35 23.72
N CYS E 178 5.13 -19.97 22.56
CA CYS E 178 4.18 -19.90 21.47
C CYS E 178 3.71 -21.31 21.12
N MET E 179 2.42 -21.43 20.83
CA MET E 179 1.79 -22.72 20.55
C MET E 179 1.48 -22.85 19.07
N LEU E 180 1.14 -24.08 18.68
CA LEU E 180 0.69 -24.38 17.32
C LEU E 180 -0.33 -25.50 17.44
N ASP E 181 -1.61 -25.14 17.48
CA ASP E 181 -2.67 -26.09 17.75
C ASP E 181 -3.24 -26.65 16.44
N LEU E 182 -3.32 -27.97 16.36
CA LEU E 182 -3.89 -28.66 15.21
C LEU E 182 -5.09 -29.47 15.66
N GLU E 183 -6.16 -29.43 14.87
CA GLU E 183 -7.42 -30.00 15.29
C GLU E 183 -8.31 -30.23 14.07
N SER E 184 -9.15 -31.25 14.15
CA SER E 184 -10.19 -31.44 13.14
C SER E 184 -11.26 -30.36 13.32
N TYR E 185 -11.75 -29.84 12.19
CA TYR E 185 -12.73 -28.76 12.27
C TYR E 185 -14.15 -29.29 12.39
N GLY E 186 -14.49 -30.39 11.71
CA GLY E 186 -15.85 -30.86 11.70
C GLY E 186 -16.04 -32.22 12.34
N TYR E 187 -15.00 -33.05 12.31
CA TYR E 187 -15.07 -34.40 12.84
C TYR E 187 -14.66 -34.41 14.31
N SER E 188 -15.54 -34.93 15.16
CA SER E 188 -15.27 -35.01 16.59
C SER E 188 -14.38 -36.21 16.87
N SER E 189 -14.13 -36.49 18.16
CA SER E 189 -13.31 -37.63 18.54
C SER E 189 -13.94 -38.95 18.15
N GLU E 190 -15.25 -38.98 17.88
CA GLU E 190 -15.91 -40.19 17.43
C GLU E 190 -15.59 -40.53 15.98
N ASP E 191 -14.99 -39.61 15.23
CA ASP E 191 -14.71 -39.82 13.82
C ASP E 191 -13.23 -39.79 13.49
N ILE E 192 -12.49 -38.80 13.99
CA ILE E 192 -11.07 -38.66 13.71
C ILE E 192 -10.32 -38.49 15.02
N VAL E 193 -9.27 -39.28 15.20
CA VAL E 193 -8.40 -39.21 16.37
C VAL E 193 -6.98 -38.91 15.91
N TYR E 194 -6.38 -37.88 16.49
CA TYR E 194 -5.04 -37.47 16.11
C TYR E 194 -4.02 -37.93 17.16
N TYR E 195 -2.81 -38.21 16.69
CA TYR E 195 -1.70 -38.55 17.56
C TYR E 195 -0.40 -38.29 16.82
N TRP E 196 0.61 -37.84 17.55
CA TRP E 196 1.92 -37.61 16.95
C TRP E 196 2.55 -38.93 16.51
N SER E 197 3.12 -38.93 15.31
CA SER E 197 3.77 -40.12 14.80
C SER E 197 5.08 -40.36 15.54
N GLU E 198 5.57 -41.60 15.44
CA GLU E 198 6.81 -41.97 16.11
C GLU E 198 8.01 -41.22 15.56
N SER E 199 7.93 -40.72 14.33
CA SER E 199 9.04 -40.00 13.71
C SER E 199 9.02 -38.51 13.99
N GLN E 200 8.04 -38.04 14.78
CA GLN E 200 7.94 -36.60 15.04
C GLN E 200 9.16 -36.07 15.77
N GLU E 201 9.69 -36.83 16.74
CA GLU E 201 10.83 -36.38 17.52
C GLU E 201 12.12 -36.32 16.70
N HIS E 202 12.13 -36.88 15.50
CA HIS E 202 13.33 -36.91 14.68
C HIS E 202 13.30 -35.99 13.47
N ILE E 203 12.12 -35.51 13.07
CA ILE E 203 11.98 -34.72 11.85
C ILE E 203 11.44 -33.32 12.13
N HIS E 204 11.31 -32.94 13.41
CA HIS E 204 10.78 -31.62 13.73
C HIS E 204 11.69 -30.52 13.20
N GLY E 205 12.99 -30.71 13.31
CA GLY E 205 13.94 -29.75 12.77
C GLY E 205 14.00 -28.42 13.49
N LEU E 206 13.44 -28.34 14.70
CA LEU E 206 13.48 -27.09 15.45
C LEU E 206 14.89 -26.74 15.91
N ASP E 207 15.77 -27.74 16.05
CA ASP E 207 17.14 -27.46 16.47
C ASP E 207 17.90 -26.71 15.39
N LYS E 208 17.64 -27.02 14.12
CA LYS E 208 18.36 -26.41 13.01
C LYS E 208 17.91 -24.99 12.72
N LEU E 209 16.80 -24.53 13.30
CA LEU E 209 16.30 -23.20 13.02
C LEU E 209 17.23 -22.13 13.58
N GLN E 210 17.35 -21.03 12.86
CA GLN E 210 18.13 -19.87 13.28
C GLN E 210 17.23 -18.65 13.30
N LEU E 211 17.14 -18.00 14.45
CA LEU E 211 16.26 -16.84 14.63
C LEU E 211 17.12 -15.60 14.87
N ALA E 212 16.73 -14.50 14.21
CA ALA E 212 17.52 -13.27 14.29
C ALA E 212 17.54 -12.70 15.70
N GLN E 213 16.40 -12.71 16.38
CA GLN E 213 16.28 -12.06 17.68
C GLN E 213 16.03 -13.01 18.83
N PHE E 214 15.44 -14.18 18.59
CA PHE E 214 15.09 -15.12 19.64
C PHE E 214 15.94 -16.37 19.53
N THR E 215 15.72 -17.29 20.48
CA THR E 215 16.41 -18.57 20.49
C THR E 215 15.46 -19.62 21.05
N ILE E 216 15.32 -20.73 20.32
CA ILE E 216 14.42 -21.81 20.73
C ILE E 216 15.13 -22.60 21.83
N THR E 217 14.72 -22.37 23.08
CA THR E 217 15.36 -23.06 24.20
C THR E 217 14.82 -24.46 24.37
N SER E 218 13.49 -24.61 24.37
CA SER E 218 12.87 -25.91 24.55
C SER E 218 11.63 -26.01 23.68
N TYR E 219 11.25 -27.25 23.37
CA TYR E 219 10.05 -27.53 22.59
C TYR E 219 9.37 -28.76 23.17
N ARG E 220 8.06 -28.84 22.95
CA ARG E 220 7.25 -29.92 23.52
C ARG E 220 6.05 -30.17 22.63
N PHE E 221 5.73 -31.44 22.43
CA PHE E 221 4.55 -31.86 21.67
C PHE E 221 3.52 -32.38 22.66
N THR E 222 2.39 -31.70 22.74
CA THR E 222 1.35 -31.99 23.73
C THR E 222 0.07 -32.42 23.02
N THR E 223 -0.55 -33.47 23.54
CA THR E 223 -1.83 -33.95 23.04
C THR E 223 -2.90 -33.68 24.09
N GLU E 224 -3.91 -32.92 23.72
CA GLU E 224 -5.04 -32.62 24.59
C GLU E 224 -6.30 -33.16 23.94
N LEU E 225 -6.85 -34.22 24.52
CA LEU E 225 -8.06 -34.85 24.01
C LEU E 225 -9.32 -34.30 24.67
N MET E 226 -9.19 -33.28 25.52
CA MET E 226 -10.30 -32.77 26.30
C MET E 226 -10.79 -31.41 25.81
N ASN E 227 -10.55 -31.09 24.54
CA ASN E 227 -11.06 -29.85 23.96
C ASN E 227 -12.52 -30.08 23.57
N PHE E 228 -13.40 -30.00 24.57
CA PHE E 228 -14.82 -30.26 24.39
C PHE E 228 -15.49 -28.99 23.84
N LYS E 229 -15.55 -28.88 22.53
CA LYS E 229 -16.33 -27.81 21.93
C LYS E 229 -17.80 -28.20 21.89
N SER E 230 -18.63 -27.26 21.45
CA SER E 230 -20.08 -27.48 21.45
C SER E 230 -20.46 -28.65 20.55
N ALA E 231 -19.81 -28.77 19.39
CA ALA E 231 -20.13 -29.86 18.48
C ALA E 231 -19.80 -31.22 19.09
N GLY E 232 -18.68 -31.30 19.80
CA GLY E 232 -18.29 -32.55 20.44
C GLY E 232 -16.87 -32.47 20.94
N GLN E 233 -16.37 -33.62 21.37
CA GLN E 233 -14.98 -33.71 21.80
C GLN E 233 -14.06 -33.61 20.58
N PHE E 234 -13.04 -32.76 20.67
CA PHE E 234 -12.10 -32.58 19.58
C PHE E 234 -10.67 -32.81 20.10
N PRO E 235 -9.95 -33.79 19.59
CA PRO E 235 -8.54 -33.95 19.98
C PRO E 235 -7.69 -32.85 19.35
N ARG E 236 -6.85 -32.23 20.17
CA ARG E 236 -6.04 -31.09 19.73
C ARG E 236 -4.56 -31.42 19.97
N LEU E 237 -3.80 -31.54 18.88
CA LEU E 237 -2.36 -31.68 18.96
C LEU E 237 -1.73 -30.29 19.01
N SER E 238 -0.92 -30.04 20.01
CA SER E 238 -0.31 -28.74 20.23
C SER E 238 1.20 -28.86 20.26
N LEU E 239 1.86 -27.90 19.63
CA LEU E 239 3.32 -27.81 19.61
C LEU E 239 3.72 -26.57 20.39
N HIS E 240 4.35 -26.76 21.55
CA HIS E 240 4.81 -25.67 22.39
C HIS E 240 6.31 -25.54 22.27
N PHE E 241 6.78 -24.34 21.91
CA PHE E 241 8.20 -24.03 21.89
C PHE E 241 8.43 -22.71 22.59
N HIS E 242 9.48 -22.65 23.41
CA HIS E 242 9.80 -21.48 24.21
C HIS E 242 10.86 -20.65 23.50
N LEU E 243 10.61 -19.35 23.39
CA LEU E 243 11.53 -18.43 22.73
C LEU E 243 12.13 -17.48 23.76
N ARG E 244 13.45 -17.39 23.78
CA ARG E 244 14.18 -16.48 24.65
C ARG E 244 14.78 -15.38 23.80
N ARG E 245 14.44 -14.13 24.12
CA ARG E 245 14.96 -13.01 23.36
C ARG E 245 16.46 -12.85 23.61
N ASN E 246 17.22 -12.67 22.54
CA ASN E 246 18.66 -12.53 22.65
C ASN E 246 19.00 -11.21 23.35
N ARG E 247 19.94 -11.28 24.30
CA ARG E 247 20.39 -10.13 25.06
C ARG E 247 21.77 -9.75 24.55
N GLY E 248 21.79 -8.89 23.53
CA GLY E 248 23.04 -8.44 22.94
C GLY E 248 23.11 -6.93 22.80
N VAL E 249 23.48 -6.45 21.61
CA VAL E 249 23.54 -5.01 21.38
C VAL E 249 22.15 -4.40 21.28
N TYR E 250 21.11 -5.23 21.10
CA TYR E 250 19.76 -4.70 21.01
C TYR E 250 19.34 -4.03 22.30
N ILE E 251 19.56 -4.68 23.43
CA ILE E 251 19.26 -4.07 24.72
C ILE E 251 20.23 -2.91 24.99
N ILE E 252 21.44 -2.99 24.45
CA ILE E 252 22.41 -1.91 24.60
C ILE E 252 21.88 -0.63 23.95
N GLN E 253 21.22 -0.77 22.81
CA GLN E 253 20.65 0.39 22.13
C GLN E 253 19.59 1.07 22.98
N SER E 254 18.77 0.28 23.68
CA SER E 254 17.68 0.85 24.47
C SER E 254 18.20 1.50 25.76
N TYR E 255 19.16 0.86 26.42
CA TYR E 255 19.54 1.28 27.78
C TYR E 255 20.69 2.28 27.80
N MET E 256 21.73 2.06 27.00
CA MET E 256 22.92 2.90 27.09
C MET E 256 22.65 4.38 26.83
N PRO E 257 21.91 4.77 25.79
CA PRO E 257 21.60 6.21 25.64
C PRO E 257 20.89 6.79 26.83
N SER E 258 19.99 6.04 27.46
CA SER E 258 19.34 6.50 28.68
C SER E 258 20.36 6.71 29.80
N VAL E 259 21.29 5.76 29.95
CA VAL E 259 22.31 5.88 30.98
C VAL E 259 23.22 7.08 30.69
N LEU E 260 23.62 7.24 29.42
CA LEU E 260 24.51 8.33 29.06
C LEU E 260 23.86 9.70 29.27
N LEU E 261 22.55 9.79 29.07
CA LEU E 261 21.85 11.03 29.40
C LEU E 261 21.92 11.32 30.89
N VAL E 262 21.78 10.29 31.72
CA VAL E 262 21.91 10.46 33.16
C VAL E 262 23.33 10.90 33.51
N ALA E 263 24.32 10.28 32.88
CA ALA E 263 25.71 10.66 33.14
C ALA E 263 25.97 12.10 32.71
N MET E 264 25.35 12.53 31.61
CA MET E 264 25.52 13.91 31.15
C MET E 264 24.99 14.89 32.18
N SER E 265 23.86 14.57 32.81
CA SER E 265 23.31 15.44 33.86
C SER E 265 24.26 15.54 35.04
N TRP E 266 25.02 14.48 35.34
CA TRP E 266 26.00 14.53 36.42
C TRP E 266 27.13 15.50 36.12
N VAL E 267 27.37 15.83 34.85
CA VAL E 267 28.45 16.74 34.50
C VAL E 267 28.21 18.13 35.08
N SER E 268 26.94 18.54 35.19
CA SER E 268 26.63 19.86 35.73
C SER E 268 27.14 20.02 37.16
N PHE E 269 27.27 18.91 37.90
CA PHE E 269 27.75 18.98 39.28
C PHE E 269 29.16 19.54 39.33
N TRP E 270 30.04 19.09 38.42
CA TRP E 270 31.39 19.62 38.36
C TRP E 270 31.47 21.01 37.74
N ILE E 271 30.39 21.48 37.13
CA ILE E 271 30.36 22.82 36.56
C ILE E 271 30.09 23.83 37.66
N SER E 272 30.75 24.99 37.58
CA SER E 272 30.59 26.02 38.61
C SER E 272 29.15 26.50 38.67
N GLN E 273 28.69 26.78 39.89
CA GLN E 273 27.32 27.25 40.09
C GLN E 273 27.08 28.63 39.50
N ALA E 274 28.13 29.45 39.35
CA ALA E 274 27.97 30.76 38.75
C ALA E 274 27.59 30.68 37.28
N ALA E 275 27.85 29.55 36.63
CA ALA E 275 27.47 29.35 35.23
C ALA E 275 26.01 28.90 35.16
N VAL E 276 25.12 29.86 35.42
CA VAL E 276 23.69 29.56 35.43
C VAL E 276 23.19 29.06 34.09
N PRO E 277 23.43 29.74 32.96
CA PRO E 277 22.94 29.20 31.68
C PRO E 277 23.53 27.84 31.33
N ALA E 278 24.78 27.58 31.71
CA ALA E 278 25.41 26.32 31.37
C ALA E 278 24.74 25.14 32.08
N ARG E 279 24.56 25.27 33.39
CA ARG E 279 23.95 24.17 34.15
C ARG E 279 22.45 24.05 33.86
N VAL E 280 21.77 25.17 33.66
CA VAL E 280 20.35 25.11 33.31
C VAL E 280 20.16 24.45 31.95
N SER E 281 21.00 24.81 30.97
CA SER E 281 20.89 24.19 29.66
C SER E 281 21.17 22.70 29.72
N LEU E 282 22.16 22.29 30.52
CA LEU E 282 22.42 20.87 30.69
C LEU E 282 21.23 20.17 31.35
N GLY E 283 20.61 20.80 32.33
CA GLY E 283 19.46 20.20 32.98
C GLY E 283 18.27 20.04 32.03
N ILE E 284 17.96 21.10 31.29
CA ILE E 284 16.75 21.06 30.46
C ILE E 284 16.94 20.13 29.27
N THR E 285 18.10 20.18 28.61
CA THR E 285 18.30 19.38 27.42
C THR E 285 18.27 17.88 27.73
N THR E 286 18.89 17.48 28.84
CA THR E 286 18.87 16.07 29.22
C THR E 286 17.45 15.62 29.55
N VAL E 287 16.68 16.46 30.24
CA VAL E 287 15.30 16.10 30.58
C VAL E 287 14.45 15.96 29.32
N LEU E 288 14.60 16.88 28.37
CA LEU E 288 13.82 16.81 27.14
C LEU E 288 14.16 15.55 26.35
N THR E 289 15.46 15.26 26.22
CA THR E 289 15.87 14.08 25.47
C THR E 289 15.34 12.81 26.12
N MET E 290 15.36 12.75 27.45
CA MET E 290 14.79 11.61 28.15
C MET E 290 13.30 11.48 27.89
N THR E 291 12.58 12.60 27.93
CA THR E 291 11.14 12.57 27.69
C THR E 291 10.82 12.09 26.28
N THR E 292 11.57 12.58 25.28
CA THR E 292 11.33 12.16 23.91
C THR E 292 11.64 10.68 23.72
N LEU E 293 12.68 10.18 24.40
CA LEU E 293 13.02 8.78 24.29
C LEU E 293 11.91 7.88 24.84
N MET E 294 11.31 8.26 25.96
CA MET E 294 10.22 7.47 26.53
C MET E 294 9.03 7.42 25.59
N VAL E 295 8.65 8.57 25.02
CA VAL E 295 7.50 8.62 24.13
C VAL E 295 7.79 7.83 22.85
N SER E 296 8.97 8.03 22.27
CA SER E 296 9.32 7.35 21.03
C SER E 296 9.39 5.85 21.21
N ALA E 297 9.96 5.39 22.33
CA ALA E 297 10.11 3.95 22.56
C ALA E 297 8.75 3.26 22.63
N ARG E 298 7.81 3.84 23.37
CA ARG E 298 6.48 3.23 23.48
C ARG E 298 5.74 3.26 22.15
N SER E 299 5.91 4.35 21.38
CA SER E 299 5.22 4.46 20.10
C SER E 299 5.66 3.37 19.13
N SER E 300 6.96 3.06 19.12
CA SER E 300 7.49 2.00 18.27
C SER E 300 7.27 0.61 18.85
N LEU E 301 6.38 0.49 19.82
CA LEU E 301 6.06 -0.76 20.51
C LEU E 301 4.54 -0.89 20.57
N PRO E 302 4.04 -2.11 20.83
CA PRO E 302 2.58 -2.29 20.84
C PRO E 302 1.88 -1.40 21.85
N ARG E 303 0.68 -0.97 21.49
CA ARG E 303 -0.18 -0.06 22.24
C ARG E 303 -0.72 -0.67 23.54
N ALA E 304 -0.26 -1.87 23.89
CA ALA E 304 -0.74 -2.54 25.09
C ALA E 304 -0.45 -1.70 26.34
N SER E 305 -1.42 -1.68 27.25
CA SER E 305 -1.27 -0.97 28.53
C SER E 305 -0.53 -1.86 29.53
N ALA E 306 0.70 -2.22 29.18
CA ALA E 306 1.55 -3.06 29.99
C ALA E 306 2.78 -2.29 30.44
N ILE E 307 3.14 -2.45 31.70
CA ILE E 307 4.31 -1.78 32.26
C ILE E 307 5.55 -2.59 31.91
N LYS E 308 6.14 -2.30 30.76
CA LYS E 308 7.34 -3.01 30.34
C LYS E 308 8.54 -2.59 31.18
N ALA E 309 9.49 -3.51 31.33
CA ALA E 309 10.69 -3.21 32.11
C ALA E 309 11.48 -2.05 31.52
N LEU E 310 11.46 -1.92 30.19
CA LEU E 310 12.14 -0.78 29.57
C LEU E 310 11.51 0.53 29.99
N ASP E 311 10.18 0.57 30.09
CA ASP E 311 9.51 1.78 30.55
C ASP E 311 9.89 2.12 31.98
N VAL E 312 10.00 1.10 32.84
CA VAL E 312 10.40 1.32 34.22
C VAL E 312 11.79 1.94 34.29
N TYR E 313 12.72 1.42 33.51
CA TYR E 313 14.08 1.96 33.50
C TYR E 313 14.08 3.40 33.00
N PHE E 314 13.25 3.71 32.01
CA PHE E 314 13.14 5.08 31.53
C PHE E 314 12.65 6.02 32.63
N TRP E 315 11.66 5.57 33.41
CA TRP E 315 11.15 6.39 34.51
C TRP E 315 12.23 6.65 35.55
N ILE E 316 13.00 5.62 35.89
CA ILE E 316 14.09 5.78 36.86
C ILE E 316 15.11 6.79 36.34
N CYS E 317 15.47 6.68 35.06
CA CYS E 317 16.40 7.64 34.47
C CYS E 317 15.83 9.05 34.47
N TYR E 318 14.54 9.19 34.22
CA TYR E 318 13.94 10.53 34.20
C TYR E 318 13.97 11.17 35.56
N VAL E 319 13.79 10.38 36.63
CA VAL E 319 13.83 10.94 37.98
C VAL E 319 15.20 11.54 38.27
N PHE E 320 16.26 10.83 37.89
CA PHE E 320 17.61 11.30 38.17
C PHE E 320 17.91 12.60 37.42
N VAL E 321 17.56 12.67 36.13
CA VAL E 321 17.85 13.87 35.36
C VAL E 321 16.99 15.03 35.83
N PHE E 322 15.74 14.77 36.21
CA PHE E 322 14.89 15.83 36.71
C PHE E 322 15.37 16.32 38.08
N ALA E 323 15.81 15.41 38.93
CA ALA E 323 16.27 15.79 40.27
C ALA E 323 17.52 16.64 40.19
N ALA E 324 18.41 16.36 39.23
CA ALA E 324 19.64 17.14 39.11
C ALA E 324 19.34 18.60 38.82
N LEU E 325 18.37 18.87 37.93
CA LEU E 325 17.98 20.25 37.67
C LEU E 325 17.31 20.87 38.89
N VAL E 326 16.53 20.09 39.62
CA VAL E 326 15.94 20.57 40.87
C VAL E 326 17.03 20.90 41.88
N GLU E 327 18.07 20.06 41.95
CA GLU E 327 19.16 20.29 42.90
C GLU E 327 19.86 21.60 42.62
N TYR E 328 20.14 21.90 41.35
CA TYR E 328 20.81 23.15 41.02
C TYR E 328 19.91 24.35 41.30
N ALA E 329 18.61 24.23 41.00
CA ALA E 329 17.68 25.32 41.29
C ALA E 329 17.62 25.58 42.79
N PHE E 330 17.65 24.51 43.60
CA PHE E 330 17.71 24.67 45.04
C PHE E 330 19.00 25.37 45.45
N ALA E 331 20.12 24.98 44.85
CA ALA E 331 21.40 25.63 45.16
C ALA E 331 21.39 27.10 44.76
N HIS E 332 20.84 27.40 43.58
CA HIS E 332 20.78 28.79 43.13
C HIS E 332 19.89 29.63 44.03
N PHE E 333 18.77 29.05 44.49
CA PHE E 333 17.88 29.76 45.39
C PHE E 333 18.56 30.05 46.72
N ASN E 334 19.33 29.10 47.24
CA ASN E 334 20.06 29.33 48.48
C ASN E 334 21.11 30.42 48.30
N ALA E 335 21.78 30.45 47.15
CA ALA E 335 22.77 31.49 46.90
C ALA E 335 22.13 32.87 46.87
N ASP E 336 20.93 32.97 46.30
CA ASP E 336 20.20 34.23 46.28
C ASP E 336 19.77 34.64 47.68
N ALA E 424 26.47 25.29 49.80
CA ALA E 424 26.50 25.60 48.38
C ALA E 424 27.44 24.65 47.64
N ASP E 425 28.73 24.99 47.63
CA ASP E 425 29.71 24.11 46.99
C ASP E 425 29.77 22.76 47.69
N THR E 426 29.71 22.76 49.03
CA THR E 426 29.64 21.49 49.76
C THR E 426 28.39 20.72 49.41
N ILE E 427 27.26 21.41 49.26
CA ILE E 427 26.02 20.76 48.85
C ILE E 427 26.18 20.13 47.47
N ASP E 428 26.84 20.85 46.55
CA ASP E 428 27.07 20.31 45.22
C ASP E 428 27.93 19.06 45.27
N ILE E 429 28.99 19.08 46.09
CA ILE E 429 29.84 17.89 46.23
C ILE E 429 29.05 16.74 46.84
N TYR E 430 28.20 17.05 47.82
CA TYR E 430 27.34 16.01 48.38
C TYR E 430 26.41 15.43 47.30
N ALA E 431 25.87 16.29 46.44
CA ALA E 431 25.05 15.81 45.33
C ALA E 431 25.88 15.00 44.35
N ARG E 432 27.19 15.27 44.25
CA ARG E 432 28.04 14.51 43.34
C ARG E 432 28.10 13.04 43.73
N ALA E 433 28.42 12.76 44.99
CA ALA E 433 28.61 11.37 45.41
C ALA E 433 27.28 10.62 45.46
N VAL E 434 26.20 11.30 45.80
CA VAL E 434 24.92 10.62 46.03
C VAL E 434 24.36 10.06 44.72
N PHE E 435 24.35 10.88 43.66
CA PHE E 435 23.61 10.50 42.45
C PHE E 435 24.15 9.24 41.79
N PRO E 436 25.44 9.12 41.45
CA PRO E 436 25.93 7.81 40.96
C PRO E 436 25.76 6.69 41.97
N ALA E 437 25.94 6.98 43.26
CA ALA E 437 25.75 5.94 44.27
C ALA E 437 24.31 5.45 44.29
N ALA E 438 23.35 6.38 44.23
CA ALA E 438 21.96 5.98 44.12
C ALA E 438 21.68 5.30 42.78
N PHE E 439 22.26 5.84 41.71
CA PHE E 439 22.03 5.26 40.38
C PHE E 439 22.65 3.87 40.27
N ALA E 440 23.84 3.68 40.84
CA ALA E 440 24.45 2.36 40.82
C ALA E 440 23.60 1.35 41.61
N ALA E 441 23.09 1.78 42.77
CA ALA E 441 22.28 0.89 43.59
C ALA E 441 20.97 0.53 42.88
N VAL E 442 20.31 1.52 42.27
CA VAL E 442 19.02 1.24 41.63
C VAL E 442 19.22 0.38 40.38
N ASN E 443 20.36 0.51 39.69
CA ASN E 443 20.63 -0.36 38.55
C ASN E 443 20.79 -1.81 38.99
N VAL E 444 21.49 -2.04 40.11
CA VAL E 444 21.68 -3.40 40.60
C VAL E 444 20.34 -4.03 40.97
N ILE E 445 19.48 -3.28 41.64
CA ILE E 445 18.16 -3.78 41.97
C ILE E 445 17.36 -4.06 40.71
N TYR E 446 17.43 -3.15 39.74
CA TYR E 446 16.66 -3.32 38.50
C TYR E 446 17.11 -4.57 37.74
N TRP E 447 18.41 -4.71 37.51
CA TRP E 447 18.90 -5.83 36.71
C TRP E 447 18.69 -7.16 37.41
N ALA E 448 18.92 -7.20 38.72
CA ALA E 448 18.73 -8.44 39.46
C ALA E 448 17.28 -8.89 39.45
N ALA E 449 16.34 -7.94 39.56
CA ALA E 449 14.93 -8.30 39.60
C ALA E 449 14.46 -8.93 38.29
N TYR E 450 14.92 -8.38 37.16
CA TYR E 450 14.46 -8.85 35.85
C TYR E 450 15.32 -9.96 35.27
N ALA E 451 16.44 -10.30 35.90
CA ALA E 451 17.26 -11.40 35.41
C ALA E 451 16.97 -12.67 36.19
N GLN F 1 20.73 7.24 -27.93
CA GLN F 1 21.78 7.67 -28.85
C GLN F 1 23.15 7.51 -28.23
N VAL F 2 23.87 6.46 -28.63
CA VAL F 2 25.20 6.15 -28.11
C VAL F 2 26.16 6.04 -29.28
N GLN F 3 27.31 6.70 -29.16
CA GLN F 3 28.35 6.66 -30.18
C GLN F 3 29.51 5.82 -29.67
N LEU F 4 29.97 4.88 -30.49
CA LEU F 4 31.01 3.94 -30.11
C LEU F 4 32.21 4.12 -31.03
N VAL F 5 33.39 4.31 -30.44
CA VAL F 5 34.65 4.39 -31.17
C VAL F 5 35.63 3.42 -30.53
N GLU F 6 36.25 2.58 -31.34
CA GLU F 6 37.18 1.58 -30.87
C GLU F 6 38.52 1.74 -31.57
N SER F 7 39.60 1.42 -30.84
CA SER F 7 40.95 1.57 -31.37
C SER F 7 41.87 0.64 -30.60
N GLY F 8 43.07 0.43 -31.15
CA GLY F 8 44.08 -0.39 -30.51
C GLY F 8 44.25 -1.75 -31.16
N GLY F 9 44.17 -1.79 -32.49
CA GLY F 9 44.30 -3.05 -33.21
C GLY F 9 45.69 -3.31 -33.73
N GLY F 10 45.88 -3.18 -35.04
CA GLY F 10 47.17 -3.41 -35.65
C GLY F 10 47.42 -4.89 -35.93
N LEU F 11 48.64 -5.16 -36.40
CA LEU F 11 49.07 -6.50 -36.75
C LEU F 11 50.25 -6.90 -35.88
N VAL F 12 50.18 -8.09 -35.28
CA VAL F 12 51.25 -8.63 -34.46
C VAL F 12 51.51 -10.07 -34.88
N GLN F 13 52.58 -10.64 -34.33
CA GLN F 13 52.94 -12.01 -34.66
C GLN F 13 52.06 -13.00 -33.89
N GLY F 14 51.57 -13.26 -28.40
CA GLY F 14 51.58 -11.85 -28.08
C GLY F 14 50.35 -11.40 -27.30
N SER F 15 50.41 -10.20 -26.76
CA SER F 15 49.32 -9.62 -25.99
C SER F 15 48.91 -8.29 -26.59
N LEU F 16 47.60 -8.10 -26.78
CA LEU F 16 47.05 -6.88 -27.32
C LEU F 16 45.86 -6.44 -26.49
N ARG F 17 45.67 -5.13 -26.36
CA ARG F 17 44.58 -4.57 -25.56
C ARG F 17 43.74 -3.65 -26.45
N LEU F 18 42.55 -4.12 -26.81
CA LEU F 18 41.60 -3.29 -27.52
C LEU F 18 40.91 -2.33 -26.55
N SER F 19 40.25 -1.33 -27.11
CA SER F 19 39.54 -0.33 -26.31
C SER F 19 38.31 0.14 -27.07
N CYS F 20 37.33 0.65 -26.32
CA CYS F 20 36.10 1.16 -26.91
C CYS F 20 35.56 2.28 -26.04
N ALA F 21 35.40 3.46 -26.62
CA ALA F 21 34.90 4.62 -25.91
C ALA F 21 33.45 4.87 -26.29
N ALA F 22 32.61 5.10 -25.28
CA ALA F 22 31.18 5.32 -25.48
C ALA F 22 30.79 6.72 -25.02
N SER F 23 29.78 7.27 -25.68
CA SER F 23 29.27 8.61 -25.34
C SER F 23 27.81 8.68 -25.73
N GLY F 24 27.03 9.38 -24.90
CA GLY F 24 25.60 9.55 -25.14
C GLY F 24 24.77 9.10 -23.95
N HIS F 25 23.60 8.53 -24.24
CA HIS F 25 22.70 8.03 -23.21
C HIS F 25 23.13 6.63 -22.82
N THR F 26 24.22 6.56 -22.04
CA THR F 26 24.77 5.27 -21.64
C THR F 26 23.88 4.55 -20.65
N PHE F 27 23.06 5.28 -19.90
CA PHE F 27 22.21 4.64 -18.89
C PHE F 27 21.20 3.69 -19.53
N ASN F 28 20.62 4.10 -20.66
CA ASN F 28 19.65 3.25 -21.35
C ASN F 28 20.29 2.00 -21.92
N TYR F 29 21.61 1.98 -22.09
CA TYR F 29 22.32 0.84 -22.65
C TYR F 29 23.45 0.46 -21.69
N PRO F 30 23.14 -0.27 -20.62
CA PRO F 30 24.15 -0.58 -19.61
C PRO F 30 25.04 -1.76 -19.95
N ILE F 31 24.81 -2.45 -21.06
CA ILE F 31 25.54 -3.65 -21.43
C ILE F 31 26.36 -3.37 -22.69
N MET F 32 27.66 -3.64 -22.61
CA MET F 32 28.57 -3.50 -23.74
C MET F 32 29.08 -4.88 -24.14
N GLY F 33 29.08 -5.16 -25.44
CA GLY F 33 29.53 -6.44 -25.94
C GLY F 33 30.61 -6.27 -26.99
N TRP F 34 31.39 -7.33 -27.16
CA TRP F 34 32.46 -7.39 -28.14
C TRP F 34 32.15 -8.50 -29.14
N PHE F 35 32.28 -8.18 -30.43
CA PHE F 35 32.01 -9.13 -31.48
C PHE F 35 33.14 -9.11 -32.51
N ARG F 36 33.38 -10.26 -33.12
CA ARG F 36 34.35 -10.38 -34.19
C ARG F 36 33.71 -11.13 -35.36
N GLN F 37 34.10 -10.76 -36.58
CA GLN F 37 33.54 -11.33 -37.79
C GLN F 37 34.68 -11.78 -38.70
N ALA F 38 34.87 -13.09 -38.81
CA ALA F 38 35.85 -13.62 -39.73
C ALA F 38 35.37 -13.45 -41.17
N PRO F 39 36.29 -13.32 -42.12
CA PRO F 39 35.88 -13.19 -43.53
C PRO F 39 35.10 -14.41 -43.99
N GLY F 40 33.87 -14.16 -44.43
CA GLY F 40 32.96 -15.20 -44.85
C GLY F 40 32.13 -15.79 -43.73
N LYS F 41 32.69 -15.88 -42.53
CA LYS F 41 31.97 -16.43 -41.39
C LYS F 41 31.05 -15.36 -40.77
N GLU F 42 30.00 -15.83 -40.11
CA GLU F 42 29.08 -14.94 -39.43
C GLU F 42 29.76 -14.29 -38.22
N ARG F 43 29.24 -13.12 -37.85
CA ARG F 43 29.79 -12.40 -36.71
C ARG F 43 29.67 -13.23 -35.45
N GLU F 44 30.74 -13.27 -34.67
CA GLU F 44 30.85 -14.15 -33.51
C GLU F 44 30.91 -13.33 -32.23
N PHE F 45 30.16 -13.74 -31.22
CA PHE F 45 30.19 -13.09 -29.93
C PHE F 45 31.49 -13.43 -29.20
N VAL F 46 32.11 -12.40 -28.60
CA VAL F 46 33.36 -12.56 -27.87
C VAL F 46 33.13 -12.45 -26.37
N GLY F 47 32.62 -11.31 -25.91
CA GLY F 47 32.37 -11.12 -24.50
C GLY F 47 31.52 -9.90 -24.26
N ALA F 48 30.86 -9.89 -23.11
CA ALA F 48 29.99 -8.80 -22.72
C ALA F 48 30.24 -8.42 -21.27
N ILE F 49 29.97 -7.16 -20.95
CA ILE F 49 30.18 -6.65 -19.59
C ILE F 49 29.18 -5.52 -19.35
N SER F 50 28.75 -5.40 -18.10
CA SER F 50 27.85 -4.33 -17.70
C SER F 50 28.63 -3.13 -17.22
N TRP F 51 28.07 -1.93 -17.46
CA TRP F 51 28.71 -0.71 -17.00
C TRP F 51 28.80 -0.68 -15.48
N SER F 52 27.73 -1.09 -14.80
CA SER F 52 27.65 -1.08 -13.34
C SER F 52 27.70 -2.51 -12.83
N GLY F 53 28.57 -2.75 -11.84
CA GLY F 53 28.72 -4.05 -11.22
C GLY F 53 29.85 -4.88 -11.78
N GLY F 54 30.33 -4.57 -12.98
CA GLY F 54 31.46 -5.28 -13.56
C GLY F 54 31.21 -6.72 -13.89
N SER F 55 29.96 -7.18 -13.89
CA SER F 55 29.66 -8.55 -14.28
C SER F 55 30.01 -8.77 -15.74
N THR F 56 30.67 -9.89 -16.03
CA THR F 56 31.17 -10.14 -17.37
C THR F 56 30.88 -11.58 -17.77
N SER F 57 30.81 -11.80 -19.08
CA SER F 57 30.64 -13.13 -19.66
C SER F 57 31.58 -13.27 -20.84
N TYR F 58 31.97 -14.50 -21.14
CA TYR F 58 32.92 -14.77 -22.20
C TYR F 58 32.49 -16.01 -22.97
N ALA F 59 32.92 -16.08 -24.23
CA ALA F 59 32.71 -17.26 -25.04
C ALA F 59 33.70 -18.35 -24.67
N ASP F 60 33.36 -19.59 -25.07
CA ASP F 60 34.23 -20.72 -24.74
C ASP F 60 35.58 -20.61 -25.45
N SER F 61 35.58 -20.15 -26.71
CA SER F 61 36.82 -20.06 -27.46
C SER F 61 37.78 -19.06 -26.82
N VAL F 62 37.27 -17.93 -26.34
CA VAL F 62 38.11 -16.88 -25.77
C VAL F 62 38.15 -16.94 -24.25
N LYS F 63 37.58 -17.98 -23.65
CA LYS F 63 37.59 -18.10 -22.20
C LYS F 63 39.00 -18.33 -21.69
N ASP F 64 39.30 -17.73 -20.53
CA ASP F 64 40.59 -17.82 -19.85
C ASP F 64 41.73 -17.21 -20.64
N ARG F 65 41.44 -16.54 -21.75
CA ARG F 65 42.46 -15.87 -22.55
C ARG F 65 42.20 -14.39 -22.72
N PHE F 66 40.94 -13.99 -22.89
CA PHE F 66 40.57 -12.59 -23.05
C PHE F 66 39.89 -12.11 -21.78
N THR F 67 40.28 -10.92 -21.31
CA THR F 67 39.69 -10.31 -20.13
C THR F 67 39.08 -8.97 -20.51
N ILE F 68 37.89 -8.70 -20.00
CA ILE F 68 37.14 -7.50 -20.32
C ILE F 68 36.89 -6.72 -19.03
N SER F 69 37.22 -5.44 -19.04
CA SER F 69 36.96 -4.55 -17.91
C SER F 69 36.69 -3.15 -18.45
N ARG F 70 36.01 -2.35 -17.64
CA ARG F 70 35.63 -1.00 -18.04
C ARG F 70 35.86 -0.04 -16.89
N ASP F 71 36.02 1.23 -17.25
CA ASP F 71 36.14 2.32 -16.29
C ASP F 71 35.07 3.36 -16.61
N ASN F 72 34.23 3.67 -15.63
CA ASN F 72 33.14 4.61 -15.86
C ASN F 72 33.61 6.05 -15.94
N ALA F 73 34.81 6.35 -15.42
CA ALA F 73 35.32 7.72 -15.50
C ALA F 73 35.52 8.15 -16.94
N LYS F 74 36.11 7.28 -17.77
CA LYS F 74 36.32 7.58 -19.17
C LYS F 74 35.22 7.04 -20.07
N ASN F 75 34.23 6.34 -19.51
CA ASN F 75 33.17 5.70 -20.29
C ASN F 75 33.78 4.80 -21.36
N THR F 76 34.78 4.03 -20.96
CA THR F 76 35.56 3.21 -21.89
C THR F 76 35.48 1.75 -21.48
N VAL F 77 35.25 0.88 -22.46
CA VAL F 77 35.29 -0.57 -22.27
C VAL F 77 36.46 -1.09 -23.10
N TYR F 78 37.38 -1.79 -22.44
CA TYR F 78 38.60 -2.26 -23.09
C TYR F 78 38.68 -3.78 -23.00
N LEU F 79 39.08 -4.41 -24.10
CA LEU F 79 39.25 -5.85 -24.19
C LEU F 79 40.74 -6.16 -24.24
N GLU F 80 41.21 -6.97 -23.30
CA GLU F 80 42.61 -7.36 -23.22
C GLU F 80 42.75 -8.76 -23.82
N MET F 81 43.41 -8.83 -24.97
CA MET F 81 43.61 -10.10 -25.67
C MET F 81 45.03 -10.59 -25.41
N ASN F 82 45.13 -11.73 -24.72
CA ASN F 82 46.40 -12.34 -24.39
C ASN F 82 46.46 -13.74 -24.97
N ASN F 83 47.69 -14.22 -25.19
CA ASN F 83 47.94 -15.51 -25.85
C ASN F 83 47.24 -15.55 -27.21
N LEU F 84 47.52 -14.55 -28.04
CA LEU F 84 46.88 -14.44 -29.34
C LEU F 84 47.25 -15.63 -30.21
N LYS F 85 46.26 -16.11 -30.96
CA LYS F 85 46.37 -17.29 -31.80
C LYS F 85 45.87 -16.96 -33.19
N PRO F 86 46.32 -17.71 -34.22
CA PRO F 86 45.90 -17.39 -35.60
C PRO F 86 44.39 -17.46 -35.82
N GLU F 87 43.66 -18.16 -34.94
CA GLU F 87 42.21 -18.13 -35.03
C GLU F 87 41.65 -16.73 -34.80
N ASP F 88 42.38 -15.89 -34.07
CA ASP F 88 41.93 -14.55 -33.74
C ASP F 88 42.32 -13.56 -34.85
N THR F 89 41.81 -13.82 -36.04
CA THR F 89 42.04 -12.96 -37.21
C THR F 89 40.68 -12.55 -37.75
N ALA F 90 40.13 -11.46 -37.19
CA ALA F 90 38.83 -10.96 -37.60
C ALA F 90 38.70 -9.52 -37.16
N VAL F 91 37.73 -8.82 -37.76
CA VAL F 91 37.44 -7.44 -37.39
C VAL F 91 36.67 -7.44 -36.07
N TYR F 92 37.17 -6.71 -35.09
CA TYR F 92 36.55 -6.65 -33.77
C TYR F 92 35.66 -5.43 -33.67
N TYR F 93 34.41 -5.65 -33.29
CA TYR F 93 33.41 -4.60 -33.18
C TYR F 93 33.04 -4.36 -31.73
N CYS F 94 32.53 -3.15 -31.46
CA CYS F 94 32.04 -2.76 -30.16
C CYS F 94 30.55 -2.44 -30.28
N ALA F 95 29.74 -3.01 -29.39
CA ALA F 95 28.30 -2.87 -29.48
C ALA F 95 27.71 -2.60 -28.10
N ALA F 96 26.52 -1.99 -28.10
CA ALA F 96 25.78 -1.70 -26.88
C ALA F 96 24.39 -2.31 -27.00
N LYS F 97 23.86 -2.75 -25.86
CA LYS F 97 22.58 -3.44 -25.81
C LYS F 97 21.65 -2.75 -24.84
N GLY F 98 20.36 -2.79 -25.14
CA GLY F 98 19.36 -2.22 -24.27
C GLY F 98 19.12 -3.07 -23.03
N ARG F 99 18.40 -2.49 -22.08
CA ARG F 99 18.15 -3.17 -20.82
C ARG F 99 17.30 -4.42 -21.00
N TYR F 100 16.29 -4.36 -21.85
CA TYR F 100 15.38 -5.48 -22.09
C TYR F 100 15.49 -5.97 -23.52
N SER F 101 16.71 -6.05 -24.05
CA SER F 101 16.94 -6.44 -25.43
C SER F 101 17.28 -7.92 -25.60
N GLY F 102 17.27 -8.70 -24.53
CA GLY F 102 17.46 -10.14 -24.66
C GLY F 102 18.85 -10.64 -24.36
N GLY F 103 19.23 -11.76 -25.00
CA GLY F 103 20.49 -12.40 -24.70
C GLY F 103 21.69 -11.63 -25.22
N LEU F 104 22.83 -11.90 -24.60
CA LEU F 104 24.08 -11.24 -24.97
C LEU F 104 24.66 -11.80 -26.26
N TYR F 105 24.54 -13.12 -26.47
CA TYR F 105 25.26 -13.80 -27.53
C TYR F 105 24.76 -13.47 -28.93
N TYR F 106 23.62 -12.78 -29.05
CA TYR F 106 23.03 -12.54 -30.35
C TYR F 106 23.29 -11.11 -30.79
N PRO F 107 24.05 -10.89 -31.86
CA PRO F 107 24.38 -9.51 -32.26
C PRO F 107 23.17 -8.68 -32.65
N THR F 108 22.11 -9.31 -33.18
CA THR F 108 20.95 -8.56 -33.63
C THR F 108 20.22 -7.87 -32.49
N ASN F 109 20.46 -8.27 -31.24
CA ASN F 109 19.85 -7.62 -30.09
C ASN F 109 20.52 -6.30 -29.74
N TYR F 110 21.66 -5.99 -30.35
CA TYR F 110 22.38 -4.76 -30.06
C TYR F 110 21.97 -3.68 -31.05
N ASP F 111 21.86 -2.44 -30.55
CA ASP F 111 21.35 -1.34 -31.36
C ASP F 111 22.48 -0.54 -32.00
N TYR F 112 23.48 -0.14 -31.22
CA TYR F 112 24.55 0.71 -31.70
C TYR F 112 25.83 -0.09 -31.83
N TRP F 113 26.53 0.10 -32.95
CA TRP F 113 27.75 -0.63 -33.27
C TRP F 113 28.87 0.34 -33.60
N GLY F 114 30.10 -0.12 -33.40
CA GLY F 114 31.26 0.64 -33.79
C GLY F 114 31.66 0.38 -35.23
N GLN F 115 32.58 1.23 -35.73
CA GLN F 115 33.06 1.07 -37.10
C GLN F 115 33.80 -0.24 -37.28
N GLY F 116 34.64 -0.60 -36.31
CA GLY F 116 35.39 -1.84 -36.38
C GLY F 116 36.88 -1.64 -36.44
N THR F 117 37.63 -2.50 -35.76
CA THR F 117 39.09 -2.48 -35.79
C THR F 117 39.61 -3.81 -36.32
N GLN F 118 40.64 -3.73 -37.17
CA GLN F 118 41.21 -4.92 -37.79
C GLN F 118 42.39 -5.42 -36.96
N VAL F 119 42.30 -6.66 -36.50
CA VAL F 119 43.37 -7.32 -35.76
C VAL F 119 43.75 -8.58 -36.52
N THR F 120 45.02 -8.66 -36.92
CA THR F 120 45.53 -9.79 -37.68
C THR F 120 46.80 -10.29 -37.00
N VAL F 121 46.90 -11.60 -36.84
CA VAL F 121 48.07 -12.21 -36.22
C VAL F 121 48.67 -13.27 -37.13
N GLN G 1 -18.99 24.40 -15.06
CA GLN G 1 -19.37 25.62 -15.77
C GLN G 1 -18.15 26.38 -16.27
N VAL G 2 -17.88 26.27 -17.57
CA VAL G 2 -16.74 26.90 -18.20
C VAL G 2 -17.24 27.76 -19.36
N GLN G 3 -16.78 29.00 -19.42
CA GLN G 3 -17.13 29.93 -20.49
C GLN G 3 -15.93 30.09 -21.42
N LEU G 4 -16.17 29.96 -22.72
CA LEU G 4 -15.12 30.01 -23.72
C LEU G 4 -15.36 31.17 -24.68
N VAL G 5 -14.36 32.02 -24.85
CA VAL G 5 -14.39 33.13 -25.80
C VAL G 5 -13.15 33.05 -26.66
N GLU G 6 -13.34 33.10 -27.98
CA GLU G 6 -12.24 32.99 -28.93
C GLU G 6 -12.23 34.20 -29.85
N SER G 7 -11.03 34.61 -30.26
CA SER G 7 -10.88 35.78 -31.11
C SER G 7 -9.55 35.67 -31.85
N GLY G 8 -9.41 36.50 -32.88
CA GLY G 8 -8.18 36.54 -33.66
C GLY G 8 -8.31 35.88 -35.03
N GLY G 9 -9.45 36.07 -35.68
CA GLY G 9 -9.68 35.47 -36.98
C GLY G 9 -9.39 36.40 -38.13
N GLY G 10 -10.45 36.89 -38.78
CA GLY G 10 -10.30 37.78 -39.92
C GLY G 10 -10.04 37.04 -41.21
N LEU G 11 -9.80 37.83 -42.26
CA LEU G 11 -9.55 37.30 -43.60
C LEU G 11 -8.15 37.71 -44.05
N VAL G 12 -7.38 36.75 -44.55
CA VAL G 12 -6.05 36.98 -45.06
C VAL G 12 -5.92 36.29 -46.41
N GLN G 13 -4.81 36.56 -47.10
CA GLN G 13 -4.57 35.97 -48.41
C GLN G 13 -4.10 34.52 -48.27
N GLY G 14 0.37 32.87 -45.48
CA GLY G 14 0.30 33.75 -44.33
C GLY G 14 0.26 33.01 -43.01
N SER G 15 0.44 33.75 -41.92
CA SER G 15 0.44 33.19 -40.57
C SER G 15 -0.61 33.92 -39.74
N LEU G 16 -1.43 33.14 -39.02
CA LEU G 16 -2.46 33.69 -38.14
C LEU G 16 -2.43 32.94 -36.82
N ARG G 17 -2.74 33.66 -35.75
CA ARG G 17 -2.72 33.10 -34.40
C ARG G 17 -4.09 33.29 -33.76
N LEU G 18 -4.85 32.20 -33.66
CA LEU G 18 -6.11 32.22 -32.94
C LEU G 18 -5.85 32.16 -31.43
N SER G 19 -6.89 32.47 -30.66
CA SER G 19 -6.80 32.46 -29.21
C SER G 19 -8.14 32.05 -28.63
N CYS G 20 -8.10 31.55 -27.40
CA CYS G 20 -9.32 31.13 -26.70
C CYS G 20 -9.11 31.31 -25.21
N ALA G 21 -9.98 32.10 -24.59
CA ALA G 21 -9.90 32.38 -23.16
C ALA G 21 -10.98 31.58 -22.43
N ALA G 22 -10.58 30.93 -21.34
CA ALA G 22 -11.48 30.09 -20.56
C ALA G 22 -11.62 30.65 -19.15
N SER G 23 -12.80 30.43 -18.56
CA SER G 23 -13.08 30.89 -17.21
C SER G 23 -14.13 29.98 -16.59
N GLY G 24 -13.98 29.71 -15.29
CA GLY G 24 -14.89 28.85 -14.56
C GLY G 24 -14.16 27.72 -13.87
N HIS G 25 -14.83 26.56 -13.81
CA HIS G 25 -14.27 25.36 -13.18
C HIS G 25 -13.38 24.66 -14.20
N THR G 26 -12.19 25.23 -14.41
CA THR G 26 -11.27 24.69 -15.40
C THR G 26 -10.68 23.36 -14.96
N PHE G 27 -10.61 23.11 -13.66
CA PHE G 27 -10.00 21.87 -13.17
C PHE G 27 -10.79 20.65 -13.64
N ASN G 28 -12.13 20.74 -13.60
CA ASN G 28 -12.95 19.62 -14.05
C ASN G 28 -12.82 19.35 -15.54
N TYR G 29 -12.32 20.31 -16.31
CA TYR G 29 -12.17 20.18 -17.76
C TYR G 29 -10.74 20.54 -18.12
N PRO G 30 -9.80 19.61 -17.94
CA PRO G 30 -8.39 19.92 -18.17
C PRO G 30 -7.95 19.84 -19.64
N ILE G 31 -8.84 19.44 -20.55
CA ILE G 31 -8.50 19.24 -21.96
C ILE G 31 -9.23 20.26 -22.79
N MET G 32 -8.49 21.00 -23.61
CA MET G 32 -9.05 21.98 -24.54
C MET G 32 -8.80 21.50 -25.97
N GLY G 33 -9.83 21.59 -26.80
CA GLY G 33 -9.72 21.16 -28.18
C GLY G 33 -10.14 22.25 -29.14
N TRP G 34 -9.63 22.13 -30.37
CA TRP G 34 -9.94 23.06 -31.44
C TRP G 34 -10.66 22.31 -32.55
N PHE G 35 -11.76 22.88 -33.04
CA PHE G 35 -12.55 22.26 -34.09
C PHE G 35 -12.88 23.30 -35.16
N ARG G 36 -12.99 22.83 -36.40
CA ARG G 36 -13.42 23.66 -37.52
C ARG G 36 -14.51 22.93 -38.28
N GLN G 37 -15.45 23.71 -38.83
CA GLN G 37 -16.60 23.18 -39.54
C GLN G 37 -16.71 23.88 -40.89
N ALA G 38 -16.38 23.17 -41.96
CA ALA G 38 -16.56 23.70 -43.29
C ALA G 38 -18.05 23.77 -43.64
N PRO G 39 -18.44 24.71 -44.50
CA PRO G 39 -19.85 24.80 -44.89
C PRO G 39 -20.32 23.51 -45.57
N GLY G 40 -21.34 22.90 -44.98
CA GLY G 40 -21.86 21.63 -45.45
C GLY G 40 -21.16 20.41 -44.89
N LYS G 41 -19.86 20.51 -44.64
CA LYS G 41 -19.10 19.40 -44.09
C LYS G 41 -19.28 19.33 -42.58
N GLU G 42 -19.10 18.13 -42.04
CA GLU G 42 -19.19 17.92 -40.60
C GLU G 42 -18.02 18.59 -39.89
N ARG G 43 -18.24 18.93 -38.62
CA ARG G 43 -17.20 19.57 -37.83
C ARG G 43 -15.97 18.67 -37.72
N GLU G 44 -14.79 19.24 -37.92
CA GLU G 44 -13.55 18.50 -38.01
C GLU G 44 -12.64 18.84 -36.84
N PHE G 45 -12.05 17.80 -36.24
CA PHE G 45 -11.10 18.00 -35.16
C PHE G 45 -9.79 18.56 -35.70
N VAL G 46 -9.26 19.55 -35.01
CA VAL G 46 -7.99 20.20 -35.40
C VAL G 46 -6.87 19.80 -34.46
N GLY G 47 -7.01 20.10 -33.17
CA GLY G 47 -5.98 19.76 -32.21
C GLY G 47 -6.50 19.92 -30.80
N ALA G 48 -5.84 19.22 -29.88
CA ALA G 48 -6.20 19.24 -28.47
C ALA G 48 -4.94 19.39 -27.62
N ILE G 49 -5.11 19.96 -26.44
CA ILE G 49 -4.00 20.17 -25.52
C ILE G 49 -4.55 20.17 -24.09
N SER G 50 -3.73 19.68 -23.17
CA SER G 50 -4.09 19.66 -21.75
C SER G 50 -3.61 20.94 -21.08
N TRP G 51 -4.38 21.38 -20.07
CA TRP G 51 -3.99 22.56 -19.31
C TRP G 51 -2.67 22.32 -18.58
N SER G 52 -2.51 21.15 -17.98
CA SER G 52 -1.31 20.81 -17.22
C SER G 52 -0.49 19.78 -17.99
N GLY G 53 0.80 20.04 -18.12
CA GLY G 53 1.72 19.16 -18.80
C GLY G 53 1.99 19.53 -20.24
N GLY G 54 1.14 20.33 -20.85
CA GLY G 54 1.36 20.78 -22.21
C GLY G 54 1.33 19.69 -23.27
N SER G 55 0.85 18.50 -22.95
CA SER G 55 0.72 17.45 -23.95
C SER G 55 -0.30 17.85 -25.01
N THR G 56 0.05 17.63 -26.27
CA THR G 56 -0.78 18.09 -27.37
C THR G 56 -0.89 17.01 -28.44
N SER G 57 -1.98 17.08 -29.20
CA SER G 57 -2.21 16.19 -30.32
C SER G 57 -2.74 17.01 -31.49
N TYR G 58 -2.48 16.54 -32.70
CA TYR G 58 -2.87 17.25 -33.92
C TYR G 58 -3.42 16.27 -34.93
N ALA G 59 -4.25 16.79 -35.83
CA ALA G 59 -4.75 16.01 -36.95
C ALA G 59 -3.70 15.92 -38.05
N ASP G 60 -3.87 14.94 -38.94
CA ASP G 60 -2.91 14.73 -40.02
C ASP G 60 -2.89 15.92 -40.98
N SER G 61 -4.07 16.48 -41.27
CA SER G 61 -4.14 17.59 -42.21
C SER G 61 -3.38 18.81 -41.71
N VAL G 62 -3.51 19.10 -40.41
CA VAL G 62 -2.89 20.29 -39.81
C VAL G 62 -1.57 19.96 -39.13
N LYS G 63 -1.08 18.74 -39.27
CA LYS G 63 0.18 18.36 -38.63
C LYS G 63 1.34 19.12 -39.26
N ASP G 64 2.30 19.50 -38.43
CA ASP G 64 3.52 20.21 -38.82
C ASP G 64 3.24 21.60 -39.36
N ARG G 65 2.00 22.08 -39.30
CA ARG G 65 1.64 23.41 -39.74
C ARG G 65 1.01 24.25 -38.65
N PHE G 66 0.16 23.65 -37.81
CA PHE G 66 -0.50 24.36 -36.72
C PHE G 66 0.13 23.93 -35.40
N THR G 67 0.41 24.90 -34.54
CA THR G 67 0.98 24.65 -33.22
C THR G 67 0.04 25.19 -32.16
N ILE G 68 -0.17 24.40 -31.10
CA ILE G 68 -1.09 24.74 -30.03
C ILE G 68 -0.32 24.81 -28.73
N SER G 69 -0.49 25.92 -28.00
CA SER G 69 0.12 26.08 -26.69
C SER G 69 -0.81 26.94 -25.84
N ARG G 70 -0.65 26.82 -24.52
CA ARG G 70 -1.51 27.53 -23.59
C ARG G 70 -0.67 28.11 -22.46
N ASP G 71 -1.21 29.14 -21.82
CA ASP G 71 -0.62 29.75 -20.64
C ASP G 71 -1.66 29.75 -19.54
N ASN G 72 -1.30 29.16 -18.39
CA ASN G 72 -2.26 29.04 -17.29
C ASN G 72 -2.45 30.37 -16.56
N ALA G 73 -1.53 31.31 -16.71
CA ALA G 73 -1.69 32.61 -16.05
C ALA G 73 -2.92 33.35 -16.56
N LYS G 74 -3.12 33.34 -17.89
CA LYS G 74 -4.28 33.99 -18.49
C LYS G 74 -5.43 33.02 -18.74
N ASN G 75 -5.25 31.74 -18.43
CA ASN G 75 -6.24 30.70 -18.74
C ASN G 75 -6.64 30.75 -20.21
N THR G 76 -5.63 30.88 -21.07
CA THR G 76 -5.84 31.08 -22.49
C THR G 76 -5.16 29.97 -23.28
N VAL G 77 -5.89 29.42 -24.26
CA VAL G 77 -5.34 28.45 -25.21
C VAL G 77 -5.36 29.09 -26.58
N TYR G 78 -4.19 29.16 -27.21
CA TYR G 78 -4.04 29.85 -28.49
C TYR G 78 -3.55 28.87 -29.56
N LEU G 79 -4.13 28.97 -30.74
CA LEU G 79 -3.78 28.15 -31.88
C LEU G 79 -3.04 29.01 -32.89
N GLU G 80 -1.81 28.62 -33.23
CA GLU G 80 -0.98 29.34 -34.18
C GLU G 80 -1.07 28.63 -35.53
N MET G 81 -1.71 29.29 -36.49
CA MET G 81 -1.90 28.73 -37.83
C MET G 81 -0.87 29.36 -38.77
N ASN G 82 0.04 28.53 -39.28
CA ASN G 82 1.08 28.97 -40.20
C ASN G 82 0.97 28.19 -41.50
N ASN G 83 1.48 28.80 -42.57
CA ASN G 83 1.37 28.26 -43.93
C ASN G 83 -0.10 28.00 -44.28
N LEU G 84 -0.91 29.04 -44.13
CA LEU G 84 -2.35 28.92 -44.37
C LEU G 84 -2.62 28.56 -45.82
N LYS G 85 -3.60 27.70 -46.03
CA LYS G 85 -3.96 27.16 -47.33
C LYS G 85 -5.46 27.31 -47.53
N PRO G 86 -5.92 27.34 -48.79
CA PRO G 86 -7.36 27.53 -49.03
C PRO G 86 -8.24 26.46 -48.43
N GLU G 87 -7.69 25.28 -48.10
CA GLU G 87 -8.46 24.27 -47.39
C GLU G 87 -8.87 24.76 -46.00
N ASP G 88 -8.11 25.70 -45.43
CA ASP G 88 -8.39 26.21 -44.08
C ASP G 88 -9.38 27.38 -44.15
N THR G 89 -10.57 27.08 -44.66
CA THR G 89 -11.65 28.06 -44.75
C THR G 89 -12.86 27.47 -44.02
N ALA G 90 -12.92 27.70 -42.71
CA ALA G 90 -14.02 27.18 -41.90
C ALA G 90 -14.06 27.96 -40.60
N VAL G 91 -15.20 27.86 -39.91
CA VAL G 91 -15.36 28.49 -38.62
C VAL G 91 -14.63 27.67 -37.57
N TYR G 92 -13.74 28.31 -36.83
CA TYR G 92 -12.93 27.64 -35.81
C TYR G 92 -13.58 27.80 -34.45
N TYR G 93 -13.79 26.68 -33.77
CA TYR G 93 -14.45 26.65 -32.47
C TYR G 93 -13.46 26.25 -31.39
N CYS G 94 -13.78 26.63 -30.15
CA CYS G 94 -13.00 26.26 -28.97
C CYS G 94 -13.88 25.44 -28.05
N ALA G 95 -13.38 24.30 -27.59
CA ALA G 95 -14.17 23.38 -26.80
C ALA G 95 -13.36 22.87 -25.62
N ALA G 96 -14.07 22.42 -24.59
CA ALA G 96 -13.47 21.83 -23.40
C ALA G 96 -14.08 20.45 -23.17
N LYS G 97 -13.26 19.54 -22.65
CA LYS G 97 -13.66 18.16 -22.45
C LYS G 97 -13.44 17.75 -21.00
N GLY G 98 -14.31 16.86 -20.53
CA GLY G 98 -14.19 16.35 -19.18
C GLY G 98 -13.04 15.36 -19.05
N ARG G 99 -12.73 15.03 -17.79
CA ARG G 99 -11.61 14.15 -17.52
C ARG G 99 -11.86 12.74 -18.06
N TYR G 100 -13.07 12.24 -17.91
CA TYR G 100 -13.42 10.89 -18.34
C TYR G 100 -14.45 10.92 -19.46
N SER G 101 -14.30 11.85 -20.40
CA SER G 101 -15.26 12.03 -21.47
C SER G 101 -14.88 11.33 -22.77
N GLY G 102 -13.78 10.58 -22.78
CA GLY G 102 -13.44 9.79 -23.94
C GLY G 102 -12.41 10.39 -24.88
N GLY G 103 -12.49 10.04 -26.16
CA GLY G 103 -11.48 10.45 -27.10
C GLY G 103 -11.54 11.92 -27.44
N LEU G 104 -10.40 12.43 -27.91
CA LEU G 104 -10.29 13.85 -28.27
C LEU G 104 -10.96 14.15 -29.61
N TYR G 105 -10.87 13.22 -30.57
CA TYR G 105 -11.24 13.52 -31.95
C TYR G 105 -12.75 13.65 -32.14
N TYR G 106 -13.56 13.32 -31.14
CA TYR G 106 -15.01 13.32 -31.32
C TYR G 106 -15.61 14.56 -30.66
N PRO G 107 -16.20 15.47 -31.43
CA PRO G 107 -16.73 16.71 -30.83
C PRO G 107 -17.84 16.48 -29.82
N THR G 108 -18.62 15.41 -29.98
CA THR G 108 -19.75 15.17 -29.09
C THR G 108 -19.31 14.88 -27.66
N ASN G 109 -18.04 14.53 -27.45
CA ASN G 109 -17.53 14.29 -26.10
C ASN G 109 -17.24 15.58 -25.34
N TYR G 110 -17.28 16.73 -26.02
CA TYR G 110 -17.01 18.01 -25.39
C TYR G 110 -18.30 18.65 -24.91
N ASP G 111 -18.25 19.27 -23.73
CA ASP G 111 -19.45 19.82 -23.11
C ASP G 111 -19.65 21.29 -23.43
N TYR G 112 -18.62 22.12 -23.28
CA TYR G 112 -18.73 23.55 -23.47
C TYR G 112 -18.02 23.96 -24.76
N TRP G 113 -18.70 24.82 -25.53
CA TRP G 113 -18.19 25.26 -26.82
C TRP G 113 -18.20 26.78 -26.89
N GLY G 114 -17.31 27.31 -27.74
CA GLY G 114 -17.29 28.74 -27.99
C GLY G 114 -18.25 29.14 -29.09
N GLN G 115 -18.45 30.46 -29.21
CA GLN G 115 -19.33 30.98 -30.25
C GLN G 115 -18.80 30.67 -31.65
N GLY G 116 -17.49 30.83 -31.85
CA GLY G 116 -16.89 30.55 -33.13
C GLY G 116 -16.28 31.77 -33.79
N THR G 117 -15.15 31.60 -34.45
CA THR G 117 -14.47 32.65 -35.19
C THR G 117 -14.35 32.25 -36.65
N GLN G 118 -14.59 33.20 -37.54
CA GLN G 118 -14.56 32.95 -38.98
C GLN G 118 -13.17 33.29 -39.52
N VAL G 119 -12.51 32.30 -40.12
CA VAL G 119 -11.22 32.49 -40.75
C VAL G 119 -11.36 32.07 -42.21
N THR G 120 -11.08 33.01 -43.12
CA THR G 120 -11.19 32.76 -44.55
C THR G 120 -9.90 33.20 -45.21
N VAL G 121 -9.38 32.36 -46.11
CA VAL G 121 -8.14 32.67 -46.82
C VAL G 121 -8.37 32.58 -48.33
N GLN H 1 -30.64 4.73 23.99
CA GLN H 1 -31.70 5.40 24.72
C GLN H 1 -31.75 6.89 24.38
N VAL H 2 -32.71 7.27 23.53
CA VAL H 2 -32.88 8.64 23.09
C VAL H 2 -34.30 9.08 23.39
N GLN H 3 -34.44 10.26 23.99
CA GLN H 3 -35.74 10.84 24.31
C GLN H 3 -36.02 12.00 23.36
N LEU H 4 -37.21 12.00 22.78
CA LEU H 4 -37.59 12.99 21.77
C LEU H 4 -38.80 13.77 22.26
N VAL H 5 -38.68 15.10 22.26
CA VAL H 5 -39.77 16.00 22.60
C VAL H 5 -39.92 17.02 21.49
N GLU H 6 -41.13 17.18 20.98
CA GLU H 6 -41.41 18.10 19.89
C GLU H 6 -42.49 19.09 20.30
N SER H 7 -42.37 20.30 19.76
CA SER H 7 -43.31 21.37 20.09
C SER H 7 -43.30 22.41 18.98
N GLY H 8 -44.32 23.26 18.98
CA GLY H 8 -44.42 24.33 18.01
C GLY H 8 -45.48 24.09 16.95
N GLY H 9 -46.61 23.52 17.35
CA GLY H 9 -47.68 23.22 16.42
C GLY H 9 -48.76 24.28 16.38
N GLY H 10 -49.92 23.97 16.95
CA GLY H 10 -51.03 24.90 16.96
C GLY H 10 -51.83 24.86 15.67
N LEU H 11 -52.80 25.77 15.60
CA LEU H 11 -53.70 25.87 14.45
C LEU H 11 -53.53 27.24 13.81
N VAL H 12 -53.38 27.25 12.48
CA VAL H 12 -53.24 28.48 11.70
C VAL H 12 -54.18 28.37 10.50
N GLN H 13 -54.31 29.49 9.79
CA GLN H 13 -55.16 29.55 8.61
C GLN H 13 -54.48 28.89 7.41
N GLY H 14 -49.63 30.44 5.29
CA GLY H 14 -48.90 30.74 6.50
C GLY H 14 -47.61 29.96 6.64
N SER H 15 -46.77 30.36 7.59
CA SER H 15 -45.50 29.71 7.85
C SER H 15 -45.45 29.27 9.31
N LEU H 16 -45.03 28.03 9.53
CA LEU H 16 -44.90 27.46 10.86
C LEU H 16 -43.56 26.72 10.97
N ARG H 17 -42.96 26.76 12.16
CA ARG H 17 -41.67 26.13 12.40
C ARG H 17 -41.81 25.14 13.54
N LEU H 18 -41.82 23.85 13.22
CA LEU H 18 -41.79 22.80 14.23
C LEU H 18 -40.38 22.66 14.79
N SER H 19 -40.28 21.95 15.92
CA SER H 19 -39.00 21.72 16.56
C SER H 19 -39.02 20.36 17.25
N CYS H 20 -37.84 19.81 17.46
CA CYS H 20 -37.70 18.51 18.12
C CYS H 20 -36.37 18.48 18.87
N ALA H 21 -36.44 18.26 20.18
CA ALA H 21 -35.26 18.21 21.04
C ALA H 21 -34.94 16.75 21.37
N ALA H 22 -33.67 16.38 21.24
CA ALA H 22 -33.22 15.03 21.48
C ALA H 22 -32.22 15.01 22.64
N SER H 23 -32.21 13.90 23.37
CA SER H 23 -31.30 13.73 24.50
C SER H 23 -31.04 12.24 24.68
N GLY H 24 -29.80 11.90 25.05
CA GLY H 24 -29.40 10.54 25.27
C GLY H 24 -28.19 10.16 24.43
N HIS H 25 -28.17 8.91 23.98
CA HIS H 25 -27.08 8.39 23.15
C HIS H 25 -27.36 8.77 21.69
N THR H 26 -27.13 10.04 21.39
CA THR H 26 -27.42 10.54 20.05
C THR H 26 -26.44 10.00 19.01
N PHE H 27 -25.23 9.62 19.44
CA PHE H 27 -24.24 9.13 18.48
C PHE H 27 -24.70 7.84 17.80
N ASN H 28 -25.32 6.94 18.56
CA ASN H 28 -25.81 5.69 17.99
C ASN H 28 -26.95 5.91 17.01
N TYR H 29 -27.61 7.06 17.06
CA TYR H 29 -28.74 7.38 16.19
C TYR H 29 -28.48 8.72 15.53
N PRO H 30 -27.66 8.74 14.47
CA PRO H 30 -27.28 10.01 13.85
C PRO H 30 -28.31 10.56 12.86
N ILE H 31 -29.39 9.85 12.60
CA ILE H 31 -30.38 10.25 11.59
C ILE H 31 -31.69 10.57 12.29
N MET H 32 -32.23 11.76 12.03
CA MET H 32 -33.51 12.19 12.56
C MET H 32 -34.49 12.34 11.42
N GLY H 33 -35.70 11.82 11.60
CA GLY H 33 -36.72 11.90 10.58
C GLY H 33 -37.99 12.52 11.10
N TRP H 34 -38.78 13.05 10.17
CA TRP H 34 -40.06 13.67 10.47
C TRP H 34 -41.16 12.88 9.76
N PHE H 35 -42.22 12.57 10.50
CA PHE H 35 -43.34 11.80 9.96
C PHE H 35 -44.65 12.46 10.35
N ARG H 36 -45.65 12.31 9.48
CA ARG H 36 -46.99 12.78 9.74
C ARG H 36 -47.98 11.69 9.43
N GLN H 37 -49.07 11.64 10.20
CA GLN H 37 -50.08 10.60 10.06
C GLN H 37 -51.45 11.25 9.97
N ALA H 38 -52.03 11.23 8.77
CA ALA H 38 -53.39 11.73 8.60
C ALA H 38 -54.38 10.77 9.25
N PRO H 39 -55.53 11.28 9.71
CA PRO H 39 -56.54 10.41 10.30
C PRO H 39 -57.02 9.36 9.31
N GLY H 40 -56.84 8.09 9.68
CA GLY H 40 -57.18 6.97 8.84
C GLY H 40 -56.08 6.55 7.88
N LYS H 41 -55.28 7.51 7.40
CA LYS H 41 -54.20 7.20 6.49
C LYS H 41 -52.97 6.71 7.26
N GLU H 42 -52.13 5.94 6.58
CA GLU H 42 -50.90 5.44 7.18
C GLU H 42 -49.92 6.59 7.39
N ARG H 43 -49.03 6.40 8.35
CA ARG H 43 -48.02 7.42 8.66
C ARG H 43 -47.15 7.67 7.43
N GLU H 44 -46.90 8.95 7.14
CA GLU H 44 -46.23 9.37 5.92
C GLU H 44 -44.89 10.01 6.26
N PHE H 45 -43.85 9.62 5.52
CA PHE H 45 -42.54 10.22 5.69
C PHE H 45 -42.52 11.64 5.14
N VAL H 46 -41.93 12.56 5.90
CA VAL H 46 -41.83 13.97 5.53
C VAL H 46 -40.41 14.32 5.11
N GLY H 47 -39.45 14.17 6.02
CA GLY H 47 -38.08 14.48 5.71
C GLY H 47 -37.15 13.94 6.77
N ALA H 48 -35.89 13.76 6.38
CA ALA H 48 -34.87 13.23 7.26
C ALA H 48 -33.60 14.05 7.13
N ILE H 49 -32.80 14.07 8.20
CA ILE H 49 -31.56 14.83 8.22
C ILE H 49 -30.59 14.14 9.18
N SER H 50 -29.31 14.22 8.86
CA SER H 50 -28.27 13.67 9.71
C SER H 50 -27.78 14.71 10.70
N TRP H 51 -27.39 14.25 11.89
CA TRP H 51 -26.85 15.16 12.89
C TRP H 51 -25.55 15.81 12.40
N SER H 52 -24.68 15.03 11.78
CA SER H 52 -23.40 15.50 11.29
C SER H 52 -23.43 15.57 9.76
N GLY H 53 -22.99 16.70 9.21
CA GLY H 53 -22.93 16.91 7.79
C GLY H 53 -24.12 17.65 7.21
N GLY H 54 -25.24 17.68 7.92
CA GLY H 54 -26.40 18.42 7.47
C GLY H 54 -27.06 17.89 6.21
N SER H 55 -26.72 16.68 5.77
CA SER H 55 -27.36 16.11 4.60
C SER H 55 -28.84 15.84 4.90
N THR H 56 -29.70 16.21 3.96
CA THR H 56 -31.14 16.14 4.18
C THR H 56 -31.83 15.55 2.96
N SER H 57 -33.00 14.97 3.20
CA SER H 57 -33.85 14.45 2.15
C SER H 57 -35.29 14.84 2.44
N TYR H 58 -36.10 14.96 1.38
CA TYR H 58 -37.47 15.39 1.51
C TYR H 58 -38.36 14.56 0.61
N ALA H 59 -39.64 14.49 0.97
CA ALA H 59 -40.63 13.84 0.13
C ALA H 59 -41.06 14.76 -1.01
N ASP H 60 -41.65 14.16 -2.04
CA ASP H 60 -42.08 14.93 -3.21
C ASP H 60 -43.17 15.92 -2.84
N SER H 61 -44.11 15.51 -1.98
CA SER H 61 -45.21 16.39 -1.61
C SER H 61 -44.73 17.64 -0.89
N VAL H 62 -43.75 17.49 0.00
CA VAL H 62 -43.26 18.59 0.81
C VAL H 62 -41.98 19.18 0.24
N LYS H 63 -41.56 18.75 -0.96
CA LYS H 63 -40.35 19.28 -1.57
C LYS H 63 -40.53 20.75 -1.93
N ASP H 64 -39.46 21.52 -1.76
CA ASP H 64 -39.40 22.95 -2.06
C ASP H 64 -40.34 23.79 -1.20
N ARG H 65 -40.98 23.19 -0.20
CA ARG H 65 -41.85 23.92 0.72
C ARG H 65 -41.41 23.80 2.17
N PHE H 66 -40.95 22.62 2.58
CA PHE H 66 -40.49 22.39 3.95
C PHE H 66 -38.97 22.29 3.96
N THR H 67 -38.34 22.97 4.91
CA THR H 67 -36.90 22.94 5.08
C THR H 67 -36.56 22.41 6.47
N ILE H 68 -35.57 21.53 6.53
CA ILE H 68 -35.17 20.86 7.76
C ILE H 68 -33.71 21.20 8.05
N SER H 69 -33.44 21.67 9.26
CA SER H 69 -32.09 21.94 9.70
C SER H 69 -32.00 21.68 11.19
N ARG H 70 -30.77 21.45 11.67
CA ARG H 70 -30.54 21.11 13.06
C ARG H 70 -29.34 21.87 13.59
N ASP H 71 -29.30 22.05 14.90
CA ASP H 71 -28.17 22.64 15.60
C ASP H 71 -27.70 21.67 16.67
N ASN H 72 -26.43 21.28 16.62
CA ASN H 72 -25.90 20.32 17.56
C ASN H 72 -25.69 20.89 18.95
N ALA H 73 -25.62 22.22 19.08
CA ALA H 73 -25.45 22.84 20.38
C ALA H 73 -26.63 22.54 21.29
N LYS H 74 -27.85 22.66 20.76
CA LYS H 74 -29.06 22.38 21.52
C LYS H 74 -29.57 20.96 21.31
N ASN H 75 -28.91 20.17 20.45
CA ASN H 75 -29.39 18.83 20.10
C ASN H 75 -30.83 18.88 19.62
N THR H 76 -31.14 19.86 18.77
CA THR H 76 -32.50 20.14 18.33
C THR H 76 -32.58 20.04 16.82
N VAL H 77 -33.61 19.36 16.33
CA VAL H 77 -33.93 19.29 14.91
C VAL H 77 -35.26 19.99 14.71
N TYR H 78 -35.28 21.00 13.85
CA TYR H 78 -36.47 21.82 13.64
C TYR H 78 -36.90 21.74 12.18
N LEU H 79 -38.21 21.63 11.98
CA LEU H 79 -38.82 21.57 10.65
C LEU H 79 -39.54 22.88 10.40
N GLU H 80 -39.16 23.57 9.32
CA GLU H 80 -39.76 24.84 8.95
C GLU H 80 -40.79 24.58 7.85
N MET H 81 -42.06 24.75 8.18
CA MET H 81 -43.15 24.52 7.23
C MET H 81 -43.64 25.86 6.69
N ASN H 82 -43.45 26.07 5.39
CA ASN H 82 -43.85 27.29 4.72
C ASN H 82 -44.83 26.96 3.60
N ASN H 83 -45.65 27.95 3.25
CA ASN H 83 -46.72 27.78 2.26
C ASN H 83 -47.63 26.63 2.67
N LEU H 84 -48.13 26.70 3.90
CA LEU H 84 -48.97 25.64 4.43
C LEU H 84 -50.25 25.50 3.62
N LYS H 85 -50.68 24.26 3.42
CA LYS H 85 -51.81 23.90 2.58
C LYS H 85 -52.72 22.97 3.37
N PRO H 86 -54.02 22.91 3.03
CA PRO H 86 -54.94 22.06 3.79
C PRO H 86 -54.57 20.59 3.78
N GLU H 87 -53.74 20.14 2.82
CA GLU H 87 -53.25 18.77 2.85
C GLU H 87 -52.38 18.51 4.07
N ASP H 88 -51.77 19.56 4.62
CA ASP H 88 -50.88 19.43 5.77
C ASP H 88 -51.67 19.51 7.09
N THR H 89 -52.60 18.56 7.24
CA THR H 89 -53.42 18.44 8.45
C THR H 89 -53.21 17.04 9.01
N ALA H 90 -52.18 16.87 9.82
CA ALA H 90 -51.87 15.59 10.42
C ALA H 90 -50.98 15.81 11.63
N VAL H 91 -50.89 14.78 12.46
CA VAL H 91 -50.01 14.82 13.63
C VAL H 91 -48.58 14.59 13.18
N TYR H 92 -47.69 15.51 13.53
CA TYR H 92 -46.29 15.44 13.13
C TYR H 92 -45.46 14.80 14.23
N TYR H 93 -44.71 13.77 13.89
CA TYR H 93 -43.90 13.02 14.83
C TYR H 93 -42.42 13.24 14.55
N CYS H 94 -41.62 13.02 15.59
CA CYS H 94 -40.16 13.09 15.49
C CYS H 94 -39.59 11.72 15.82
N ALA H 95 -38.69 11.24 14.97
CA ALA H 95 -38.16 9.89 15.11
C ALA H 95 -36.65 9.89 14.90
N ALA H 96 -35.99 8.88 15.45
CA ALA H 96 -34.56 8.68 15.30
C ALA H 96 -34.30 7.28 14.75
N LYS H 97 -33.26 7.17 13.93
CA LYS H 97 -32.94 5.92 13.26
C LYS H 97 -31.51 5.51 13.56
N GLY H 98 -31.29 4.20 13.60
CA GLY H 98 -29.96 3.67 13.83
C GLY H 98 -29.08 3.82 12.61
N ARG H 99 -27.78 3.56 12.83
CA ARG H 99 -26.81 3.73 11.74
C ARG H 99 -27.03 2.73 10.62
N TYR H 100 -27.36 1.48 10.95
CA TYR H 100 -27.56 0.42 9.97
C TYR H 100 -29.00 -0.07 10.00
N SER H 101 -29.95 0.85 10.11
CA SER H 101 -31.36 0.50 10.23
C SER H 101 -32.11 0.56 8.91
N GLY H 102 -31.44 0.87 7.80
CA GLY H 102 -32.07 0.81 6.50
C GLY H 102 -32.53 2.15 5.95
N GLY H 103 -33.58 2.12 5.12
CA GLY H 103 -34.01 3.31 4.43
C GLY H 103 -34.69 4.31 5.35
N LEU H 104 -34.68 5.57 4.89
CA LEU H 104 -35.29 6.65 5.66
C LEU H 104 -36.81 6.65 5.58
N TYR H 105 -37.35 6.29 4.41
CA TYR H 105 -38.77 6.49 4.14
C TYR H 105 -39.67 5.54 4.92
N TYR H 106 -39.12 4.54 5.59
CA TYR H 106 -39.94 3.53 6.25
C TYR H 106 -39.96 3.79 7.75
N PRO H 107 -41.11 4.13 8.33
CA PRO H 107 -41.14 4.44 9.77
C PRO H 107 -40.75 3.28 10.67
N THR H 108 -41.00 2.04 10.24
CA THR H 108 -40.68 0.89 11.08
C THR H 108 -39.20 0.73 11.34
N ASN H 109 -38.34 1.36 10.54
CA ASN H 109 -36.90 1.30 10.76
C ASN H 109 -36.44 2.21 11.89
N TYR H 110 -37.31 3.08 12.39
CA TYR H 110 -36.95 4.00 13.46
C TYR H 110 -37.30 3.39 14.81
N ASP H 111 -36.43 3.62 15.79
CA ASP H 111 -36.58 2.98 17.11
C ASP H 111 -37.32 3.88 18.10
N TYR H 112 -36.91 5.13 18.22
CA TYR H 112 -37.46 6.05 19.19
C TYR H 112 -38.35 7.09 18.50
N TRP H 113 -39.51 7.33 19.07
CA TRP H 113 -40.49 8.25 18.51
C TRP H 113 -40.91 9.27 19.55
N GLY H 114 -41.37 10.43 19.06
CA GLY H 114 -41.92 11.45 19.94
C GLY H 114 -43.40 11.24 20.19
N GLN H 115 -43.91 12.01 21.15
CA GLN H 115 -45.33 11.92 21.49
C GLN H 115 -46.20 12.38 20.31
N GLY H 116 -45.81 13.47 19.66
CA GLY H 116 -46.55 13.99 18.54
C GLY H 116 -47.12 15.36 18.77
N THR H 117 -47.11 16.20 17.73
CA THR H 117 -47.70 17.53 17.78
C THR H 117 -48.78 17.64 16.72
N GLN H 118 -49.88 18.29 17.09
CA GLN H 118 -51.03 18.44 16.19
C GLN H 118 -50.93 19.76 15.46
N VAL H 119 -50.89 19.71 14.13
CA VAL H 119 -50.88 20.89 13.28
C VAL H 119 -52.08 20.81 12.36
N THR H 120 -52.95 21.82 12.44
CA THR H 120 -54.17 21.87 11.63
C THR H 120 -54.24 23.23 10.95
N VAL H 121 -54.56 23.22 9.66
CA VAL H 121 -54.67 24.45 8.89
C VAL H 121 -56.03 24.54 8.22
#